data_6KFL
# 
_entry.id   6KFL 
# 
_audit_conform.dict_name       mmcif_pdbx.dic 
_audit_conform.dict_version    5.380 
_audit_conform.dict_location   http://mmcif.pdb.org/dictionaries/ascii/mmcif_pdbx.dic 
# 
loop_
_database_2.database_id 
_database_2.database_code 
_database_2.pdbx_database_accession 
_database_2.pdbx_DOI 
PDB   6KFL         pdb_00006kfl 10.2210/pdb6kfl/pdb 
WWPDB D_1300012680 ?            ?                   
# 
_pdbx_database_status.status_code                     REL 
_pdbx_database_status.status_code_sf                  REL 
_pdbx_database_status.status_code_mr                  ? 
_pdbx_database_status.entry_id                        6KFL 
_pdbx_database_status.recvd_initial_deposition_date   2019-07-08 
_pdbx_database_status.SG_entry                        N 
_pdbx_database_status.deposit_site                    PDBJ 
_pdbx_database_status.process_site                    PDBJ 
_pdbx_database_status.status_code_cs                  ? 
_pdbx_database_status.methods_development_category    ? 
_pdbx_database_status.pdb_format_compatible           Y 
_pdbx_database_status.status_code_nmr_data            ? 
# 
loop_
_audit_author.name 
_audit_author.pdbx_ordinal 
_audit_author.identifier_ORCID 
'Zhang, Y.S.'     1 0000-0002-4948-6449 
'Parkinson, G.N.' 2 ?                   
'Wei, D.G.'       3 0000-0001-7776-7320 
# 
_citation.abstract                  ? 
_citation.abstract_id_CAS           ? 
_citation.book_id_ISBN              ? 
_citation.book_publisher            ? 
_citation.book_publisher_city       ? 
_citation.book_title                ? 
_citation.coordinate_linkage        ? 
_citation.country                   ? 
_citation.database_id_Medline       ? 
_citation.details                   ? 
_citation.id                        primary 
_citation.journal_abbrev            'To Be Published' 
_citation.journal_id_ASTM           ? 
_citation.journal_id_CSD            0353 
_citation.journal_id_ISSN           ? 
_citation.journal_full              ? 
_citation.journal_issue             ? 
_citation.journal_volume            ? 
_citation.language                  ? 
_citation.page_first                ? 
_citation.page_last                 ? 
_citation.title                     'Crystal structure of a two-quartet DNA G-quadruplex complexed with the porphyrin TMPyP4' 
_citation.year                      ? 
_citation.database_id_CSD           ? 
_citation.pdbx_database_id_DOI      ? 
_citation.pdbx_database_id_PubMed   ? 
_citation.unpublished_flag          ? 
# 
loop_
_citation_author.citation_id 
_citation_author.name 
_citation_author.ordinal 
_citation_author.identifier_ORCID 
primary 'Zhang, Y.S.'     1 0000-0002-4948-6449 
primary 'Parkinson, G.N.' 2 ?                   
primary 'Wei, D.G.'       3 0000-0001-7776-7320 
# 
_cell.angle_alpha                  90.000 
_cell.angle_alpha_esd              ? 
_cell.angle_beta                   113.150 
_cell.angle_beta_esd               ? 
_cell.angle_gamma                  90.000 
_cell.angle_gamma_esd              ? 
_cell.entry_id                     6KFL 
_cell.details                      ? 
_cell.formula_units_Z              ? 
_cell.length_a                     48.152 
_cell.length_a_esd                 ? 
_cell.length_b                     47.192 
_cell.length_b_esd                 ? 
_cell.length_c                     38.133 
_cell.length_c_esd                 ? 
_cell.volume                       ? 
_cell.volume_esd                   ? 
_cell.Z_PDB                        8 
_cell.reciprocal_angle_alpha       ? 
_cell.reciprocal_angle_beta        ? 
_cell.reciprocal_angle_gamma       ? 
_cell.reciprocal_angle_alpha_esd   ? 
_cell.reciprocal_angle_beta_esd    ? 
_cell.reciprocal_angle_gamma_esd   ? 
_cell.reciprocal_length_a          ? 
_cell.reciprocal_length_b          ? 
_cell.reciprocal_length_c          ? 
_cell.reciprocal_length_a_esd      ? 
_cell.reciprocal_length_b_esd      ? 
_cell.reciprocal_length_c_esd      ? 
_cell.pdbx_unique_axis             ? 
# 
_symmetry.entry_id                         6KFL 
_symmetry.cell_setting                     ? 
_symmetry.Int_Tables_number                5 
_symmetry.space_group_name_Hall            ? 
_symmetry.space_group_name_H-M             'C 1 2 1' 
_symmetry.pdbx_full_space_group_name_H-M   ? 
# 
loop_
_entity.id 
_entity.type 
_entity.src_method 
_entity.pdbx_description 
_entity.formula_weight 
_entity.pdbx_number_of_molecules 
_entity.pdbx_ec 
_entity.pdbx_mutation 
_entity.pdbx_fragment 
_entity.details 
1 polymer     man 
;DNA (5'-D(*GP*GP*CP*TP*CP*GP*GP*CP*GP*GP*CP*GP*GP*A)-3')
;
4362.816 2  ? ? ? ? 
2 non-polymer syn 'POTASSIUM ION'                                                                         39.098   4  ? ? ? ? 
3 non-polymer syn '(1Z,4Z,9Z,15Z)-5,10,15,20-tetrakis(1-methylpyridin-1-ium-4-yl)-21,23-dihydroporphyrin' 678.826  1  ? ? ? ? 
4 non-polymer syn 'COBALT HEXAMMINE(III)'                                                                 161.116  1  ? ? ? ? 
5 water       nat water                                                                                   18.015   54 ? ? ? ? 
# 
_entity_poly.entity_id                      1 
_entity_poly.type                           polydeoxyribonucleotide 
_entity_poly.nstd_linkage                   no 
_entity_poly.nstd_monomer                   no 
_entity_poly.pdbx_seq_one_letter_code       '(DG)(DG)(DC)(DT)(DC)(DG)(DG)(DC)(DG)(DG)(DC)(DG)(DG)(DA)' 
_entity_poly.pdbx_seq_one_letter_code_can   GGCTCGGCGGCGGA 
_entity_poly.pdbx_strand_id                 A,B 
_entity_poly.pdbx_target_identifier         ? 
# 
loop_
_entity_poly_seq.entity_id 
_entity_poly_seq.num 
_entity_poly_seq.mon_id 
_entity_poly_seq.hetero 
1 1  DG n 
1 2  DG n 
1 3  DC n 
1 4  DT n 
1 5  DC n 
1 6  DG n 
1 7  DG n 
1 8  DC n 
1 9  DG n 
1 10 DG n 
1 11 DC n 
1 12 DG n 
1 13 DG n 
1 14 DA n 
# 
_entity_src_gen.entity_id                          1 
_entity_src_gen.pdbx_src_id                        1 
_entity_src_gen.pdbx_alt_source_flag               sample 
_entity_src_gen.pdbx_seq_type                      'Biological sequence' 
_entity_src_gen.pdbx_beg_seq_num                   1 
_entity_src_gen.pdbx_end_seq_num                   14 
_entity_src_gen.gene_src_common_name               ? 
_entity_src_gen.gene_src_genus                     ? 
_entity_src_gen.pdbx_gene_src_gene                 ? 
_entity_src_gen.gene_src_species                   ? 
_entity_src_gen.gene_src_strain                    ? 
_entity_src_gen.gene_src_tissue                    ? 
_entity_src_gen.gene_src_tissue_fraction           ? 
_entity_src_gen.gene_src_details                   ? 
_entity_src_gen.pdbx_gene_src_fragment             ? 
_entity_src_gen.pdbx_gene_src_scientific_name      'Pseudorabies virus Ea' 
_entity_src_gen.pdbx_gene_src_ncbi_taxonomy_id     101947 
_entity_src_gen.pdbx_gene_src_variant              ? 
_entity_src_gen.pdbx_gene_src_cell_line            ? 
_entity_src_gen.pdbx_gene_src_atcc                 ? 
_entity_src_gen.pdbx_gene_src_organ                ? 
_entity_src_gen.pdbx_gene_src_organelle            ? 
_entity_src_gen.pdbx_gene_src_cell                 ? 
_entity_src_gen.pdbx_gene_src_cellular_location    ? 
_entity_src_gen.host_org_common_name               ? 
_entity_src_gen.pdbx_host_org_scientific_name      'Escherichia coli' 
_entity_src_gen.pdbx_host_org_ncbi_taxonomy_id     562 
_entity_src_gen.host_org_genus                     ? 
_entity_src_gen.pdbx_host_org_gene                 ? 
_entity_src_gen.pdbx_host_org_organ                ? 
_entity_src_gen.host_org_species                   ? 
_entity_src_gen.pdbx_host_org_tissue               ? 
_entity_src_gen.pdbx_host_org_tissue_fraction      ? 
_entity_src_gen.pdbx_host_org_strain               ? 
_entity_src_gen.pdbx_host_org_variant              ? 
_entity_src_gen.pdbx_host_org_cell_line            ? 
_entity_src_gen.pdbx_host_org_atcc                 ? 
_entity_src_gen.pdbx_host_org_culture_collection   ? 
_entity_src_gen.pdbx_host_org_cell                 ? 
_entity_src_gen.pdbx_host_org_organelle            ? 
_entity_src_gen.pdbx_host_org_cellular_location    ? 
_entity_src_gen.pdbx_host_org_vector_type          ? 
_entity_src_gen.pdbx_host_org_vector               ? 
_entity_src_gen.host_org_details                   ? 
_entity_src_gen.expression_system_id               ? 
_entity_src_gen.plasmid_name                       ? 
_entity_src_gen.plasmid_details                    ? 
_entity_src_gen.pdbx_description                   ? 
# 
_struct_ref.id                         1 
_struct_ref.db_name                    PDB 
_struct_ref.db_code                    6KFL 
_struct_ref.pdbx_db_accession          6KFL 
_struct_ref.pdbx_db_isoform            ? 
_struct_ref.entity_id                  1 
_struct_ref.pdbx_seq_one_letter_code   ? 
_struct_ref.pdbx_align_begin           1 
# 
loop_
_struct_ref_seq.align_id 
_struct_ref_seq.ref_id 
_struct_ref_seq.pdbx_PDB_id_code 
_struct_ref_seq.pdbx_strand_id 
_struct_ref_seq.seq_align_beg 
_struct_ref_seq.pdbx_seq_align_beg_ins_code 
_struct_ref_seq.seq_align_end 
_struct_ref_seq.pdbx_seq_align_end_ins_code 
_struct_ref_seq.pdbx_db_accession 
_struct_ref_seq.db_align_beg 
_struct_ref_seq.pdbx_db_align_beg_ins_code 
_struct_ref_seq.db_align_end 
_struct_ref_seq.pdbx_db_align_end_ins_code 
_struct_ref_seq.pdbx_auth_seq_align_beg 
_struct_ref_seq.pdbx_auth_seq_align_end 
1 1 6KFL A 1 ? 14 ? 6KFL 1 ? 14 ? 1 14 
2 1 6KFL B 1 ? 14 ? 6KFL 1 ? 14 ? 1 14 
# 
loop_
_chem_comp.id 
_chem_comp.type 
_chem_comp.mon_nstd_flag 
_chem_comp.name 
_chem_comp.pdbx_synonyms 
_chem_comp.formula 
_chem_comp.formula_weight 
DA  'DNA linking' y "2'-DEOXYADENOSINE-5'-MONOPHOSPHATE"                                                    ?      
'C10 H14 N5 O6 P' 331.222 
DC  'DNA linking' y "2'-DEOXYCYTIDINE-5'-MONOPHOSPHATE"                                                     ?      
'C9 H14 N3 O7 P'  307.197 
DG  'DNA linking' y "2'-DEOXYGUANOSINE-5'-MONOPHOSPHATE"                                                    ?      
'C10 H14 N5 O7 P' 347.221 
DT  'DNA linking' y "THYMIDINE-5'-MONOPHOSPHATE"                                                            ?      
'C10 H15 N2 O8 P' 322.208 
HOH non-polymer   . WATER                                                                                   ?      'H2 O' 18.015  
K   non-polymer   . 'POTASSIUM ION'                                                                         ?      'K 1' 39.098  
NCO non-polymer   . 'COBALT HEXAMMINE(III)'                                                                 ?      'Co H18 N6 3' 
161.116 
POH non-polymer   . '(1Z,4Z,9Z,15Z)-5,10,15,20-tetrakis(1-methylpyridin-1-ium-4-yl)-21,23-dihydroporphyrin' TMPyP4 'C44 H38 N8 4' 
678.826 
# 
_exptl.absorpt_coefficient_mu     ? 
_exptl.absorpt_correction_T_max   ? 
_exptl.absorpt_correction_T_min   ? 
_exptl.absorpt_correction_type    ? 
_exptl.absorpt_process_details    ? 
_exptl.entry_id                   6KFL 
_exptl.crystals_number            1 
_exptl.details                    ? 
_exptl.method                     'X-RAY DIFFRACTION' 
_exptl.method_details             ? 
# 
_exptl_crystal.colour                      ? 
_exptl_crystal.density_diffrn              ? 
_exptl_crystal.density_Matthews            2.28 
_exptl_crystal.density_method              ? 
_exptl_crystal.density_percent_sol         46.12 
_exptl_crystal.description                 ? 
_exptl_crystal.F_000                       ? 
_exptl_crystal.id                          1 
_exptl_crystal.preparation                 ? 
_exptl_crystal.size_max                    ? 
_exptl_crystal.size_mid                    ? 
_exptl_crystal.size_min                    ? 
_exptl_crystal.size_rad                    ? 
_exptl_crystal.colour_lustre               ? 
_exptl_crystal.colour_modifier             ? 
_exptl_crystal.colour_primary              ? 
_exptl_crystal.density_meas                ? 
_exptl_crystal.density_meas_esd            ? 
_exptl_crystal.density_meas_gt             ? 
_exptl_crystal.density_meas_lt             ? 
_exptl_crystal.density_meas_temp           ? 
_exptl_crystal.density_meas_temp_esd       ? 
_exptl_crystal.density_meas_temp_gt        ? 
_exptl_crystal.density_meas_temp_lt        ? 
_exptl_crystal.pdbx_crystal_image_url      ? 
_exptl_crystal.pdbx_crystal_image_format   ? 
_exptl_crystal.pdbx_mosaicity              ? 
_exptl_crystal.pdbx_mosaicity_esd          ? 
# 
_exptl_crystal_grow.apparatus       ? 
_exptl_crystal_grow.atmosphere      ? 
_exptl_crystal_grow.crystal_id      1 
_exptl_crystal_grow.details         ? 
_exptl_crystal_grow.method          'VAPOR DIFFUSION, HANGING DROP' 
_exptl_crystal_grow.method_ref      ? 
_exptl_crystal_grow.pH              6.5 
_exptl_crystal_grow.pressure        ? 
_exptl_crystal_grow.pressure_esd    ? 
_exptl_crystal_grow.seeding         ? 
_exptl_crystal_grow.seeding_ref     ? 
_exptl_crystal_grow.temp            283 
_exptl_crystal_grow.temp_details    ? 
_exptl_crystal_grow.temp_esd        ? 
_exptl_crystal_grow.time            ? 
_exptl_crystal_grow.pdbx_details    'KCaco,Nacaco,KCl,NaCl,hexammine cobalt(III) chloride,MPD' 
_exptl_crystal_grow.pdbx_pH_range   ? 
# 
_diffrn.ambient_environment              ? 
_diffrn.ambient_temp                     100 
_diffrn.ambient_temp_details             ? 
_diffrn.ambient_temp_esd                 ? 
_diffrn.crystal_id                       1 
_diffrn.crystal_support                  ? 
_diffrn.crystal_treatment                ? 
_diffrn.details                          ? 
_diffrn.id                               1 
_diffrn.ambient_pressure                 ? 
_diffrn.ambient_pressure_esd             ? 
_diffrn.ambient_pressure_gt              ? 
_diffrn.ambient_pressure_lt              ? 
_diffrn.ambient_temp_gt                  ? 
_diffrn.ambient_temp_lt                  ? 
_diffrn.pdbx_serial_crystal_experiment   N 
# 
_diffrn_detector.details                      ? 
_diffrn_detector.detector                     PIXEL 
_diffrn_detector.diffrn_id                    1 
_diffrn_detector.type                         'DECTRIS PILATUS 6M' 
_diffrn_detector.area_resol_mean              ? 
_diffrn_detector.dtime                        ? 
_diffrn_detector.pdbx_frames_total            ? 
_diffrn_detector.pdbx_collection_time_total   ? 
_diffrn_detector.pdbx_collection_date         2019-04-07 
_diffrn_detector.pdbx_frequency               ? 
# 
_diffrn_radiation.collimation                      ? 
_diffrn_radiation.diffrn_id                        1 
_diffrn_radiation.filter_edge                      ? 
_diffrn_radiation.inhomogeneity                    ? 
_diffrn_radiation.monochromator                    ? 
_diffrn_radiation.polarisn_norm                    ? 
_diffrn_radiation.polarisn_ratio                   ? 
_diffrn_radiation.probe                            ? 
_diffrn_radiation.type                             ? 
_diffrn_radiation.xray_symbol                      ? 
_diffrn_radiation.wavelength_id                    1 
_diffrn_radiation.pdbx_monochromatic_or_laue_m_l   M 
_diffrn_radiation.pdbx_wavelength_list             ? 
_diffrn_radiation.pdbx_wavelength                  ? 
_diffrn_radiation.pdbx_diffrn_protocol             'SINGLE WAVELENGTH' 
_diffrn_radiation.pdbx_analyzer                    ? 
_diffrn_radiation.pdbx_scattering_type             x-ray 
# 
_diffrn_radiation_wavelength.id           1 
_diffrn_radiation_wavelength.wavelength   1.03923 
_diffrn_radiation_wavelength.wt           1.0 
# 
_diffrn_source.current                     ? 
_diffrn_source.details                     ? 
_diffrn_source.diffrn_id                   1 
_diffrn_source.power                       ? 
_diffrn_source.size                        ? 
_diffrn_source.source                      SYNCHROTRON 
_diffrn_source.target                      ? 
_diffrn_source.type                        'SSRF BEAMLINE BL19U1' 
_diffrn_source.voltage                     ? 
_diffrn_source.take-off_angle              ? 
_diffrn_source.pdbx_wavelength_list        1.03923 
_diffrn_source.pdbx_wavelength             ? 
_diffrn_source.pdbx_synchrotron_beamline   BL19U1 
_diffrn_source.pdbx_synchrotron_site       SSRF 
# 
_reflns.B_iso_Wilson_estimate            ? 
_reflns.entry_id                         6KFL 
_reflns.data_reduction_details           ? 
_reflns.data_reduction_method            ? 
_reflns.d_resolution_high                1.92 
_reflns.d_resolution_low                 50 
_reflns.details                          ? 
_reflns.limit_h_max                      ? 
_reflns.limit_h_min                      ? 
_reflns.limit_k_max                      ? 
_reflns.limit_k_min                      ? 
_reflns.limit_l_max                      ? 
_reflns.limit_l_min                      ? 
_reflns.number_all                       ? 
_reflns.number_obs                       5961 
_reflns.observed_criterion               ? 
_reflns.observed_criterion_F_max         ? 
_reflns.observed_criterion_F_min         ? 
_reflns.observed_criterion_I_max         ? 
_reflns.observed_criterion_I_min         ? 
_reflns.observed_criterion_sigma_F       ? 
_reflns.observed_criterion_sigma_I       ? 
_reflns.percent_possible_obs             96.22 
_reflns.R_free_details                   ? 
_reflns.Rmerge_F_all                     ? 
_reflns.Rmerge_F_obs                     ? 
_reflns.Friedel_coverage                 ? 
_reflns.number_gt                        ? 
_reflns.threshold_expression             ? 
_reflns.pdbx_redundancy                  6.1 
_reflns.pdbx_Rmerge_I_obs                0.046 
_reflns.pdbx_Rmerge_I_all                ? 
_reflns.pdbx_Rsym_value                  ? 
_reflns.pdbx_netI_over_av_sigmaI         ? 
_reflns.pdbx_netI_over_sigmaI            23.81 
_reflns.pdbx_res_netI_over_av_sigmaI_2   ? 
_reflns.pdbx_res_netI_over_sigmaI_2      ? 
_reflns.pdbx_chi_squared                 ? 
_reflns.pdbx_scaling_rejects             ? 
_reflns.pdbx_d_res_high_opt              ? 
_reflns.pdbx_d_res_low_opt               ? 
_reflns.pdbx_d_res_opt_method            ? 
_reflns.phase_calculation_details        ? 
_reflns.pdbx_Rrim_I_all                  ? 
_reflns.pdbx_Rpim_I_all                  ? 
_reflns.pdbx_d_opt                       ? 
_reflns.pdbx_number_measured_all         ? 
_reflns.pdbx_diffrn_id                   1 
_reflns.pdbx_ordinal                     1 
_reflns.pdbx_CC_half                     ? 
_reflns.pdbx_R_split                     ? 
# 
_reflns_shell.d_res_high                  1.92 
_reflns_shell.d_res_low                   1.989 
_reflns_shell.meanI_over_sigI_all         ? 
_reflns_shell.meanI_over_sigI_obs         ? 
_reflns_shell.number_measured_all         ? 
_reflns_shell.number_measured_obs         ? 
_reflns_shell.number_possible             ? 
_reflns_shell.number_unique_all           ? 
_reflns_shell.number_unique_obs           487 
_reflns_shell.percent_possible_all        ? 
_reflns_shell.percent_possible_obs        ? 
_reflns_shell.Rmerge_F_all                ? 
_reflns_shell.Rmerge_F_obs                ? 
_reflns_shell.Rmerge_I_all                ? 
_reflns_shell.Rmerge_I_obs                0.354 
_reflns_shell.meanI_over_sigI_gt          ? 
_reflns_shell.meanI_over_uI_all           ? 
_reflns_shell.meanI_over_uI_gt            ? 
_reflns_shell.number_measured_gt          ? 
_reflns_shell.number_unique_gt            ? 
_reflns_shell.percent_possible_gt         ? 
_reflns_shell.Rmerge_F_gt                 ? 
_reflns_shell.Rmerge_I_gt                 ? 
_reflns_shell.pdbx_redundancy             4.9 
_reflns_shell.pdbx_Rsym_value             ? 
_reflns_shell.pdbx_chi_squared            ? 
_reflns_shell.pdbx_netI_over_sigmaI_all   ? 
_reflns_shell.pdbx_netI_over_sigmaI_obs   ? 
_reflns_shell.pdbx_Rrim_I_all             ? 
_reflns_shell.pdbx_Rpim_I_all             ? 
_reflns_shell.pdbx_rejects                ? 
_reflns_shell.pdbx_ordinal                1 
_reflns_shell.pdbx_diffrn_id              1 
_reflns_shell.pdbx_CC_half                ? 
_reflns_shell.pdbx_R_split                ? 
# 
_refine.aniso_B[1][1]                            ? 
_refine.aniso_B[1][2]                            ? 
_refine.aniso_B[1][3]                            ? 
_refine.aniso_B[2][2]                            ? 
_refine.aniso_B[2][3]                            ? 
_refine.aniso_B[3][3]                            ? 
_refine.B_iso_max                                92.960 
_refine.B_iso_mean                               34.7276 
_refine.B_iso_min                                7.380 
_refine.correlation_coeff_Fo_to_Fc               ? 
_refine.correlation_coeff_Fo_to_Fc_free          ? 
_refine.details                                  ? 
_refine.diff_density_max                         ? 
_refine.diff_density_max_esd                     ? 
_refine.diff_density_min                         ? 
_refine.diff_density_min_esd                     ? 
_refine.diff_density_rms                         ? 
_refine.diff_density_rms_esd                     ? 
_refine.entry_id                                 6KFL 
_refine.pdbx_refine_id                           'X-RAY DIFFRACTION' 
_refine.ls_abs_structure_details                 ? 
_refine.ls_abs_structure_Flack                   ? 
_refine.ls_abs_structure_Flack_esd               ? 
_refine.ls_abs_structure_Rogers                  ? 
_refine.ls_abs_structure_Rogers_esd              ? 
_refine.ls_d_res_high                            1.9200 
_refine.ls_d_res_low                             35.0630 
_refine.ls_extinction_coef                       ? 
_refine.ls_extinction_coef_esd                   ? 
_refine.ls_extinction_expression                 ? 
_refine.ls_extinction_method                     ? 
_refine.ls_goodness_of_fit_all                   ? 
_refine.ls_goodness_of_fit_all_esd               ? 
_refine.ls_goodness_of_fit_obs                   ? 
_refine.ls_goodness_of_fit_obs_esd               ? 
_refine.ls_hydrogen_treatment                    ? 
_refine.ls_matrix_type                           ? 
_refine.ls_number_constraints                    ? 
_refine.ls_number_parameters                     ? 
_refine.ls_number_reflns_all                     ? 
_refine.ls_number_reflns_obs                     5854 
_refine.ls_number_reflns_R_free                  331 
_refine.ls_number_reflns_R_work                  ? 
_refine.ls_number_restraints                     ? 
_refine.ls_percent_reflns_obs                    96.2400 
_refine.ls_percent_reflns_R_free                 5.6500 
_refine.ls_R_factor_all                          ? 
_refine.ls_R_factor_obs                          0.2207 
_refine.ls_R_factor_R_free                       0.2617 
_refine.ls_R_factor_R_free_error                 ? 
_refine.ls_R_factor_R_free_error_details         ? 
_refine.ls_R_factor_R_work                       0.2181 
_refine.ls_R_Fsqd_factor_obs                     ? 
_refine.ls_R_I_factor_obs                        ? 
_refine.ls_redundancy_reflns_all                 ? 
_refine.ls_redundancy_reflns_obs                 ? 
_refine.ls_restrained_S_all                      ? 
_refine.ls_restrained_S_obs                      ? 
_refine.ls_shift_over_esd_max                    ? 
_refine.ls_shift_over_esd_mean                   ? 
_refine.ls_structure_factor_coef                 ? 
_refine.ls_weighting_details                     ? 
_refine.ls_weighting_scheme                      ? 
_refine.ls_wR_factor_all                         ? 
_refine.ls_wR_factor_obs                         ? 
_refine.ls_wR_factor_R_free                      ? 
_refine.ls_wR_factor_R_work                      ? 
_refine.occupancy_max                            ? 
_refine.occupancy_min                            ? 
_refine.solvent_model_details                    ? 
_refine.solvent_model_param_bsol                 ? 
_refine.solvent_model_param_ksol                 ? 
_refine.ls_R_factor_gt                           ? 
_refine.ls_goodness_of_fit_gt                    ? 
_refine.ls_goodness_of_fit_ref                   ? 
_refine.ls_shift_over_su_max                     ? 
_refine.ls_shift_over_su_max_lt                  ? 
_refine.ls_shift_over_su_mean                    ? 
_refine.ls_shift_over_su_mean_lt                 ? 
_refine.pdbx_ls_sigma_I                          ? 
_refine.pdbx_ls_sigma_F                          1.360 
_refine.pdbx_ls_sigma_Fsqd                       ? 
_refine.pdbx_data_cutoff_high_absF               ? 
_refine.pdbx_data_cutoff_high_rms_absF           ? 
_refine.pdbx_data_cutoff_low_absF                ? 
_refine.pdbx_isotropic_thermal_model             ? 
_refine.pdbx_ls_cross_valid_method               THROUGHOUT 
_refine.pdbx_method_to_determine_struct          'MOLECULAR REPLACEMENT' 
_refine.pdbx_starting_model                      6JJF 
_refine.pdbx_stereochemistry_target_values       ? 
_refine.pdbx_R_Free_selection_details            ? 
_refine.pdbx_stereochem_target_val_spec_case     ? 
_refine.pdbx_overall_ESU_R                       ? 
_refine.pdbx_overall_ESU_R_Free                  ? 
_refine.pdbx_solvent_vdw_probe_radii             1.1100 
_refine.pdbx_solvent_ion_probe_radii             ? 
_refine.pdbx_solvent_shrinkage_radii             0.9000 
_refine.pdbx_real_space_R                        ? 
_refine.pdbx_density_correlation                 ? 
_refine.pdbx_pd_number_of_powder_patterns        ? 
_refine.pdbx_pd_number_of_points                 ? 
_refine.pdbx_pd_meas_number_of_points            ? 
_refine.pdbx_pd_proc_ls_prof_R_factor            ? 
_refine.pdbx_pd_proc_ls_prof_wR_factor           ? 
_refine.pdbx_pd_Marquardt_correlation_coeff      ? 
_refine.pdbx_pd_Fsqrd_R_factor                   ? 
_refine.pdbx_pd_ls_matrix_band_width             ? 
_refine.pdbx_overall_phase_error                 31.0600 
_refine.pdbx_overall_SU_R_free_Cruickshank_DPI   ? 
_refine.pdbx_overall_SU_R_free_Blow_DPI          ? 
_refine.pdbx_overall_SU_R_Blow_DPI               ? 
_refine.pdbx_TLS_residual_ADP_flag               ? 
_refine.pdbx_diffrn_id                           1 
_refine.overall_SU_B                             ? 
_refine.overall_SU_ML                            0.2100 
_refine.overall_SU_R_Cruickshank_DPI             ? 
_refine.overall_SU_R_free                        ? 
_refine.overall_FOM_free_R_set                   ? 
_refine.overall_FOM_work_R_set                   ? 
_refine.pdbx_average_fsc_overall                 ? 
_refine.pdbx_average_fsc_work                    ? 
_refine.pdbx_average_fsc_free                    ? 
# 
_refine_hist.pdbx_refine_id                   'X-RAY DIFFRACTION' 
_refine_hist.cycle_id                         final 
_refine_hist.details                          ? 
_refine_hist.d_res_high                       1.9200 
_refine_hist.d_res_low                        35.0630 
_refine_hist.number_atoms_solvent             54 
_refine_hist.number_atoms_total               697 
_refine_hist.number_reflns_all                ? 
_refine_hist.number_reflns_obs                ? 
_refine_hist.number_reflns_R_free             ? 
_refine_hist.number_reflns_R_work             ? 
_refine_hist.R_factor_all                     ? 
_refine_hist.R_factor_obs                     ? 
_refine_hist.R_factor_R_free                  ? 
_refine_hist.R_factor_R_work                  ? 
_refine_hist.pdbx_number_residues_total       28 
_refine_hist.pdbx_B_iso_mean_ligand           55.04 
_refine_hist.pdbx_B_iso_mean_solvent          34.27 
_refine_hist.pdbx_number_atoms_protein        0 
_refine_hist.pdbx_number_atoms_nucleic_acid   580 
_refine_hist.pdbx_number_atoms_ligand         63 
_refine_hist.pdbx_number_atoms_lipid          ? 
_refine_hist.pdbx_number_atoms_carb           ? 
_refine_hist.pdbx_pseudo_atom_details         ? 
# 
loop_
_refine_ls_shell.pdbx_refine_id 
_refine_ls_shell.d_res_high 
_refine_ls_shell.d_res_low 
_refine_ls_shell.number_reflns_all 
_refine_ls_shell.number_reflns_obs 
_refine_ls_shell.number_reflns_R_free 
_refine_ls_shell.number_reflns_R_work 
_refine_ls_shell.percent_reflns_obs 
_refine_ls_shell.percent_reflns_R_free 
_refine_ls_shell.R_factor_all 
_refine_ls_shell.R_factor_obs 
_refine_ls_shell.R_factor_R_free 
_refine_ls_shell.R_factor_R_free_error 
_refine_ls_shell.R_factor_R_work 
_refine_ls_shell.redundancy_reflns_all 
_refine_ls_shell.redundancy_reflns_obs 
_refine_ls_shell.wR_factor_all 
_refine_ls_shell.wR_factor_obs 
_refine_ls_shell.wR_factor_R_free 
_refine_ls_shell.wR_factor_R_work 
_refine_ls_shell.pdbx_total_number_of_bins_used 
_refine_ls_shell.pdbx_phase_error 
_refine_ls_shell.pdbx_fsc_work 
_refine_ls_shell.pdbx_fsc_free 
'X-RAY DIFFRACTION' 1.9197 2.4186  2848 . 163 2685 94.0000 . . . 0.3024 0.0000 0.2230 . . . . . . 2 . . . 
'X-RAY DIFFRACTION' 2.4186 35.0691 3006 . 168 2838 99.0000 . . . 0.2468 0.0000 0.2161 . . . . . . 2 . . . 
# 
_struct.entry_id                     6KFL 
_struct.title                        'Crystal structure of a two-quartet DNA G-quadruplex complexed with the porphyrin TMPyP4' 
_struct.pdbx_model_details           ? 
_struct.pdbx_formula_weight          ? 
_struct.pdbx_formula_weight_method   ? 
_struct.pdbx_model_type_details      ? 
_struct.pdbx_CASP_flag               N 
# 
_struct_keywords.entry_id        6KFL 
_struct_keywords.text            'G-quadruplex, two-quartet, complex, DNA' 
_struct_keywords.pdbx_keywords   DNA 
# 
loop_
_struct_asym.id 
_struct_asym.pdbx_blank_PDB_chainid_flag 
_struct_asym.pdbx_modified 
_struct_asym.entity_id 
_struct_asym.details 
A N N 1 ? 
B N N 1 ? 
C N N 2 ? 
D N N 2 ? 
E N N 2 ? 
F N N 2 ? 
G N N 3 ? 
H N N 4 ? 
I N N 5 ? 
J N N 5 ? 
# 
loop_
_struct_conn.id 
_struct_conn.conn_type_id 
_struct_conn.pdbx_leaving_atom_flag 
_struct_conn.pdbx_PDB_id 
_struct_conn.ptnr1_label_asym_id 
_struct_conn.ptnr1_label_comp_id 
_struct_conn.ptnr1_label_seq_id 
_struct_conn.ptnr1_label_atom_id 
_struct_conn.pdbx_ptnr1_label_alt_id 
_struct_conn.pdbx_ptnr1_PDB_ins_code 
_struct_conn.pdbx_ptnr1_standard_comp_id 
_struct_conn.ptnr1_symmetry 
_struct_conn.ptnr2_label_asym_id 
_struct_conn.ptnr2_label_comp_id 
_struct_conn.ptnr2_label_seq_id 
_struct_conn.ptnr2_label_atom_id 
_struct_conn.pdbx_ptnr2_label_alt_id 
_struct_conn.pdbx_ptnr2_PDB_ins_code 
_struct_conn.ptnr1_auth_asym_id 
_struct_conn.ptnr1_auth_comp_id 
_struct_conn.ptnr1_auth_seq_id 
_struct_conn.ptnr2_auth_asym_id 
_struct_conn.ptnr2_auth_comp_id 
_struct_conn.ptnr2_auth_seq_id 
_struct_conn.ptnr2_symmetry 
_struct_conn.pdbx_ptnr3_label_atom_id 
_struct_conn.pdbx_ptnr3_label_seq_id 
_struct_conn.pdbx_ptnr3_label_comp_id 
_struct_conn.pdbx_ptnr3_label_asym_id 
_struct_conn.pdbx_ptnr3_label_alt_id 
_struct_conn.pdbx_ptnr3_PDB_ins_code 
_struct_conn.details 
_struct_conn.pdbx_dist_value 
_struct_conn.pdbx_value_order 
_struct_conn.pdbx_role 
metalc1  metalc ? ? A DG 1  O6 ? ? ? 1_555 C K  .  K  ? ? A DG 1   A K  101 1_555 ? ? ? ? ? ? ?               2.967 ? ? 
metalc2  metalc ? ? A DG 1  O6 ? ? ? 1_555 D K  .  K  ? ? A DG 1   A K  102 1_555 ? ? ? ? ? ? ?               2.808 ? ? 
metalc3  metalc ? ? A DG 2  O6 ? ? ? 1_555 C K  .  K  ? ? A DG 2   A K  101 1_555 ? ? ? ? ? ? ?               2.790 ? ? 
metalc4  metalc ? ? A DG 6  O6 ? ? ? 1_555 C K  .  K  ? ? A DG 6   A K  101 1_555 ? ? ? ? ? ? ?               2.614 ? ? 
metalc5  metalc ? ? A DG 7  O6 ? ? ? 1_555 C K  .  K  ? ? A DG 7   A K  101 1_555 ? ? ? ? ? ? ?               2.877 ? ? 
metalc6  metalc ? ? A DG 7  O6 ? ? ? 1_555 D K  .  K  ? ? A DG 7   A K  102 1_555 ? ? ? ? ? ? ?               2.825 ? ? 
metalc7  metalc ? ? A DG 9  O6 ? ? ? 1_555 D K  .  K  ? ? A DG 9   A K  102 1_555 ? ? ? ? ? ? ?               2.743 ? ? 
metalc8  metalc ? ? A DG 9  O6 ? ? ? 1_555 E K  .  K  ? ? A DG 9   A K  103 1_555 ? ? ? ? ? ? ?               2.920 ? ? 
metalc9  metalc ? ? A DG 10 O6 ? ? ? 1_555 E K  .  K  ? ? A DG 10  A K  103 1_555 ? ? ? ? ? ? ?               2.791 ? ? 
metalc10 metalc ? ? A DG 10 O6 ? ? ? 1_555 F K  .  K  ? ? A DG 10  A K  104 1_555 ? ? ? ? ? ? ?               2.871 ? ? 
metalc11 metalc ? ? A DG 12 O6 ? ? ? 1_555 D K  .  K  ? ? A DG 12  A K  102 1_555 ? ? ? ? ? ? ?               2.761 ? ? 
metalc12 metalc ? ? A DG 12 O6 ? ? ? 1_555 E K  .  K  ? ? A DG 12  A K  103 1_555 ? ? ? ? ? ? ?               2.774 ? ? 
metalc13 metalc ? ? A DG 13 O6 ? ? ? 1_555 E K  .  K  ? ? A DG 13  A K  103 1_555 ? ? ? ? ? ? ?               2.807 ? ? 
metalc14 metalc ? ? A DG 13 O6 ? ? ? 1_555 F K  .  K  ? ? A DG 13  A K  104 1_555 ? ? ? ? ? ? ?               2.910 ? ? 
metalc15 metalc ? ? C K  .  K  ? ? ? 1_555 B DG 1  O6 ? ? A K  101 B DG 1   1_555 ? ? ? ? ? ? ?               2.879 ? ? 
metalc16 metalc ? ? C K  .  K  ? ? ? 1_555 B DG 2  O6 ? ? A K  101 B DG 2   1_555 ? ? ? ? ? ? ?               2.772 ? ? 
metalc17 metalc ? ? C K  .  K  ? ? ? 1_555 B DG 6  O6 ? ? A K  101 B DG 6   1_555 ? ? ? ? ? ? ?               2.646 ? ? 
metalc18 metalc ? ? C K  .  K  ? ? ? 1_555 B DG 7  O6 ? ? A K  101 B DG 7   1_555 ? ? ? ? ? ? ?               2.678 ? ? 
metalc19 metalc ? ? D K  .  K  ? ? ? 1_555 B DG 1  O6 ? ? A K  102 B DG 1   1_555 ? ? ? ? ? ? ?               2.898 ? ? 
metalc20 metalc ? ? D K  .  K  ? ? ? 1_555 B DG 7  O6 ? ? A K  102 B DG 7   1_555 ? ? ? ? ? ? ?               2.829 ? ? 
metalc21 metalc ? ? D K  .  K  ? ? ? 1_555 B DG 9  O6 ? ? A K  102 B DG 9   1_555 ? ? ? ? ? ? ?               2.821 ? ? 
metalc22 metalc ? ? D K  .  K  ? ? ? 1_555 B DG 12 O6 ? ? A K  102 B DG 12  1_555 ? ? ? ? ? ? ?               2.735 ? ? 
metalc23 metalc ? ? E K  .  K  ? ? ? 1_555 B DG 9  O6 ? ? A K  103 B DG 9   1_555 ? ? ? ? ? ? ?               2.881 ? ? 
metalc24 metalc ? ? E K  .  K  ? ? ? 1_555 B DG 10 O6 ? ? A K  103 B DG 10  1_555 ? ? ? ? ? ? ?               2.869 ? ? 
metalc25 metalc ? ? E K  .  K  ? ? ? 1_555 B DG 12 O6 ? ? A K  103 B DG 12  1_555 ? ? ? ? ? ? ?               2.742 ? ? 
metalc26 metalc ? ? E K  .  K  ? ? ? 1_555 B DG 13 O6 ? ? A K  103 B DG 13  1_555 ? ? ? ? ? ? ?               2.741 ? ? 
metalc27 metalc ? ? F K  .  K  ? ? ? 1_555 B DG 10 O6 ? ? A K  104 B DG 10  1_555 ? ? ? ? ? ? ?               2.966 ? ? 
metalc28 metalc ? ? F K  .  K  ? ? ? 1_555 B DG 13 O6 ? ? A K  104 B DG 13  1_555 ? ? ? ? ? ? ?               2.820 ? ? 
hydrog1  hydrog ? ? A DG 1  N7 ? ? ? 1_555 A DG 7  N2 ? ? A DG 1   A DG 7   1_555 ? ? ? ? ? ? TYPE_6_PAIR     ?     ? ? 
hydrog2  hydrog ? ? A DG 1  O6 ? ? ? 1_555 A DG 7  N1 ? ? A DG 1   A DG 7   1_555 ? ? ? ? ? ? TYPE_6_PAIR     ?     ? ? 
hydrog3  hydrog ? ? A DG 1  N1 ? ? ? 1_555 B DG 7  O6 ? ? A DG 1   B DG 7   1_555 ? ? ? ? ? ? TYPE_6_PAIR     ?     ? ? 
hydrog4  hydrog ? ? A DG 1  N2 ? ? ? 1_555 B DG 7  N7 ? ? A DG 1   B DG 7   1_555 ? ? ? ? ? ? TYPE_6_PAIR     ?     ? ? 
hydrog5  hydrog ? ? A DG 2  N1 ? ? ? 1_555 A DG 6  O6 ? ? A DG 2   A DG 6   1_555 ? ? ? ? ? ? TYPE_6_PAIR     ?     ? ? 
hydrog6  hydrog ? ? A DG 2  N2 ? ? ? 1_555 A DG 6  N7 ? ? A DG 2   A DG 6   1_555 ? ? ? ? ? ? TYPE_6_PAIR     ?     ? ? 
hydrog7  hydrog ? ? A DG 2  N7 ? ? ? 1_555 B DG 6  N2 ? ? A DG 2   B DG 6   1_555 ? ? ? ? ? ? TYPE_6_PAIR     ?     ? ? 
hydrog8  hydrog ? ? A DG 2  O6 ? ? ? 1_555 B DG 6  N1 ? ? A DG 2   B DG 6   1_555 ? ? ? ? ? ? TYPE_6_PAIR     ?     ? ? 
hydrog9  hydrog ? ? A DC 3  N4 ? ? ? 1_555 A DC 8  O2 ? ? A DC 3   A DC 8   1_555 ? ? ? ? ? ? TYPE_15_PAIR    ?     ? ? 
hydrog10 hydrog ? ? A DC 3  O2 ? ? ? 1_555 A DC 8  N4 ? ? A DC 3   A DC 8   1_555 ? ? ? ? ? ? TYPE_15_PAIR    ?     ? ? 
hydrog11 hydrog ? ? A DT 4  O2 ? ? ? 1_555 B DG 6  N2 ? ? A DT 4   B DG 6   1_555 ? ? ? ? ? ? 'DT-DG MISPAIR' ?     ? ? 
hydrog12 hydrog ? ? A DC 5  N4 ? ? ? 1_555 B DC 5  O2 ? ? A DC 5   B DC 5   1_555 ? ? ? ? ? ? TYPE_15_PAIR    ?     ? ? 
hydrog13 hydrog ? ? A DC 5  O2 ? ? ? 1_555 B DC 5  N4 ? ? A DC 5   B DC 5   1_555 ? ? ? ? ? ? TYPE_15_PAIR    ?     ? ? 
hydrog14 hydrog ? ? A DG 6  N1 ? ? ? 1_555 B DG 2  O6 ? ? A DG 6   B DG 2   1_555 ? ? ? ? ? ? TYPE_6_PAIR     ?     ? ? 
hydrog15 hydrog ? ? A DG 6  N2 ? ? ? 1_555 B DG 2  N7 ? ? A DG 6   B DG 2   1_555 ? ? ? ? ? ? TYPE_6_PAIR     ?     ? ? 
hydrog16 hydrog ? ? A DG 7  N7 ? ? ? 1_555 B DG 1  N2 ? ? A DG 7   B DG 1   1_555 ? ? ? ? ? ? TYPE_6_PAIR     ?     ? ? 
hydrog17 hydrog ? ? A DG 7  O6 ? ? ? 1_555 B DG 1  N1 ? ? A DG 7   B DG 1   1_555 ? ? ? ? ? ? TYPE_6_PAIR     ?     ? ? 
hydrog18 hydrog ? ? A DG 9  N1 ? ? ? 1_555 A DG 12 O6 ? ? A DG 9   A DG 12  1_555 ? ? ? ? ? ? TYPE_6_PAIR     ?     ? ? 
hydrog19 hydrog ? ? A DG 9  N2 ? ? ? 1_555 A DG 12 N7 ? ? A DG 9   A DG 12  1_555 ? ? ? ? ? ? TYPE_6_PAIR     ?     ? ? 
hydrog20 hydrog ? ? A DG 9  N7 ? ? ? 1_555 B DG 12 N2 ? ? A DG 9   B DG 12  1_555 ? ? ? ? ? ? TYPE_6_PAIR     ?     ? ? 
hydrog21 hydrog ? ? A DG 9  O6 ? ? ? 1_555 B DG 12 N1 ? ? A DG 9   B DG 12  1_555 ? ? ? ? ? ? TYPE_6_PAIR     ?     ? ? 
hydrog22 hydrog ? ? A DG 10 N1 ? ? ? 1_555 A DG 13 O6 ? ? A DG 10  A DG 13  1_555 ? ? ? ? ? ? TYPE_6_PAIR     ?     ? ? 
hydrog23 hydrog ? ? A DG 10 N2 ? ? ? 1_555 A DG 13 N7 ? ? A DG 10  A DG 13  1_555 ? ? ? ? ? ? TYPE_6_PAIR     ?     ? ? 
hydrog24 hydrog ? ? A DG 10 N7 ? ? ? 1_555 B DG 13 N2 ? ? A DG 10  B DG 13  1_555 ? ? ? ? ? ? TYPE_6_PAIR     ?     ? ? 
hydrog25 hydrog ? ? A DG 10 O6 ? ? ? 1_555 B DG 13 N1 ? ? A DG 10  B DG 13  1_555 ? ? ? ? ? ? TYPE_6_PAIR     ?     ? ? 
hydrog26 hydrog ? ? A DG 12 N1 ? ? ? 1_555 B DG 9  O6 ? ? A DG 12  B DG 9   1_555 ? ? ? ? ? ? TYPE_6_PAIR     ?     ? ? 
hydrog27 hydrog ? ? A DG 12 N2 ? ? ? 1_555 B DG 9  N7 ? ? A DG 12  B DG 9   1_555 ? ? ? ? ? ? TYPE_6_PAIR     ?     ? ? 
hydrog28 hydrog ? ? A DG 13 N1 ? ? ? 1_555 B DG 10 O6 ? ? A DG 13  B DG 10  1_555 ? ? ? ? ? ? TYPE_6_PAIR     ?     ? ? 
hydrog29 hydrog ? ? A DG 13 N2 ? ? ? 1_555 B DG 10 N7 ? ? A DG 13  B DG 10  1_555 ? ? ? ? ? ? TYPE_6_PAIR     ?     ? ? 
hydrog30 hydrog ? ? B DG 1  N7 ? ? ? 1_555 B DG 7  N2 ? ? B DG 1   B DG 7   1_555 ? ? ? ? ? ? TYPE_6_PAIR     ?     ? ? 
hydrog31 hydrog ? ? B DG 1  O6 ? ? ? 1_555 B DG 7  N1 ? ? B DG 1   B DG 7   1_555 ? ? ? ? ? ? TYPE_6_PAIR     ?     ? ? 
hydrog32 hydrog ? ? B DG 2  N1 ? ? ? 1_555 B DG 6  O6 ? ? B DG 2   B DG 6   1_555 ? ? ? ? ? ? TYPE_6_PAIR     ?     ? ? 
hydrog33 hydrog ? ? B DG 2  N2 ? ? ? 1_555 B DG 6  N7 ? ? B DG 2   B DG 6   1_555 ? ? ? ? ? ? TYPE_6_PAIR     ?     ? ? 
hydrog34 hydrog ? ? B DG 9  N1 ? ? ? 1_555 B DG 12 O6 ? ? B DG 9   B DG 12  1_555 ? ? ? ? ? ? TYPE_6_PAIR     ?     ? ? 
hydrog35 hydrog ? ? B DG 9  N2 ? ? ? 1_555 B DG 12 N7 ? ? B DG 9   B DG 12  1_555 ? ? ? ? ? ? TYPE_6_PAIR     ?     ? ? 
hydrog36 hydrog ? ? B DG 10 N1 ? ? ? 1_555 B DG 13 O6 ? ? B DG 10  B DG 13  1_555 ? ? ? ? ? ? TYPE_6_PAIR     ?     ? ? 
hydrog37 hydrog ? ? B DG 10 N2 ? ? ? 1_555 B DG 13 N7 ? ? B DG 10  B DG 13  1_555 ? ? ? ? ? ? TYPE_6_PAIR     ?     ? ? 
# 
loop_
_struct_conn_type.id 
_struct_conn_type.criteria 
_struct_conn_type.reference 
metalc ? ? 
hydrog ? ? 
# 
loop_
_struct_site.id 
_struct_site.pdbx_evidence_code 
_struct_site.pdbx_auth_asym_id 
_struct_site.pdbx_auth_comp_id 
_struct_site.pdbx_auth_seq_id 
_struct_site.pdbx_auth_ins_code 
_struct_site.pdbx_num_residues 
_struct_site.details 
AC1 Software A K   101 ? 9  'binding site for residue K A 101'   
AC2 Software A K   102 ? 10 'binding site for residue K A 102'   
AC3 Software A K   103 ? 10 'binding site for residue K A 103'   
AC4 Software A K   104 ? 9  'binding site for residue K A 104'   
AC5 Software A POH 105 ? 6  'binding site for residue POH A 105' 
AC6 Software A NCO 106 ? 5  'binding site for residue NCO A 106' 
# 
loop_
_struct_site_gen.id 
_struct_site_gen.site_id 
_struct_site_gen.pdbx_num_res 
_struct_site_gen.label_comp_id 
_struct_site_gen.label_asym_id 
_struct_site_gen.label_seq_id 
_struct_site_gen.pdbx_auth_ins_code 
_struct_site_gen.auth_comp_id 
_struct_site_gen.auth_asym_id 
_struct_site_gen.auth_seq_id 
_struct_site_gen.label_atom_id 
_struct_site_gen.label_alt_id 
_struct_site_gen.symmetry 
_struct_site_gen.details 
1  AC1 9  DG  A 1  ? DG  A 1   . ? 1_555 ? 
2  AC1 9  DG  A 2  ? DG  A 2   . ? 1_555 ? 
3  AC1 9  DG  A 6  ? DG  A 6   . ? 1_555 ? 
4  AC1 9  DG  A 7  ? DG  A 7   . ? 1_555 ? 
5  AC1 9  K   D .  ? K   A 102 . ? 1_555 ? 
6  AC1 9  DG  B 1  ? DG  B 1   . ? 1_555 ? 
7  AC1 9  DG  B 2  ? DG  B 2   . ? 1_555 ? 
8  AC1 9  DG  B 6  ? DG  B 6   . ? 1_555 ? 
9  AC1 9  DG  B 7  ? DG  B 7   . ? 1_555 ? 
10 AC2 10 DG  A 1  ? DG  A 1   . ? 1_555 ? 
11 AC2 10 DG  A 7  ? DG  A 7   . ? 1_555 ? 
12 AC2 10 DG  A 9  ? DG  A 9   . ? 1_555 ? 
13 AC2 10 DG  A 12 ? DG  A 12  . ? 1_555 ? 
14 AC2 10 K   C .  ? K   A 101 . ? 1_555 ? 
15 AC2 10 K   E .  ? K   A 103 . ? 1_555 ? 
16 AC2 10 DG  B 1  ? DG  B 1   . ? 1_555 ? 
17 AC2 10 DG  B 7  ? DG  B 7   . ? 1_555 ? 
18 AC2 10 DG  B 9  ? DG  B 9   . ? 1_555 ? 
19 AC2 10 DG  B 12 ? DG  B 12  . ? 1_555 ? 
20 AC3 10 DG  A 9  ? DG  A 9   . ? 1_555 ? 
21 AC3 10 DG  A 10 ? DG  A 10  . ? 1_555 ? 
22 AC3 10 DG  A 12 ? DG  A 12  . ? 1_555 ? 
23 AC3 10 DG  A 13 ? DG  A 13  . ? 1_555 ? 
24 AC3 10 K   D .  ? K   A 102 . ? 1_555 ? 
25 AC3 10 K   F .  ? K   A 104 . ? 1_555 ? 
26 AC3 10 DG  B 9  ? DG  B 9   . ? 1_555 ? 
27 AC3 10 DG  B 10 ? DG  B 10  . ? 1_555 ? 
28 AC3 10 DG  B 12 ? DG  B 12  . ? 1_555 ? 
29 AC3 10 DG  B 13 ? DG  B 13  . ? 1_555 ? 
30 AC4 9  DG  A 10 ? DG  A 10  . ? 1_555 ? 
31 AC4 9  DG  A 13 ? DG  A 13  . ? 1_555 ? 
32 AC4 9  DA  A 14 ? DA  A 14  . ? 2_656 ? 
33 AC4 9  DA  A 14 ? DA  A 14  . ? 1_555 ? 
34 AC4 9  K   E .  ? K   A 103 . ? 1_555 ? 
35 AC4 9  DG  B 10 ? DG  B 10  . ? 1_555 ? 
36 AC4 9  DG  B 13 ? DG  B 13  . ? 1_555 ? 
37 AC4 9  DA  B 14 ? DA  B 14  . ? 2_656 ? 
38 AC4 9  DA  B 14 ? DA  B 14  . ? 1_555 ? 
39 AC5 6  DC  A 3  ? DC  A 3   . ? 1_555 ? 
40 AC5 6  DC  A 3  ? DC  A 3   . ? 2_655 ? 
41 AC5 6  DC  A 8  ? DC  A 8   . ? 1_555 ? 
42 AC5 6  DC  A 8  ? DC  A 8   . ? 2_655 ? 
43 AC5 6  DG  A 9  ? DG  A 9   . ? 1_555 ? 
44 AC5 6  HOH I .  ? HOH A 212 . ? 2_655 ? 
45 AC6 5  DA  A 14 ? DA  A 14  . ? 1_555 ? 
46 AC6 5  HOH I .  ? HOH A 211 . ? 1_555 ? 
47 AC6 5  HOH I .  ? HOH A 213 . ? 1_555 ? 
48 AC6 5  DC  B 8  ? DC  B 8   . ? 1_555 ? 
49 AC6 5  DC  B 11 ? DC  B 11  . ? 4_556 ? 
# 
_atom_sites.entry_id                    6KFL 
_atom_sites.Cartn_transf_matrix[1][1]   ? 
_atom_sites.Cartn_transf_matrix[1][2]   ? 
_atom_sites.Cartn_transf_matrix[1][3]   ? 
_atom_sites.Cartn_transf_matrix[2][1]   ? 
_atom_sites.Cartn_transf_matrix[2][2]   ? 
_atom_sites.Cartn_transf_matrix[2][3]   ? 
_atom_sites.Cartn_transf_matrix[3][1]   ? 
_atom_sites.Cartn_transf_matrix[3][2]   ? 
_atom_sites.Cartn_transf_matrix[3][3]   ? 
_atom_sites.Cartn_transf_vector[1]      ? 
_atom_sites.Cartn_transf_vector[2]      ? 
_atom_sites.Cartn_transf_vector[3]      ? 
_atom_sites.fract_transf_matrix[1][1]   -0.00455601 
_atom_sites.fract_transf_matrix[1][2]   0.01392972 
_atom_sites.fract_transf_matrix[1][3]   0.01718529 
_atom_sites.fract_transf_matrix[2][1]   -0.01985671 
_atom_sites.fract_transf_matrix[2][2]   -0.00736412 
_atom_sites.fract_transf_matrix[2][3]   0.00070483 
_atom_sites.fract_transf_matrix[3][1]   0.00521104 
_atom_sites.fract_transf_matrix[3][2]   -0.01160819 
_atom_sites.fract_transf_matrix[3][3]   0.02552421 
_atom_sites.fract_transf_vector[1]      0.349169 
_atom_sites.fract_transf_vector[2]      -0.165872 
_atom_sites.fract_transf_vector[3]      0.270779 
_atom_sites.solution_primary            ? 
_atom_sites.solution_secondary          ? 
_atom_sites.solution_hydrogens          ? 
_atom_sites.special_details             ? 
# 
loop_
_atom_type.symbol 
C  
CO 
K  
N  
O  
P  
# 
loop_
_atom_site.group_PDB 
_atom_site.id 
_atom_site.type_symbol 
_atom_site.label_atom_id 
_atom_site.label_alt_id 
_atom_site.label_comp_id 
_atom_site.label_asym_id 
_atom_site.label_entity_id 
_atom_site.label_seq_id 
_atom_site.pdbx_PDB_ins_code 
_atom_site.Cartn_x 
_atom_site.Cartn_y 
_atom_site.Cartn_z 
_atom_site.occupancy 
_atom_site.B_iso_or_equiv 
_atom_site.pdbx_formal_charge 
_atom_site.auth_seq_id 
_atom_site.auth_comp_id 
_atom_site.auth_asym_id 
_atom_site.auth_atom_id 
_atom_site.pdbx_PDB_model_num 
ATOM   1   O  "O5'" . DG  A 1 1  ? -8.292  -1.708  0.044   1.00 21.52 ? 1   DG  A "O5'" 1 
ATOM   2   C  "C5'" . DG  A 1 1  ? -9.047  -0.896  0.909   1.00 20.61 ? 1   DG  A "C5'" 1 
ATOM   3   C  "C4'" . DG  A 1 1  ? -9.351  0.432   0.258   1.00 19.23 ? 1   DG  A "C4'" 1 
ATOM   4   O  "O4'" . DG  A 1 1  ? -8.168  1.254   0.258   1.00 19.36 ? 1   DG  A "O4'" 1 
ATOM   5   C  "C3'" . DG  A 1 1  ? -9.812  0.372   -1.196  1.00 26.96 ? 1   DG  A "C3'" 1 
ATOM   6   O  "O3'" . DG  A 1 1  ? -10.737 1.434   -1.404  1.00 32.23 ? 1   DG  A "O3'" 1 
ATOM   7   C  "C2'" . DG  A 1 1  ? -8.506  0.586   -1.968  1.00 27.75 ? 1   DG  A "C2'" 1 
ATOM   8   C  "C1'" . DG  A 1 1  ? -7.801  1.587   -1.067  1.00 24.00 ? 1   DG  A "C1'" 1 
ATOM   9   N  N9    . DG  A 1 1  ? -6.337  1.579   -1.132  1.00 21.17 ? 1   DG  A N9    1 
ATOM   10  C  C8    . DG  A 1 1  ? -5.519  2.681   -1.233  1.00 18.48 ? 1   DG  A C8    1 
ATOM   11  N  N7    . DG  A 1 1  ? -4.246  2.389   -1.218  1.00 17.42 ? 1   DG  A N7    1 
ATOM   12  C  C5    . DG  A 1 1  ? -4.218  1.010   -1.098  1.00 17.39 ? 1   DG  A C5    1 
ATOM   13  C  C6    . DG  A 1 1  ? -3.114  0.141   -1.018  1.00 16.77 ? 1   DG  A C6    1 
ATOM   14  O  O6    . DG  A 1 1  ? -1.917  0.440   -1.065  1.00 14.01 ? 1   DG  A O6    1 
ATOM   15  N  N1    . DG  A 1 1  ? -3.511  -1.199  -0.892  1.00 17.10 ? 1   DG  A N1    1 
ATOM   16  C  C2    . DG  A 1 1  ? -4.822  -1.621  -0.835  1.00 21.81 ? 1   DG  A C2    1 
ATOM   17  N  N2    . DG  A 1 1  ? -5.020  -2.937  -0.699  1.00 20.10 ? 1   DG  A N2    1 
ATOM   18  N  N3    . DG  A 1 1  ? -5.868  -0.802  -0.887  1.00 15.27 ? 1   DG  A N3    1 
ATOM   19  C  C4    . DG  A 1 1  ? -5.492  0.494   -1.018  1.00 15.49 ? 1   DG  A C4    1 
ATOM   20  P  P     . DG  A 1 2  ? -11.513 1.619   -2.795  1.00 39.89 ? 2   DG  A P     1 
ATOM   21  O  OP1   . DG  A 1 2  ? -12.610 2.568   -2.512  1.00 44.02 ? 2   DG  A OP1   1 
ATOM   22  O  OP2   . DG  A 1 2  ? -11.792 0.287   -3.383  1.00 36.29 ? 2   DG  A OP2   1 
ATOM   23  O  "O5'" . DG  A 1 2  ? -10.455 2.383   -3.711  1.00 38.97 ? 2   DG  A "O5'" 1 
ATOM   24  C  "C5'" . DG  A 1 2  ? -10.063 3.701   -3.378  1.00 36.22 ? 2   DG  A "C5'" 1 
ATOM   25  C  "C4'" . DG  A 1 2  ? -8.944  4.162   -4.285  1.00 35.54 ? 2   DG  A "C4'" 1 
ATOM   26  O  "O4'" . DG  A 1 2  ? -7.723  3.461   -3.944  1.00 31.03 ? 2   DG  A "O4'" 1 
ATOM   27  C  "C3'" . DG  A 1 2  ? -9.175  3.896   -5.777  1.00 40.66 ? 2   DG  A "C3'" 1 
ATOM   28  O  "O3'" . DG  A 1 2  ? -9.003  5.097   -6.511  1.00 48.95 ? 2   DG  A "O3'" 1 
ATOM   29  C  "C2'" . DG  A 1 2  ? -8.108  2.855   -6.134  1.00 35.91 ? 2   DG  A "C2'" 1 
ATOM   30  C  "C1'" . DG  A 1 2  ? -7.029  3.198   -5.133  1.00 31.98 ? 2   DG  A "C1'" 1 
ATOM   31  N  N9    . DG  A 1 2  ? -6.065  2.126   -4.897  1.00 29.79 ? 2   DG  A N9    1 
ATOM   32  C  C8    . DG  A 1 2  ? -6.326  0.782   -4.759  1.00 30.03 ? 2   DG  A C8    1 
ATOM   33  N  N7    . DG  A 1 2  ? -5.251  0.064   -4.557  1.00 28.53 ? 2   DG  A N7    1 
ATOM   34  C  C5    . DG  A 1 2  ? -4.219  0.993   -4.558  1.00 26.35 ? 2   DG  A C5    1 
ATOM   35  C  C6    . DG  A 1 2  ? -2.832  0.809   -4.383  1.00 24.41 ? 2   DG  A C6    1 
ATOM   36  O  O6    . DG  A 1 2  ? -2.220  -0.249  -4.183  1.00 23.34 ? 2   DG  A O6    1 
ATOM   37  N  N1    . DG  A 1 2  ? -2.136  2.020   -4.462  1.00 23.84 ? 2   DG  A N1    1 
ATOM   38  C  C2    . DG  A 1 2  ? -2.716  3.247   -4.679  1.00 22.62 ? 2   DG  A C2    1 
ATOM   39  N  N2    . DG  A 1 2  ? -1.887  4.299   -4.720  1.00 25.65 ? 2   DG  A N2    1 
ATOM   40  N  N3    . DG  A 1 2  ? -4.012  3.430   -4.838  1.00 23.22 ? 2   DG  A N3    1 
ATOM   41  C  C4    . DG  A 1 2  ? -4.703  2.264   -4.767  1.00 26.93 ? 2   DG  A C4    1 
ATOM   42  P  P     . DC  A 1 3  ? -10.298 5.916   -6.998  1.00 52.29 ? 3   DC  A P     1 
ATOM   43  O  OP1   . DC  A 1 3  ? -10.641 6.876   -5.923  1.00 51.05 ? 3   DC  A OP1   1 
ATOM   44  O  OP2   . DC  A 1 3  ? -11.291 4.927   -7.463  1.00 50.23 ? 3   DC  A OP2   1 
ATOM   45  O  "O5'" . DC  A 1 3  ? -9.777  6.759   -8.249  1.00 58.50 ? 3   DC  A "O5'" 1 
ATOM   46  C  "C5'" . DC  A 1 3  ? -8.783  6.226   -9.101  1.00 61.57 ? 3   DC  A "C5'" 1 
ATOM   47  C  "C4'" . DC  A 1 3  ? -7.601  7.173   -9.189  1.00 67.91 ? 3   DC  A "C4'" 1 
ATOM   48  O  "O4'" . DC  A 1 3  ? -7.668  8.129   -8.113  1.00 68.48 ? 3   DC  A "O4'" 1 
ATOM   49  C  "C3'" . DC  A 1 3  ? -6.252  6.507   -9.023  1.00 72.09 ? 3   DC  A "C3'" 1 
ATOM   50  O  "O3'" . DC  A 1 3  ? -5.784  6.054   -10.278 1.00 76.51 ? 3   DC  A "O3'" 1 
ATOM   51  C  "C2'" . DC  A 1 3  ? -5.363  7.626   -8.469  1.00 72.33 ? 3   DC  A "C2'" 1 
ATOM   52  C  "C1'" . DC  A 1 3  ? -6.361  8.590   -7.816  1.00 70.37 ? 3   DC  A "C1'" 1 
ATOM   53  N  N1    . DC  A 1 3  ? -6.212  8.718   -6.320  1.00 65.71 ? 3   DC  A N1    1 
ATOM   54  C  C2    . DC  A 1 3  ? -5.080  9.355   -5.783  1.00 60.04 ? 3   DC  A C2    1 
ATOM   55  O  O2    . DC  A 1 3  ? -4.204  9.783   -6.546  1.00 58.38 ? 3   DC  A O2    1 
ATOM   56  N  N3    . DC  A 1 3  ? -4.976  9.480   -4.436  1.00 56.95 ? 3   DC  A N3    1 
ATOM   57  C  C4    . DC  A 1 3  ? -5.934  9.007   -3.641  1.00 57.15 ? 3   DC  A C4    1 
ATOM   58  N  N4    . DC  A 1 3  ? -5.779  9.155   -2.321  1.00 53.99 ? 3   DC  A N4    1 
ATOM   59  C  C5    . DC  A 1 3  ? -7.096  8.361   -4.164  1.00 61.67 ? 3   DC  A C5    1 
ATOM   60  C  C6    . DC  A 1 3  ? -7.191  8.237   -5.495  1.00 64.80 ? 3   DC  A C6    1 
ATOM   61  P  P     . DT  A 1 4  ? -5.389  4.511   -10.472 1.00 77.17 ? 4   DT  A P     1 
ATOM   62  O  OP1   . DT  A 1 4  ? -4.291  4.464   -11.467 1.00 79.07 ? 4   DT  A OP1   1 
ATOM   63  O  OP2   . DT  A 1 4  ? -6.641  3.760   -10.707 1.00 74.82 ? 4   DT  A OP2   1 
ATOM   64  O  "O5'" . DT  A 1 4  ? -4.819  4.077   -9.037  1.00 79.37 ? 4   DT  A "O5'" 1 
ATOM   65  C  "C5'" . DT  A 1 4  ? -3.459  4.371   -8.670  1.00 79.72 ? 4   DT  A "C5'" 1 
ATOM   66  C  "C4'" . DT  A 1 4  ? -2.703  3.093   -8.350  1.00 77.05 ? 4   DT  A "C4'" 1 
ATOM   67  O  "O4'" . DT  A 1 4  ? -3.588  2.202   -7.639  1.00 75.55 ? 4   DT  A "O4'" 1 
ATOM   68  C  "C3'" . DT  A 1 4  ? -2.195  2.339   -9.576  1.00 78.98 ? 4   DT  A "C3'" 1 
ATOM   69  O  "O3'" . DT  A 1 4  ? -0.764  2.384   -9.624  1.00 78.55 ? 4   DT  A "O3'" 1 
ATOM   70  C  "C2'" . DT  A 1 4  ? -2.723  0.904   -9.435  1.00 78.53 ? 4   DT  A "C2'" 1 
ATOM   71  C  "C1'" . DT  A 1 4  ? -3.438  0.878   -8.083  1.00 76.01 ? 4   DT  A "C1'" 1 
ATOM   72  N  N1    . DT  A 1 4  ? -4.793  0.260   -8.145  1.00 77.76 ? 4   DT  A N1    1 
ATOM   73  C  C2    . DT  A 1 4  ? -4.978  -1.008  -7.652  1.00 78.09 ? 4   DT  A C2    1 
ATOM   74  O  O2    . DT  A 1 4  ? -4.082  -1.672  -7.158  1.00 76.50 ? 4   DT  A O2    1 
ATOM   75  N  N3    . DT  A 1 4  ? -6.262  -1.479  -7.756  1.00 81.01 ? 4   DT  A N3    1 
ATOM   76  C  C4    . DT  A 1 4  ? -7.355  -0.821  -8.297  1.00 84.34 ? 4   DT  A C4    1 
ATOM   77  O  O4    . DT  A 1 4  ? -8.472  -1.331  -8.350  1.00 87.23 ? 4   DT  A O4    1 
ATOM   78  C  C5    . DT  A 1 4  ? -7.090  0.506   -8.797  1.00 83.96 ? 4   DT  A C5    1 
ATOM   79  C  C7    . DT  A 1 4  ? -8.200  1.316   -9.407  1.00 85.98 ? 4   DT  A C7    1 
ATOM   80  C  C6    . DT  A 1 4  ? -5.837  0.977   -8.698  1.00 81.26 ? 4   DT  A C6    1 
ATOM   81  P  P     . DC  A 1 5  ? -0.027  3.446   -10.585 1.00 80.46 ? 5   DC  A P     1 
ATOM   82  O  OP1   . DC  A 1 5  ? -0.191  4.797   -9.994  1.00 79.70 ? 5   DC  A OP1   1 
ATOM   83  O  OP2   . DC  A 1 5  ? -0.517  3.194   -11.961 1.00 83.78 ? 5   DC  A OP2   1 
ATOM   84  O  "O5'" . DC  A 1 5  ? 1.525   3.046   -10.496 1.00 75.35 ? 5   DC  A "O5'" 1 
ATOM   85  C  "C5'" . DC  A 1 5  ? 1.927   1.853   -9.829  1.00 68.32 ? 5   DC  A "C5'" 1 
ATOM   86  C  "C4'" . DC  A 1 5  ? 3.019   2.134   -8.803  1.00 63.02 ? 5   DC  A "C4'" 1 
ATOM   87  O  "O4'" . DC  A 1 5  ? 2.600   1.622   -7.518  1.00 61.24 ? 5   DC  A "O4'" 1 
ATOM   88  C  "C3'" . DC  A 1 5  ? 4.312   1.396   -9.050  1.00 60.59 ? 5   DC  A "C3'" 1 
ATOM   89  O  "O3'" . DC  A 1 5  ? 5.334   1.910   -8.190  1.00 57.96 ? 5   DC  A "O3'" 1 
ATOM   90  C  "C2'" . DC  A 1 5  ? 3.905   -0.016  -8.632  1.00 60.48 ? 5   DC  A "C2'" 1 
ATOM   91  C  "C1'" . DC  A 1 5  ? 3.013   0.266   -7.410  1.00 58.35 ? 5   DC  A "C1'" 1 
ATOM   92  N  N1    . DC  A 1 5  ? 1.774   -0.585  -7.316  1.00 54.39 ? 5   DC  A N1    1 
ATOM   93  C  C2    . DC  A 1 5  ? 1.866   -1.990  -7.318  1.00 51.60 ? 5   DC  A C2    1 
ATOM   94  O  O2    . DC  A 1 5  ? 2.982   -2.538  -7.402  1.00 50.34 ? 5   DC  A O2    1 
ATOM   95  N  N3    . DC  A 1 5  ? 0.715   -2.715  -7.232  1.00 48.63 ? 5   DC  A N3    1 
ATOM   96  C  C4    . DC  A 1 5  ? -0.470  -2.096  -7.148  1.00 48.00 ? 5   DC  A C4    1 
ATOM   97  N  N4    . DC  A 1 5  ? -1.569  -2.852  -7.068  1.00 47.91 ? 5   DC  A N4    1 
ATOM   98  C  C5    . DC  A 1 5  ? -0.577  -0.679  -7.139  1.00 48.23 ? 5   DC  A C5    1 
ATOM   99  C  C6    . DC  A 1 5  ? 0.553   0.028   -7.222  1.00 50.86 ? 5   DC  A C6    1 
ATOM   100 P  P     . DG  A 1 6  ? 6.680   2.544   -8.802  1.00 61.11 ? 6   DG  A P     1 
ATOM   101 O  OP1   . DG  A 1 6  ? 6.594   2.457   -10.277 1.00 62.64 ? 6   DG  A OP1   1 
ATOM   102 O  OP2   . DG  A 1 6  ? 7.830   1.939   -8.086  1.00 59.90 ? 6   DG  A OP2   1 
ATOM   103 O  "O5'" . DG  A 1 6  ? 6.606   4.095   -8.378  1.00 59.62 ? 6   DG  A "O5'" 1 
ATOM   104 C  "C5'" . DG  A 1 6  ? 6.790   4.482   -7.004  1.00 50.70 ? 6   DG  A "C5'" 1 
ATOM   105 C  "C4'" . DG  A 1 6  ? 6.198   5.861   -6.745  1.00 44.10 ? 6   DG  A "C4'" 1 
ATOM   106 O  "O4'" . DG  A 1 6  ? 4.748   5.762   -6.697  1.00 41.76 ? 6   DG  A "O4'" 1 
ATOM   107 C  "C3'" . DG  A 1 6  ? 6.585   6.486   -5.415  1.00 37.50 ? 6   DG  A "C3'" 1 
ATOM   108 O  "O3'" . DG  A 1 6  ? 6.456   7.915   -5.508  1.00 38.74 ? 6   DG  A "O3'" 1 
ATOM   109 C  "C2'" . DG  A 1 6  ? 5.535   5.890   -4.484  1.00 33.42 ? 6   DG  A "C2'" 1 
ATOM   110 C  "C1'" . DG  A 1 6  ? 4.300   5.999   -5.370  1.00 36.03 ? 6   DG  A "C1'" 1 
ATOM   111 N  N9    . DG  A 1 6  ? 3.218   5.056   -5.064  1.00 30.11 ? 6   DG  A N9    1 
ATOM   112 C  C8    . DG  A 1 6  ? 1.883   5.362   -4.950  1.00 29.28 ? 6   DG  A C8    1 
ATOM   113 N  N7    . DG  A 1 6  ? 1.129   4.331   -4.696  1.00 27.75 ? 6   DG  A N7    1 
ATOM   114 C  C5    . DG  A 1 6  ? 2.016   3.266   -4.652  1.00 26.82 ? 6   DG  A C5    1 
ATOM   115 C  C6    . DG  A 1 6  ? 1.776   1.897   -4.417  1.00 24.70 ? 6   DG  A C6    1 
ATOM   116 O  O6    . DG  A 1 6  ? 0.700   1.335   -4.198  1.00 26.09 ? 6   DG  A O6    1 
ATOM   117 N  N1    . DG  A 1 6  ? 2.948   1.156   -4.448  1.00 25.79 ? 6   DG  A N1    1 
ATOM   118 C  C2    . DG  A 1 6  ? 4.198   1.667   -4.682  1.00 24.83 ? 6   DG  A C2    1 
ATOM   119 N  N2    . DG  A 1 6  ? 5.202   0.781   -4.680  1.00 27.07 ? 6   DG  A N2    1 
ATOM   120 N  N3    . DG  A 1 6  ? 4.444   2.949   -4.913  1.00 26.15 ? 6   DG  A N3    1 
ATOM   121 C  C4    . DG  A 1 6  ? 3.309   3.691   -4.880  1.00 27.78 ? 6   DG  A C4    1 
ATOM   122 P  P     . DG  A 1 7  ? 6.896   8.858   -4.281  1.00 38.79 ? 7   DG  A P     1 
ATOM   123 O  OP1   . DG  A 1 7  ? 7.068   10.229  -4.819  1.00 46.75 ? 7   DG  A OP1   1 
ATOM   124 O  OP2   . DG  A 1 7  ? 7.981   8.214   -3.516  1.00 34.40 ? 7   DG  A OP2   1 
ATOM   125 O  "O5'" . DG  A 1 7  ? 5.604   8.903   -3.344  1.00 33.71 ? 7   DG  A "O5'" 1 
ATOM   126 C  "C5'" . DG  A 1 7  ? 4.374   9.311   -3.884  1.00 30.99 ? 7   DG  A "C5'" 1 
ATOM   127 C  "C4'" . DG  A 1 7  ? 3.242   8.984   -2.931  1.00 29.22 ? 7   DG  A "C4'" 1 
ATOM   128 O  "O4'" . DG  A 1 7  ? 2.899   7.571   -2.997  1.00 22.76 ? 7   DG  A "O4'" 1 
ATOM   129 C  "C3'" . DG  A 1 7  ? 3.519   9.282   -1.452  1.00 30.01 ? 7   DG  A "C3'" 1 
ATOM   130 O  "O3'" . DG  A 1 7  ? 2.477   10.098  -0.958  1.00 35.81 ? 7   DG  A "O3'" 1 
ATOM   131 C  "C2'" . DG  A 1 7  ? 3.479   7.892   -0.796  1.00 27.27 ? 7   DG  A "C2'" 1 
ATOM   132 C  "C1'" . DG  A 1 7  ? 2.493   7.182   -1.704  1.00 23.94 ? 7   DG  A "C1'" 1 
ATOM   133 N  N9    . DG  A 1 7  ? 2.508   5.721   -1.589  1.00 16.87 ? 7   DG  A N9    1 
ATOM   134 C  C8    . DG  A 1 7  ? 3.609   4.907   -1.543  1.00 18.64 ? 7   DG  A C8    1 
ATOM   135 N  N7    . DG  A 1 7  ? 3.308   3.629   -1.437  1.00 17.66 ? 7   DG  A N7    1 
ATOM   136 C  C5    . DG  A 1 7  ? 1.919   3.606   -1.407  1.00 19.01 ? 7   DG  A C5    1 
ATOM   137 C  C6    . DG  A 1 7  ? 1.025   2.503   -1.295  1.00 16.83 ? 7   DG  A C6    1 
ATOM   138 O  O6    . DG  A 1 7  ? 1.301   1.294   -1.214  1.00 16.92 ? 7   DG  A O6    1 
ATOM   139 N  N1    . DG  A 1 7  ? -0.300  2.915   -1.306  1.00 19.56 ? 7   DG  A N1    1 
ATOM   140 C  C2    . DG  A 1 7  ? -0.714  4.235   -1.406  1.00 23.36 ? 7   DG  A C2    1 
ATOM   141 N  N2    . DG  A 1 7  ? -2.037  4.446   -1.395  1.00 16.12 ? 7   DG  A N2    1 
ATOM   142 N  N3    . DG  A 1 7  ? 0.108   5.266   -1.506  1.00 19.38 ? 7   DG  A N3    1 
ATOM   143 C  C4    . DG  A 1 7  ? 1.409   4.883   -1.496  1.00 18.86 ? 7   DG  A C4    1 
ATOM   144 P  P     . DC  A 1 8  ? 2.787   11.410  -0.087  1.00 34.33 ? 8   DC  A P     1 
ATOM   145 O  OP1   . DC  A 1 8  ? 2.421   12.569  -0.931  1.00 38.45 ? 8   DC  A OP1   1 
ATOM   146 O  OP2   . DC  A 1 8  ? 4.132   11.324  0.508   1.00 30.84 ? 8   DC  A OP2   1 
ATOM   147 O  "O5'" . DC  A 1 8  ? 1.741   11.285  1.117   1.00 28.63 ? 8   DC  A "O5'" 1 
ATOM   148 C  "C5'" . DC  A 1 8  ? 1.244   12.431  1.762   1.00 25.42 ? 8   DC  A "C5'" 1 
ATOM   149 C  "C4'" . DC  A 1 8  ? -0.265  12.450  1.716   1.00 29.85 ? 8   DC  A "C4'" 1 
ATOM   150 O  "O4'" . DC  A 1 8  ? -0.686  12.641  0.342   1.00 38.16 ? 8   DC  A "O4'" 1 
ATOM   151 C  "C3'" . DC  A 1 8  ? -0.956  11.158  2.172   1.00 31.75 ? 8   DC  A "C3'" 1 
ATOM   152 O  "O3'" . DC  A 1 8  ? -2.220  11.470  2.748   1.00 32.22 ? 8   DC  A "O3'" 1 
ATOM   153 C  "C2'" . DC  A 1 8  ? -1.151  10.428  0.854   1.00 36.25 ? 8   DC  A "C2'" 1 
ATOM   154 C  "C1'" . DC  A 1 8  ? -1.580  11.601  -0.003  1.00 37.84 ? 8   DC  A "C1'" 1 
ATOM   155 N  N1    . DC  A 1 8  ? -1.519  11.347  -1.485  1.00 37.49 ? 8   DC  A N1    1 
ATOM   156 C  C2    . DC  A 1 8  ? -2.669  10.907  -2.151  1.00 35.91 ? 8   DC  A C2    1 
ATOM   157 O  O2    . DC  A 1 8  ? -3.713  10.736  -1.503  1.00 35.17 ? 8   DC  A O2    1 
ATOM   158 N  N3    . DC  A 1 8  ? -2.607  10.677  -3.488  1.00 34.99 ? 8   DC  A N3    1 
ATOM   159 C  C4    . DC  A 1 8  ? -1.463  10.869  -4.149  1.00 38.31 ? 8   DC  A C4    1 
ATOM   160 N  N4    . DC  A 1 8  ? -1.453  10.629  -5.462  1.00 40.46 ? 8   DC  A N4    1 
ATOM   161 C  C5    . DC  A 1 8  ? -0.279  11.317  -3.490  1.00 39.09 ? 8   DC  A C5    1 
ATOM   162 C  C6    . DC  A 1 8  ? -0.349  11.539  -2.170  1.00 39.53 ? 8   DC  A C6    1 
ATOM   163 P  P     . DG  A 1 9  ? -3.031  10.369  3.594   1.00 27.83 ? 9   DG  A P     1 
ATOM   164 O  OP1   . DG  A 1 9  ? -4.238  11.026  4.124   1.00 28.61 ? 9   DG  A OP1   1 
ATOM   165 O  OP2   . DG  A 1 9  ? -2.072  9.711   4.503   1.00 17.45 ? 9   DG  A OP2   1 
ATOM   166 O  "O5'" . DG  A 1 9  ? -3.508  9.293   2.512   1.00 25.54 ? 9   DG  A "O5'" 1 
ATOM   167 C  "C5'" . DG  A 1 9  ? -4.608  9.567   1.669   1.00 26.58 ? 9   DG  A "C5'" 1 
ATOM   168 C  "C4'" . DG  A 1 9  ? -5.449  8.322   1.454   1.00 22.10 ? 9   DG  A "C4'" 1 
ATOM   169 O  "O4'" . DG  A 1 9  ? -4.610  7.237   0.980   1.00 16.71 ? 9   DG  A "O4'" 1 
ATOM   170 C  "C3'" . DG  A 1 9  ? -6.158  7.782   2.704   1.00 23.30 ? 9   DG  A "C3'" 1 
ATOM   171 O  "O3'" . DG  A 1 9  ? -7.449  7.308   2.339   1.00 24.25 ? 9   DG  A "O3'" 1 
ATOM   172 C  "C2'" . DG  A 1 9  ? -5.256  6.634   3.122   1.00 19.35 ? 9   DG  A "C2'" 1 
ATOM   173 C  "C1'" . DG  A 1 9  ? -4.861  6.100   1.762   1.00 15.25 ? 9   DG  A "C1'" 1 
ATOM   174 N  N9    . DG  A 1 9  ? -3.670  5.264   1.801   1.00 19.40 ? 9   DG  A N9    1 
ATOM   175 C  C8    . DG  A 1 9  ? -2.358  5.671   1.778   1.00 16.61 ? 9   DG  A C8    1 
ATOM   176 N  N7    . DG  A 1 9  ? -1.509  4.670   1.862   1.00 16.01 ? 9   DG  A N7    1 
ATOM   177 C  C5    . DG  A 1 9  ? -2.320  3.542   1.940   1.00 14.87 ? 9   DG  A C5    1 
ATOM   178 C  C6    . DG  A 1 9  ? -1.966  2.173   2.051   1.00 11.59 ? 9   DG  A C6    1 
ATOM   179 O  O6    . DG  A 1 9  ? -0.828  1.673   2.100   1.00 11.03 ? 9   DG  A O6    1 
ATOM   180 N  N1    . DG  A 1 9  ? -3.096  1.356   2.118   1.00 14.58 ? 9   DG  A N1    1 
ATOM   181 C  C2    . DG  A 1 9  ? -4.403  1.809   2.084   1.00 14.76 ? 9   DG  A C2    1 
ATOM   182 N  N2    . DG  A 1 9  ? -5.364  0.874   2.166   1.00 12.94 ? 9   DG  A N2    1 
ATOM   183 N  N3    . DG  A 1 9  ? -4.738  3.087   1.991   1.00 14.23 ? 9   DG  A N3    1 
ATOM   184 C  C4    . DG  A 1 9  ? -3.647  3.890   1.917   1.00 13.14 ? 9   DG  A C4    1 
ATOM   185 P  P     . DG  A 1 10 ? -8.410  6.632   3.429   1.00 24.02 ? 10  DG  A P     1 
ATOM   186 O  OP1   . DG  A 1 10 ? -9.761  6.707   2.859   1.00 25.15 ? 10  DG  A OP1   1 
ATOM   187 O  OP2   . DG  A 1 10 ? -8.135  7.152   4.777   1.00 23.90 ? 10  DG  A OP2   1 
ATOM   188 O  "O5'" . DG  A 1 10 ? -7.953  5.082   3.427   1.00 18.98 ? 10  DG  A "O5'" 1 
ATOM   189 C  "C5'" . DG  A 1 10 ? -8.532  4.187   2.497   1.00 18.84 ? 10  DG  A "C5'" 1 
ATOM   190 C  "C4'" . DG  A 1 10 ? -9.002  2.899   3.172   1.00 21.47 ? 10  DG  A "C4'" 1 
ATOM   191 O  "O4'" . DG  A 1 10 ? -7.854  2.058   3.490   1.00 19.57 ? 10  DG  A "O4'" 1 
ATOM   192 C  "C3'" . DG  A 1 10 ? -9.727  3.071   4.489   1.00 21.39 ? 10  DG  A "C3'" 1 
ATOM   193 O  "O3'" . DG  A 1 10 ? -10.594 1.964   4.674   1.00 21.53 ? 10  DG  A "O3'" 1 
ATOM   194 C  "C2'" . DG  A 1 10 ? -8.563  3.026   5.490   1.00 20.61 ? 10  DG  A "C2'" 1 
ATOM   195 C  "C1'" . DG  A 1 10 ? -7.728  1.906   4.893   1.00 15.99 ? 10  DG  A "C1'" 1 
ATOM   196 N  N9    . DG  A 1 10 ? -6.290  1.958   5.134   1.00 16.12 ? 10  DG  A N9    1 
ATOM   197 C  C8    . DG  A 1 10 ? -5.478  3.059   5.019   1.00 11.38 ? 10  DG  A C8    1 
ATOM   198 N  N7    . DG  A 1 10 ? -4.215  2.789   5.182   1.00 15.02 ? 10  DG  A N7    1 
ATOM   199 C  C5    . DG  A 1 10 ? -4.184  1.409   5.372   1.00 15.30 ? 10  DG  A C5    1 
ATOM   200 C  C6    . DG  A 1 10 ? -3.080  0.546   5.577   1.00 12.75 ? 10  DG  A C6    1 
ATOM   201 O  O6    . DG  A 1 10 ? -1.873  0.848   5.648   1.00 8.58  ? 10  DG  A O6    1 
ATOM   202 N  N1    . DG  A 1 10 ? -3.486  -0.785  5.736   1.00 13.77 ? 10  DG  A N1    1 
ATOM   203 C  C2    . DG  A 1 10 ? -4.799  -1.225  5.680   1.00 14.80 ? 10  DG  A C2    1 
ATOM   204 N  N2    . DG  A 1 10 ? -4.996  -2.547  5.847   1.00 9.39  ? 10  DG  A N2    1 
ATOM   205 N  N3    . DG  A 1 10 ? -5.838  -0.424  5.470   1.00 10.23 ? 10  DG  A N3    1 
ATOM   206 C  C4    . DG  A 1 10 ? -5.453  0.880   5.325   1.00 14.42 ? 10  DG  A C4    1 
ATOM   207 P  P     . DC  A 1 11 ? -12.171 2.068   4.344   1.00 32.83 ? 11  DC  A P     1 
ATOM   208 O  OP1   . DC  A 1 11 ? -12.397 2.760   3.054   1.00 32.04 ? 11  DC  A OP1   1 
ATOM   209 O  OP2   . DC  A 1 11 ? -12.800 2.607   5.575   1.00 39.92 ? 11  DC  A OP2   1 
ATOM   210 O  "O5'" . DC  A 1 11 ? -12.590 0.545   4.179   1.00 29.79 ? 11  DC  A "O5'" 1 
ATOM   211 C  "C5'" . DC  A 1 11 ? -12.553 -0.313  5.300   1.00 31.64 ? 11  DC  A "C5'" 1 
ATOM   212 C  "C4'" . DC  A 1 11 ? -12.942 -1.721  4.902   1.00 33.11 ? 11  DC  A "C4'" 1 
ATOM   213 O  "O4'" . DC  A 1 11 ? -14.277 -1.719  4.334   1.00 39.37 ? 11  DC  A "O4'" 1 
ATOM   214 C  "C3'" . DC  A 1 11 ? -12.045 -2.367  3.859   1.00 33.19 ? 11  DC  A "C3'" 1 
ATOM   215 O  "O3'" . DC  A 1 11 ? -11.922 -3.737  4.143   1.00 30.99 ? 11  DC  A "O3'" 1 
ATOM   216 C  "C2'" . DC  A 1 11 ? -12.783 -2.118  2.545   1.00 37.77 ? 11  DC  A "C2'" 1 
ATOM   217 C  "C1'" . DC  A 1 11 ? -14.246 -2.141  2.985   1.00 40.65 ? 11  DC  A "C1'" 1 
ATOM   218 N  N1    . DC  A 1 11 ? -15.130 -1.218  2.191   1.00 48.14 ? 11  DC  A N1    1 
ATOM   219 C  C2    . DC  A 1 11 ? -16.058 -1.750  1.281   1.00 54.03 ? 11  DC  A C2    1 
ATOM   220 O  O2    . DC  A 1 11 ? -16.134 -2.984  1.140   1.00 54.22 ? 11  DC  A O2    1 
ATOM   221 N  N3    . DC  A 1 11 ? -16.853 -0.893  0.577   1.00 55.83 ? 11  DC  A N3    1 
ATOM   222 C  C4    . DC  A 1 11 ? -16.742 0.431   0.756   1.00 52.73 ? 11  DC  A C4    1 
ATOM   223 N  N4    . DC  A 1 11 ? -17.546 1.230   0.041   1.00 52.56 ? 11  DC  A N4    1 
ATOM   224 C  C5    . DC  A 1 11 ? -15.808 0.988   1.678   1.00 51.06 ? 11  DC  A C5    1 
ATOM   225 C  C6    . DC  A 1 11 ? -15.030 0.139   2.368   1.00 48.72 ? 11  DC  A C6    1 
ATOM   226 P  P     . DG  A 1 12 ? -10.540 -4.290  4.737   1.00 33.21 ? 12  DG  A P     1 
ATOM   227 O  OP1   . DG  A 1 12 ? -10.782 -5.704  5.105   1.00 39.09 ? 12  DG  A OP1   1 
ATOM   228 O  OP2   . DG  A 1 12 ? -10.035 -3.347  5.770   1.00 27.05 ? 12  DG  A OP2   1 
ATOM   229 O  "O5'" . DG  A 1 12 ? -9.571  -4.246  3.465   1.00 28.41 ? 12  DG  A "O5'" 1 
ATOM   230 C  "C5'" . DG  A 1 12 ? -9.763  -5.180  2.425   1.00 27.57 ? 12  DG  A "C5'" 1 
ATOM   231 C  "C4'" . DG  A 1 12 ? -8.521  -6.029  2.265   1.00 23.99 ? 12  DG  A "C4'" 1 
ATOM   232 O  "O4'" . DG  A 1 12 ? -7.456  -5.187  1.770   1.00 15.16 ? 12  DG  A "O4'" 1 
ATOM   233 C  "C3'" . DG  A 1 12 ? -7.988  -6.663  3.560   1.00 23.12 ? 12  DG  A "C3'" 1 
ATOM   234 O  "O3'" . DG  A 1 12 ? -7.559  -8.008  3.313   1.00 21.11 ? 12  DG  A "O3'" 1 
ATOM   235 C  "C2'" . DG  A 1 12 ? -6.809  -5.762  3.917   1.00 18.31 ? 12  DG  A "C2'" 1 
ATOM   236 C  "C1'" . DG  A 1 12 ? -6.314  -5.395  2.537   1.00 16.32 ? 12  DG  A "C1'" 1 
ATOM   237 N  N9    . DG  A 1 12 ? -5.481  -4.189  2.488   1.00 15.45 ? 12  DG  A N9    1 
ATOM   238 C  C8    . DG  A 1 12 ? -5.895  -2.873  2.395   1.00 12.12 ? 12  DG  A C8    1 
ATOM   239 N  N7    . DG  A 1 12 ? -4.889  -2.021  2.347   1.00 11.64 ? 12  DG  A N7    1 
ATOM   240 C  C5    . DG  A 1 12 ? -3.765  -2.829  2.419   1.00 11.04 ? 12  DG  A C5    1 
ATOM   241 C  C6    . DG  A 1 12 ? -2.398  -2.482  2.404   1.00 10.52 ? 12  DG  A C6    1 
ATOM   242 O  O6    . DG  A 1 12 ? -1.890  -1.334  2.342   1.00 10.61 ? 12  DG  A O6    1 
ATOM   243 N  N1    . DG  A 1 12 ? -1.589  -3.603  2.482   1.00 10.25 ? 12  DG  A N1    1 
ATOM   244 C  C2    . DG  A 1 12 ? -2.045  -4.914  2.551   1.00 14.32 ? 12  DG  A C2    1 
ATOM   245 N  N2    . DG  A 1 12 ? -1.106  -5.879  2.616   1.00 10.58 ? 12  DG  A N2    1 
ATOM   246 N  N3    . DG  A 1 12 ? -3.317  -5.252  2.560   1.00 12.93 ? 12  DG  A N3    1 
ATOM   247 C  C4    . DG  A 1 12 ? -4.120  -4.161  2.491   1.00 13.45 ? 12  DG  A C4    1 
ATOM   248 P  P     . DG  A 1 13 ? -7.212  -8.981  4.552   1.00 27.33 ? 13  DG  A P     1 
ATOM   249 O  OP1   . DG  A 1 13 ? -7.559  -10.341 4.130   1.00 30.65 ? 13  DG  A OP1   1 
ATOM   250 O  OP2   . DG  A 1 13 ? -7.792  -8.377  5.779   1.00 22.47 ? 13  DG  A OP2   1 
ATOM   251 O  "O5'" . DG  A 1 13 ? -5.625  -8.859  4.741   1.00 23.81 ? 13  DG  A "O5'" 1 
ATOM   252 C  "C5'" . DG  A 1 13 ? -4.737  -9.363  3.768   1.00 19.55 ? 13  DG  A "C5'" 1 
ATOM   253 C  "C4'" . DG  A 1 13 ? -3.379  -9.643  4.396   1.00 16.96 ? 13  DG  A "C4'" 1 
ATOM   254 O  "O4'" . DG  A 1 13 ? -2.597  -8.417  4.472   1.00 12.71 ? 13  DG  A "O4'" 1 
ATOM   255 C  "C3'" . DG  A 1 13 ? -3.419  -10.181 5.815   1.00 15.72 ? 13  DG  A "C3'" 1 
ATOM   256 O  "O3'" . DG  A 1 13 ? -2.338  -11.080 5.979   1.00 18.36 ? 13  DG  A "O3'" 1 
ATOM   257 C  "C2'" . DG  A 1 13 ? -3.250  -8.909  6.666   1.00 9.92  ? 13  DG  A "C2'" 1 
ATOM   258 C  "C1'" . DG  A 1 13 ? -2.254  -8.128  5.813   1.00 12.65 ? 13  DG  A "C1'" 1 
ATOM   259 N  N9    . DG  A 1 13 ? -2.279  -6.662  5.906   1.00 12.48 ? 13  DG  A N9    1 
ATOM   260 C  C8    . DG  A 1 13 ? -3.386  -5.830  5.873   1.00 13.27 ? 13  DG  A C8    1 
ATOM   261 N  N7    . DG  A 1 13 ? -3.058  -4.545  5.844   1.00 11.95 ? 13  DG  A N7    1 
ATOM   262 C  C5    . DG  A 1 13 ? -1.668  -4.554  5.831   1.00 8.20  ? 13  DG  A C5    1 
ATOM   263 C  C6    . DG  A 1 13 ? -0.742  -3.469  5.798   1.00 7.81  ? 13  DG  A C6    1 
ATOM   264 O  O6    . DG  A 1 13 ? -0.986  -2.257  5.770   1.00 7.84  ? 13  DG  A O6    1 
ATOM   265 N  N1    . DG  A 1 13 ? 0.582   -3.915  5.785   1.00 7.77  ? 13  DG  A N1    1 
ATOM   266 C  C2    . DG  A 1 13 ? 0.964   -5.230  5.807   1.00 11.03 ? 13  DG  A C2    1 
ATOM   267 N  N2    . DG  A 1 13 ? 2.284   -5.466  5.819   1.00 7.72  ? 13  DG  A N2    1 
ATOM   268 N  N3    . DG  A 1 13 ? 0.116   -6.245  5.834   1.00 11.51 ? 13  DG  A N3    1 
ATOM   269 C  C4    . DG  A 1 13 ? -1.183  -5.836  5.841   1.00 8.36  ? 13  DG  A C4    1 
ATOM   270 P  P     A DA  A 1 14 ? -2.251  -11.991 7.293   0.50 21.09 ? 14  DA  A P     1 
ATOM   271 P  P     B DA  A 1 14 ? -2.130  -11.875 7.359   0.50 20.80 ? 14  DA  A P     1 
ATOM   272 O  OP1   A DA  A 1 14 ? -1.710  -13.319 6.927   0.50 21.49 ? 14  DA  A OP1   1 
ATOM   273 O  OP1   B DA  A 1 14 ? -1.350  -13.095 7.050   0.50 20.71 ? 14  DA  A OP1   1 
ATOM   274 O  OP2   A DA  A 1 14 ? -3.557  -11.886 7.975   0.50 21.73 ? 14  DA  A OP2   1 
ATOM   275 O  OP2   B DA  A 1 14 ? -3.449  -11.993 8.010   0.50 21.62 ? 14  DA  A OP2   1 
ATOM   276 O  "O5'" A DA  A 1 14 ? -1.172  -11.238 8.182   0.50 17.74 ? 14  DA  A "O5'" 1 
ATOM   277 O  "O5'" B DA  A 1 14 ? -1.233  -10.901 8.246   0.50 18.10 ? 14  DA  A "O5'" 1 
ATOM   278 C  "C5'" A DA  A 1 14 ? -0.032  -10.649 7.570   0.50 14.58 ? 14  DA  A "C5'" 1 
ATOM   279 C  "C5'" B DA  A 1 14 ? 0.026   -10.448 7.762   0.50 14.45 ? 14  DA  A "C5'" 1 
ATOM   280 C  "C4'" A DA  A 1 14 ? 0.717   -9.833  8.591   0.50 14.71 ? 14  DA  A "C4'" 1 
ATOM   281 C  "C4'" B DA  A 1 14 ? 0.506   -9.248  8.559   0.50 14.82 ? 14  DA  A "C4'" 1 
ATOM   282 O  "O4'" A DA  A 1 14 ? 0.372   -8.422  8.450   0.50 13.61 ? 14  DA  A "O4'" 1 
ATOM   283 O  "O4'" B DA  A 1 14 ? -0.388  -8.122  8.348   0.50 16.12 ? 14  DA  A "O4'" 1 
ATOM   284 C  "C3'" A DA  A 1 14 ? 0.384   -10.221 10.027  0.50 15.16 ? 14  DA  A "C3'" 1 
ATOM   285 C  "C3'" B DA  A 1 14 ? 0.568   -9.470  10.072  0.50 15.91 ? 14  DA  A "C3'" 1 
ATOM   286 O  "O3'" A DA  A 1 14 ? 1.554   -10.389 10.771  0.50 13.08 ? 14  DA  A "O3'" 1 
ATOM   287 O  "O3'" B DA  A 1 14 ? 1.825   -9.071  10.560  0.50 16.85 ? 14  DA  A "O3'" 1 
ATOM   288 C  "C2'" A DA  A 1 14 ? -0.450  -9.049  10.544  0.50 15.53 ? 14  DA  A "C2'" 1 
ATOM   289 C  "C2'" B DA  A 1 14 ? -0.551  -8.579  10.623  0.50 15.60 ? 14  DA  A "C2'" 1 
ATOM   290 C  "C1'" A DA  A 1 14 ? 0.069   -7.881  9.716   0.50 13.56 ? 14  DA  A "C1'" 1 
ATOM   291 C  "C1'" B DA  A 1 14 ? -0.635  -7.475  9.578   0.50 15.38 ? 14  DA  A "C1'" 1 
ATOM   292 N  N9    A DA  A 1 14 ? -0.945  -6.829  9.565   0.50 14.44 ? 14  DA  A N9    1 
ATOM   293 N  N9    B DA  A 1 14 ? -1.962  -6.838  9.531   0.50 16.53 ? 14  DA  A N9    1 
ATOM   294 C  C8    A DA  A 1 14 ? -2.299  -7.007  9.593   0.50 17.29 ? 14  DA  A C8    1 
ATOM   295 C  C8    B DA  A 1 14 ? -3.176  -7.469  9.618   0.50 17.84 ? 14  DA  A C8    1 
ATOM   296 N  N7    A DA  A 1 14 ? -2.985  -5.899  9.460   0.50 18.95 ? 14  DA  A N7    1 
ATOM   297 N  N7    B DA  A 1 14 ? -4.212  -6.659  9.558   0.50 19.57 ? 14  DA  A N7    1 
ATOM   298 C  C5    A DA  A 1 14 ? -2.024  -4.922  9.339   0.50 16.84 ? 14  DA  A C5    1 
ATOM   299 C  C5    B DA  A 1 14 ? -3.639  -5.397  9.437   0.50 18.77 ? 14  DA  A C5    1 
ATOM   300 C  C6    A DA  A 1 14 ? -2.118  -3.529  9.172   0.50 20.08 ? 14  DA  A C6    1 
ATOM   301 C  C6    B DA  A 1 14 ? -4.200  -4.103  9.320   0.50 21.36 ? 14  DA  A C6    1 
ATOM   302 N  N6    A DA  A 1 14 ? -3.294  -2.877  9.090   0.50 19.86 ? 14  DA  A N6    1 
ATOM   303 N  N6    B DA  A 1 14 ? -5.524  -3.861  9.324   0.50 25.20 ? 14  DA  A N6    1 
ATOM   304 N  N1    A DA  A 1 14 ? -0.962  -2.827  9.092   0.50 15.37 ? 14  DA  A N1    1 
ATOM   305 N  N1    B DA  A 1 14 ? -3.349  -3.064  9.211   0.50 19.69 ? 14  DA  A N1    1 
ATOM   306 C  C2    A DA  A 1 14 ? 0.200   -3.501  9.173   0.50 17.98 ? 14  DA  A C2    1 
ATOM   307 C  C2    B DA  A 1 14 ? -2.021  -3.308  9.212   0.50 20.59 ? 14  DA  A C2    1 
ATOM   308 N  N3    A DA  A 1 14 ? 0.408   -4.819  9.331   0.50 16.65 ? 14  DA  A N3    1 
ATOM   309 N  N3    B DA  A 1 14 ? -1.380  -4.477  9.307   0.50 17.16 ? 14  DA  A N3    1 
ATOM   310 C  C4    A DA  A 1 14 ? -0.751  -5.476  9.404   0.50 15.24 ? 14  DA  A C4    1 
ATOM   311 C  C4    B DA  A 1 14 ? -2.251  -5.488  9.416   0.50 16.85 ? 14  DA  A C4    1 
ATOM   312 O  "O5'" . DG  B 1 1  ? 8.678   0.521   0.063   1.00 21.64 ? 1   DG  B "O5'" 1 
ATOM   313 C  "C5'" . DG  B 1 1  ? 9.391   -0.278  0.964   1.00 20.56 ? 1   DG  B "C5'" 1 
ATOM   314 C  "C4'" . DG  B 1 1  ? 9.617   -1.670  0.400   1.00 23.76 ? 1   DG  B "C4'" 1 
ATOM   315 O  "O4'" . DG  B 1 1  ? 8.386   -2.444  0.429   1.00 21.60 ? 1   DG  B "O4'" 1 
ATOM   316 C  "C3'" . DG  B 1 1  ? 10.129  -1.750  -1.028  1.00 27.85 ? 1   DG  B "C3'" 1 
ATOM   317 O  "O3'" . DG  B 1 1  ? 11.051  -2.840  -1.081  1.00 34.62 ? 1   DG  B "O3'" 1 
ATOM   318 C  "C2'" . DG  B 1 1  ? 8.842   -2.029  -1.833  1.00 27.80 ? 1   DG  B "C2'" 1 
ATOM   319 C  "C1'" . DG  B 1 1  ? 8.074   -2.926  -0.867  1.00 19.72 ? 1   DG  B "C1'" 1 
ATOM   320 N  N9    . DG  B 1 1  ? 6.605   -2.911  -0.954  1.00 17.30 ? 1   DG  B N9    1 
ATOM   321 C  C8    . DG  B 1 1  ? 5.772   -4.009  -0.867  1.00 16.16 ? 1   DG  B C8    1 
ATOM   322 N  N7    . DG  B 1 1  ? 4.497   -3.705  -0.876  1.00 14.50 ? 1   DG  B N7    1 
ATOM   323 C  C5    . DG  B 1 1  ? 4.484   -2.316  -0.946  1.00 13.57 ? 1   DG  B C5    1 
ATOM   324 C  C6    . DG  B 1 1  ? 3.386   -1.421  -0.987  1.00 12.87 ? 1   DG  B C6    1 
ATOM   325 O  O6    . DG  B 1 1  ? 2.175   -1.689  -0.969  1.00 15.10 ? 1   DG  B O6    1 
ATOM   326 N  N1    . DG  B 1 1  ? 3.800   -0.099  -1.045  1.00 14.93 ? 1   DG  B N1    1 
ATOM   327 C  C2    . DG  B 1 1  ? 5.116   0.307   -1.071  1.00 13.39 ? 1   DG  B C2    1 
ATOM   328 N  N2    . DG  B 1 1  ? 5.320   1.617   -1.139  1.00 14.07 ? 1   DG  B N2    1 
ATOM   329 N  N3    . DG  B 1 1  ? 6.156   -0.520  -1.026  1.00 15.21 ? 1   DG  B N3    1 
ATOM   330 C  C4    . DG  B 1 1  ? 5.769   -1.812  -0.969  1.00 14.79 ? 1   DG  B C4    1 
ATOM   331 P  P     . DG  B 1 2  ? 11.864  -3.193  -2.414  1.00 38.47 ? 2   DG  B P     1 
ATOM   332 O  OP1   . DG  B 1 2  ? 12.963  -4.105  -2.023  1.00 43.99 ? 2   DG  B OP1   1 
ATOM   333 O  OP2   . DG  B 1 2  ? 12.150  -1.925  -3.115  1.00 39.89 ? 2   DG  B OP2   1 
ATOM   334 O  "O5'" . DG  B 1 2  ? 10.817  -4.022  -3.290  1.00 33.65 ? 2   DG  B "O5'" 1 
ATOM   335 C  "C5'" . DG  B 1 2  ? 10.317  -5.266  -2.810  1.00 33.91 ? 2   DG  B "C5'" 1 
ATOM   336 C  "C4'" . DG  B 1 2  ? 9.255   -5.809  -3.744  1.00 36.44 ? 2   DG  B "C4'" 1 
ATOM   337 O  "O4'" . DG  B 1 2  ? 7.991   -5.142  -3.490  1.00 34.28 ? 2   DG  B "O4'" 1 
ATOM   338 C  "C3'" . DG  B 1 2  ? 9.548   -5.606  -5.238  1.00 42.71 ? 2   DG  B "C3'" 1 
ATOM   339 O  "O3'" . DG  B 1 2  ? 9.462   -6.843  -5.921  1.00 51.51 ? 2   DG  B "O3'" 1 
ATOM   340 C  "C2'" . DG  B 1 2  ? 8.448   -4.646  -5.694  1.00 38.93 ? 2   DG  B "C2'" 1 
ATOM   341 C  "C1'" . DG  B 1 2  ? 7.335   -4.990  -4.719  1.00 34.19 ? 2   DG  B "C1'" 1 
ATOM   342 N  N9    . DG  B 1 2  ? 6.309   -3.952  -4.616  1.00 26.48 ? 2   DG  B N9    1 
ATOM   343 C  C8    . DG  B 1 2  ? 6.497   -2.599  -4.742  1.00 26.03 ? 2   DG  B C8    1 
ATOM   344 N  N7    . DG  B 1 2  ? 5.396   -1.908  -4.637  1.00 24.61 ? 2   DG  B N7    1 
ATOM   345 C  C5    . DG  B 1 2  ? 4.413   -2.860  -4.429  1.00 23.00 ? 2   DG  B C5    1 
ATOM   346 C  C6    . DG  B 1 2  ? 3.022   -2.694  -4.242  1.00 23.13 ? 2   DG  B C6    1 
ATOM   347 O  O6    . DG  B 1 2  ? 2.376   -1.636  -4.217  1.00 19.47 ? 2   DG  B O6    1 
ATOM   348 N  N1    . DG  B 1 2  ? 2.373   -3.915  -4.078  1.00 21.84 ? 2   DG  B N1    1 
ATOM   349 C  C2    . DG  B 1 2  ? 2.993   -5.137  -4.081  1.00 20.40 ? 2   DG  B C2    1 
ATOM   350 N  N2    . DG  B 1 2  ? 2.196   -6.202  -3.896  1.00 22.10 ? 2   DG  B N2    1 
ATOM   351 N  N3    . DG  B 1 2  ? 4.305   -5.308  -4.253  1.00 22.16 ? 2   DG  B N3    1 
ATOM   352 C  C4    . DG  B 1 2  ? 4.950   -4.127  -4.421  1.00 24.81 ? 2   DG  B C4    1 
ATOM   353 P  P     . DC  B 1 3  ? 10.712  -7.854  -5.938  1.00 55.06 ? 3   DC  B P     1 
ATOM   354 O  OP1   . DC  B 1 3  ? 10.385  -8.943  -4.987  1.00 53.47 ? 3   DC  B OP1   1 
ATOM   355 O  OP2   . DC  B 1 3  ? 11.977  -7.091  -5.820  1.00 52.27 ? 3   DC  B OP2   1 
ATOM   356 O  "O5'" . DC  B 1 3  ? 10.685  -8.465  -7.406  1.00 60.90 ? 3   DC  B "O5'" 1 
ATOM   357 C  "C5'" . DC  B 1 3  ? 10.582  -7.619  -8.528  1.00 63.80 ? 3   DC  B "C5'" 1 
ATOM   358 C  "C4'" . DC  B 1 3  ? 9.492   -8.121  -9.448  1.00 67.74 ? 3   DC  B "C4'" 1 
ATOM   359 O  "O4'" . DC  B 1 3  ? 9.805   -9.474  -9.885  1.00 70.83 ? 3   DC  B "O4'" 1 
ATOM   360 C  "C3'" . DC  B 1 3  ? 8.109   -8.195  -8.804  1.00 67.51 ? 3   DC  B "C3'" 1 
ATOM   361 O  "O3'" . DC  B 1 3  ? 7.139   -7.765  -9.728  1.00 71.82 ? 3   DC  B "O3'" 1 
ATOM   362 C  "C2'" . DC  B 1 3  ? 7.952   -9.680  -8.484  1.00 68.53 ? 3   DC  B "C2'" 1 
ATOM   363 C  "C1'" . DC  B 1 3  ? 8.681   -10.299 -9.661  1.00 72.61 ? 3   DC  B "C1'" 1 
ATOM   364 N  N1    . DC  B 1 3  ? 9.125   -11.727 -9.444  1.00 77.13 ? 3   DC  B N1    1 
ATOM   365 C  C2    . DC  B 1 3  ? 10.215  -12.024 -8.602  1.00 78.87 ? 3   DC  B C2    1 
ATOM   366 O  O2    . DC  B 1 3  ? 10.822  -11.108 -8.041  1.00 80.04 ? 3   DC  B O2    1 
ATOM   367 N  N3    . DC  B 1 3  ? 10.583  -13.320 -8.436  1.00 79.75 ? 3   DC  B N3    1 
ATOM   368 C  C4    . DC  B 1 3  ? 9.912   -14.292 -9.057  1.00 81.48 ? 3   DC  B C4    1 
ATOM   369 N  N4    . DC  B 1 3  ? 10.309  -15.556 -8.858  1.00 81.83 ? 3   DC  B N4    1 
ATOM   370 C  C5    . DC  B 1 3  ? 8.800   -14.012 -9.909  1.00 82.02 ? 3   DC  B C5    1 
ATOM   371 C  C6    . DC  B 1 3  ? 8.447   -12.732 -10.072 1.00 80.06 ? 3   DC  B C6    1 
ATOM   372 P  P     . DT  B 1 4  ? 5.702   -7.279  -9.215  1.00 73.01 ? 4   DT  B P     1 
ATOM   373 O  OP1   . DT  B 1 4  ? 5.393   -6.021  -9.932  1.00 75.96 ? 4   DT  B OP1   1 
ATOM   374 O  OP2   . DT  B 1 4  ? 5.721   -7.292  -7.734  1.00 69.52 ? 4   DT  B OP2   1 
ATOM   375 O  "O5'" . DT  B 1 4  ? 4.714   -8.439  -9.704  1.00 78.88 ? 4   DT  B "O5'" 1 
ATOM   376 C  "C5'" . DT  B 1 4  ? 4.055   -8.335  -10.968 1.00 86.74 ? 4   DT  B "C5'" 1 
ATOM   377 C  "C4'" . DT  B 1 4  ? 2.539   -8.307  -10.794 1.00 90.75 ? 4   DT  B "C4'" 1 
ATOM   378 O  "O4'" . DT  B 1 4  ? 2.134   -7.026  -10.273 1.00 90.56 ? 4   DT  B "O4'" 1 
ATOM   379 C  "C3'" . DT  B 1 4  ? 1.737   -8.504  -12.085 1.00 92.96 ? 4   DT  B "C3'" 1 
ATOM   380 O  "O3'" . DT  B 1 4  ? 1.175   -9.860  -12.197 1.00 91.94 ? 4   DT  B "O3'" 1 
ATOM   381 C  "C2'" . DT  B 1 4  ? 0.643   -7.411  -12.050 1.00 92.94 ? 4   DT  B "C2'" 1 
ATOM   382 C  "C1'" . DT  B 1 4  ? 0.812   -6.780  -10.666 1.00 90.20 ? 4   DT  B "C1'" 1 
ATOM   383 N  N1    . DT  B 1 4  ? 0.522   -5.284  -10.608 1.00 89.19 ? 4   DT  B N1    1 
ATOM   384 C  C2    . DT  B 1 4  ? 1.559   -4.357  -10.659 1.00 90.09 ? 4   DT  B C2    1 
ATOM   385 O  O2    . DT  B 1 4  ? 2.737   -4.653  -10.761 1.00 90.32 ? 4   DT  B O2    1 
ATOM   386 N  N3    . DT  B 1 4  ? 1.156   -3.045  -10.594 1.00 90.78 ? 4   DT  B N3    1 
ATOM   387 C  C4    . DT  B 1 4  ? -0.137  -2.566  -10.481 1.00 89.79 ? 4   DT  B C4    1 
ATOM   388 O  O4    . DT  B 1 4  ? -0.389  -1.364  -10.429 1.00 88.32 ? 4   DT  B O4    1 
ATOM   389 C  C5    . DT  B 1 4  ? -1.168  -3.580  -10.425 1.00 89.90 ? 4   DT  B C5    1 
ATOM   390 C  C7    . DT  B 1 4  ? -2.611  -3.186  -10.300 1.00 89.22 ? 4   DT  B C7    1 
ATOM   391 C  C6    . DT  B 1 4  ? -0.791  -4.869  -10.493 1.00 89.58 ? 4   DT  B C6    1 
ATOM   392 P  P     . DC  B 1 5  ? 1.067   -10.894 -10.956 1.00 90.01 ? 5   DC  B P     1 
ATOM   393 O  OP1   . DC  B 1 5  ? 2.360   -11.161 -10.288 1.00 88.57 ? 5   DC  B OP1   1 
ATOM   394 O  OP2   . DC  B 1 5  ? 0.381   -12.069 -11.527 1.00 92.72 ? 5   DC  B OP2   1 
ATOM   395 O  "O5'" . DC  B 1 5  ? 0.010   -10.219 -9.962  1.00 88.20 ? 5   DC  B "O5'" 1 
ATOM   396 C  "C5'" . DC  B 1 5  ? -1.382  -10.506 -10.125 1.00 90.34 ? 5   DC  B "C5'" 1 
ATOM   397 C  "C4'" . DC  B 1 5  ? -2.206  -9.985  -8.957  1.00 89.03 ? 5   DC  B "C4'" 1 
ATOM   398 O  "O4'" . DC  B 1 5  ? -1.318  -9.505  -7.910  1.00 86.58 ? 5   DC  B "O4'" 1 
ATOM   399 C  "C3'" . DC  B 1 5  ? -3.124  -8.810  -9.296  1.00 88.95 ? 5   DC  B "C3'" 1 
ATOM   400 O  "O3'" . DC  B 1 5  ? -4.310  -8.839  -8.470  1.00 85.32 ? 5   DC  B "O3'" 1 
ATOM   401 C  "C2'" . DC  B 1 5  ? -2.240  -7.615  -8.975  1.00 88.09 ? 5   DC  B "C2'" 1 
ATOM   402 C  "C1'" . DC  B 1 5  ? -1.487  -8.109  -7.739  1.00 86.19 ? 5   DC  B "C1'" 1 
ATOM   403 N  N1    . DC  B 1 5  ? -0.135  -7.493  -7.563  1.00 85.78 ? 5   DC  B N1    1 
ATOM   404 C  C2    . DC  B 1 5  ? -0.004  -6.096  -7.465  1.00 85.89 ? 5   DC  B C2    1 
ATOM   405 O  O2    . DC  B 1 5  ? -1.014  -5.379  -7.530  1.00 84.63 ? 5   DC  B O2    1 
ATOM   406 N  N3    . DC  B 1 5  ? 1.237   -5.564  -7.304  1.00 86.59 ? 5   DC  B N3    1 
ATOM   407 C  C4    . DC  B 1 5  ? 2.305   -6.360  -7.234  1.00 86.07 ? 5   DC  B C4    1 
ATOM   408 N  N4    . DC  B 1 5  ? 3.505   -5.784  -7.079  1.00 84.64 ? 5   DC  B N4    1 
ATOM   409 C  C5    . DC  B 1 5  ? 2.191   -7.782  -7.324  1.00 86.10 ? 5   DC  B C5    1 
ATOM   410 C  C6    . DC  B 1 5  ? 0.966   -8.298  -7.487  1.00 85.61 ? 5   DC  B C6    1 
ATOM   411 P  P     . DG  B 1 6  ? -5.524  -7.804  -8.718  1.00 79.69 ? 6   DG  B P     1 
ATOM   412 O  OP1   . DG  B 1 6  ? -6.780  -8.585  -8.639  1.00 81.98 ? 6   DG  B OP1   1 
ATOM   413 O  OP2   . DG  B 1 6  ? -5.222  -7.030  -9.944  1.00 82.10 ? 6   DG  B OP2   1 
ATOM   414 O  "O5'" . DG  B 1 6  ? -5.473  -6.808  -7.454  1.00 64.06 ? 6   DG  B "O5'" 1 
ATOM   415 C  "C5'" . DG  B 1 6  ? -6.096  -7.170  -6.207  1.00 50.34 ? 6   DG  B "C5'" 1 
ATOM   416 C  "C4'" . DG  B 1 6  ? -5.464  -8.424  -5.630  1.00 40.62 ? 6   DG  B "C4'" 1 
ATOM   417 O  "O4'" . DG  B 1 6  ? -4.029  -8.251  -5.566  1.00 38.83 ? 6   DG  B "O4'" 1 
ATOM   418 C  "C3'" . DG  B 1 6  ? -5.869  -8.758  -4.210  1.00 37.05 ? 6   DG  B "C3'" 1 
ATOM   419 O  "O3'" . DG  B 1 6  ? -5.636  -10.148 -3.967  1.00 36.75 ? 6   DG  B "O3'" 1 
ATOM   420 C  "C2'" . DG  B 1 6  ? -4.900  -7.895  -3.412  1.00 32.46 ? 6   DG  B "C2'" 1 
ATOM   421 C  "C1'" . DG  B 1 6  ? -3.625  -8.126  -4.212  1.00 33.38 ? 6   DG  B "C1'" 1 
ATOM   422 N  N9    . DG  B 1 6  ? -2.621  -7.063  -4.135  1.00 29.34 ? 6   DG  B N9    1 
ATOM   423 C  C8    . DG  B 1 6  ? -1.262  -7.240  -4.058  1.00 26.13 ? 6   DG  B C8    1 
ATOM   424 N  N7    . DG  B 1 6  ? -0.595  -6.121  -4.024  1.00 25.42 ? 6   DG  B N7    1 
ATOM   425 C  C5    . DG  B 1 6  ? -1.568  -5.140  -4.097  1.00 23.64 ? 6   DG  B C5    1 
ATOM   426 C  C6    . DG  B 1 6  ? -1.427  -3.743  -4.097  1.00 21.46 ? 6   DG  B C6    1 
ATOM   427 O  O6    . DG  B 1 6  ? -0.383  -3.089  -4.034  1.00 24.32 ? 6   DG  B O6    1 
ATOM   428 N  N1    . DG  B 1 6  ? -2.652  -3.095  -4.180  1.00 20.64 ? 6   DG  B N1    1 
ATOM   429 C  C2    . DG  B 1 6  ? -3.869  -3.731  -4.249  1.00 23.06 ? 6   DG  B C2    1 
ATOM   430 N  N2    . DG  B 1 6  ? -4.947  -2.939  -4.320  1.00 20.58 ? 6   DG  B N2    1 
ATOM   431 N  N3    . DG  B 1 6  ? -4.017  -5.051  -4.247  1.00 26.27 ? 6   DG  B N3    1 
ATOM   432 C  C4    . DG  B 1 6  ? -2.823  -5.692  -4.169  1.00 26.20 ? 6   DG  B C4    1 
ATOM   433 P  P     . DG  B 1 7  ? -6.029  -10.770 -2.539  1.00 37.89 ? 7   DG  B P     1 
ATOM   434 O  OP1   . DG  B 1 7  ? -6.272  -12.225 -2.679  1.00 41.08 ? 7   DG  B OP1   1 
ATOM   435 O  OP2   . DG  B 1 7  ? -7.073  -9.886  -1.988  1.00 40.21 ? 7   DG  B OP2   1 
ATOM   436 O  "O5'" . DG  B 1 7  ? -4.741  -10.508 -1.635  1.00 28.41 ? 7   DG  B "O5'" 1 
ATOM   437 C  "C5'" . DG  B 1 7  ? -3.490  -11.073 -1.966  1.00 24.39 ? 7   DG  B "C5'" 1 
ATOM   438 C  "C4'" . DG  B 1 7  ? -2.430  -10.476 -1.071  1.00 22.42 ? 7   DG  B "C4'" 1 
ATOM   439 O  "O4'" . DG  B 1 7  ? -2.167  -9.100  -1.483  1.00 19.62 ? 7   DG  B "O4'" 1 
ATOM   440 C  "C3'" . DG  B 1 7  ? -2.827  -10.398 0.418   1.00 18.84 ? 7   DG  B "C3'" 1 
ATOM   441 O  "O3'" . DG  B 1 7  ? -1.807  -10.929 1.239   1.00 18.75 ? 7   DG  B "O3'" 1 
ATOM   442 C  "C2'" . DG  B 1 7  ? -2.982  -8.899  0.659   1.00 17.93 ? 7   DG  B "C2'" 1 
ATOM   443 C  "C1'" . DG  B 1 7  ? -1.946  -8.369  -0.314  1.00 16.98 ? 7   DG  B "C1'" 1 
ATOM   444 N  N9    . DG  B 1 7  ? -2.037  -6.930  -0.540  1.00 17.09 ? 7   DG  B N9    1 
ATOM   445 C  C8    . DG  B 1 7  ? -3.169  -6.144  -0.573  1.00 18.01 ? 7   DG  B C8    1 
ATOM   446 N  N7    . DG  B 1 7  ? -2.903  -4.855  -0.723  1.00 13.72 ? 7   DG  B N7    1 
ATOM   447 C  C5    . DG  B 1 7  ? -1.516  -4.805  -0.771  1.00 15.45 ? 7   DG  B C5    1 
ATOM   448 C  C6    . DG  B 1 7  ? -0.639  -3.693  -0.903  1.00 13.12 ? 7   DG  B C6    1 
ATOM   449 O  O6    . DG  B 1 7  ? -0.932  -2.487  -1.019  1.00 13.28 ? 7   DG  B O6    1 
ATOM   450 N  N1    . DG  B 1 7  ? 0.696   -4.097  -0.903  1.00 15.28 ? 7   DG  B N1    1 
ATOM   451 C  C2    . DG  B 1 7  ? 1.120   -5.408  -0.776  1.00 17.47 ? 7   DG  B C2    1 
ATOM   452 N  N2    . DG  B 1 7  ? 2.437   -5.625  -0.789  1.00 17.89 ? 7   DG  B N2    1 
ATOM   453 N  N3    . DG  B 1 7  ? 0.309   -6.439  -0.636  1.00 13.54 ? 7   DG  B N3    1 
ATOM   454 C  C4    . DG  B 1 7  ? -0.978  -6.069  -0.637  1.00 13.34 ? 7   DG  B C4    1 
ATOM   455 P  P     . DC  B 1 8  ? -1.843  -12.485 1.655   1.00 19.58 ? 8   DC  B P     1 
ATOM   456 O  OP1   . DC  B 1 8  ? -1.828  -13.229 0.397   1.00 16.61 ? 8   DC  B OP1   1 
ATOM   457 O  OP2   . DC  B 1 8  ? -2.898  -12.669 2.652   1.00 16.19 ? 8   DC  B OP2   1 
ATOM   458 O  "O5'" . DC  B 1 8  ? -0.451  -12.694 2.405   1.00 21.50 ? 8   DC  B "O5'" 1 
ATOM   459 C  "C5'" . DC  B 1 8  ? -0.299  -12.309 3.752   1.00 23.16 ? 8   DC  B "C5'" 1 
ATOM   460 C  "C4'" . DC  B 1 8  ? 1.014   -12.850 4.299   1.00 23.11 ? 8   DC  B "C4'" 1 
ATOM   461 O  "O4'" . DC  B 1 8  ? 0.928   -14.299 4.379   1.00 23.27 ? 8   DC  B "O4'" 1 
ATOM   462 C  "C3'" . DC  B 1 8  ? 2.232   -12.571 3.432   1.00 18.34 ? 8   DC  B "C3'" 1 
ATOM   463 O  "O3'" . DC  B 1 8  ? 3.381   -12.495 4.247   1.00 24.07 ? 8   DC  B "O3'" 1 
ATOM   464 C  "C2'" . DC  B 1 8  ? 2.287   -13.797 2.533   1.00 22.64 ? 8   DC  B "C2'" 1 
ATOM   465 C  "C1'" . DC  B 1 8  ? 1.874   -14.886 3.515   1.00 23.52 ? 8   DC  B "C1'" 1 
ATOM   466 N  N1    . DC  B 1 8  ? 1.241   -16.068 2.882   1.00 25.55 ? 8   DC  B N1    1 
ATOM   467 C  C2    . DC  B 1 8  ? 1.687   -17.344 3.219   1.00 25.13 ? 8   DC  B C2    1 
ATOM   468 O  O2    . DC  B 1 8  ? 2.613   -17.462 4.032   1.00 28.33 ? 8   DC  B O2    1 
ATOM   469 N  N3    . DC  B 1 8  ? 1.094   -18.415 2.651   1.00 23.60 ? 8   DC  B N3    1 
ATOM   470 C  C4    . DC  B 1 8  ? 0.101   -18.251 1.782   1.00 26.28 ? 8   DC  B C4    1 
ATOM   471 N  N4    . DC  B 1 8  ? -0.453  -19.354 1.240   1.00 23.40 ? 8   DC  B N4    1 
ATOM   472 C  C5    . DC  B 1 8  ? -0.374  -16.957 1.427   1.00 25.66 ? 8   DC  B C5    1 
ATOM   473 C  C6    . DC  B 1 8  ? 0.221   -15.903 1.994   1.00 28.41 ? 8   DC  B C6    1 
ATOM   474 P  P     . DG  B 1 9  ? 3.912   -11.069 4.752   1.00 19.98 ? 9   DG  B P     1 
ATOM   475 O  OP1   . DG  B 1 9  ? 5.303   -11.241 5.220   1.00 22.07 ? 9   DG  B OP1   1 
ATOM   476 O  OP2   . DG  B 1 9  ? 2.864   -10.537 5.655   1.00 17.58 ? 9   DG  B OP2   1 
ATOM   477 O  "O5'" . DG  B 1 9  ? 3.964   -10.192 3.431   1.00 17.77 ? 9   DG  B "O5'" 1 
ATOM   478 C  "C5'" . DG  B 1 9  ? 4.918   -10.444 2.448   1.00 19.81 ? 9   DG  B "C5'" 1 
ATOM   479 C  "C4'" . DG  B 1 9  ? 5.665   -9.165  2.129   1.00 19.06 ? 9   DG  B "C4'" 1 
ATOM   480 O  "O4'" . DG  B 1 9  ? 4.721   -8.165  1.675   1.00 18.42 ? 9   DG  B "O4'" 1 
ATOM   481 C  "C3'" . DG  B 1 9  ? 6.394   -8.543  3.322   1.00 16.74 ? 9   DG  B "C3'" 1 
ATOM   482 O  "O3'" . DG  B 1 9  ? 7.719   -8.222  2.945   1.00 20.89 ? 9   DG  B "O3'" 1 
ATOM   483 C  "C2'" . DG  B 1 9  ? 5.582   -7.274  3.625   1.00 13.37 ? 9   DG  B "C2'" 1 
ATOM   484 C  "C1'" . DG  B 1 9  ? 5.055   -6.933  2.244   1.00 12.54 ? 9   DG  B "C1'" 1 
ATOM   485 N  N9    . DG  B 1 9  ? 3.858   -6.093  2.274   1.00 14.29 ? 9   DG  B N9    1 
ATOM   486 C  C8    . DG  B 1 9  ? 2.548   -6.503  2.330   1.00 13.71 ? 9   DG  B C8    1 
ATOM   487 N  N7    . DG  B 1 9  ? 1.691   -5.508  2.361   1.00 12.05 ? 9   DG  B N7    1 
ATOM   488 C  C5    . DG  B 1 9  ? 2.499   -4.376  2.319   1.00 12.37 ? 9   DG  B C5    1 
ATOM   489 C  C6    . DG  B 1 9  ? 2.149   -3.006  2.335   1.00 13.31 ? 9   DG  B C6    1 
ATOM   490 O  O6    . DG  B 1 9  ? 1.000   -2.505  2.384   1.00 9.74  ? 9   DG  B O6    1 
ATOM   491 N  N1    . DG  B 1 9  ? 3.287   -2.185  2.279   1.00 15.22 ? 9   DG  B N1    1 
ATOM   492 C  C2    . DG  B 1 9  ? 4.593   -2.657  2.237   1.00 13.19 ? 9   DG  B C2    1 
ATOM   493 N  N2    . DG  B 1 9  ? 5.562   -1.744  2.195   1.00 15.57 ? 9   DG  B N2    1 
ATOM   494 N  N3    . DG  B 1 9  ? 4.914   -3.934  2.236   1.00 15.45 ? 9   DG  B N3    1 
ATOM   495 C  C4    . DG  B 1 9  ? 3.830   -4.729  2.272   1.00 12.72 ? 9   DG  B C4    1 
ATOM   496 P  P     . DG  B 1 10 ? 8.707   -7.565  4.019   1.00 21.92 ? 10  DG  B P     1 
ATOM   497 O  OP1   . DG  B 1 10 ? 10.076  -7.704  3.494   1.00 24.30 ? 10  DG  B OP1   1 
ATOM   498 O  OP2   . DG  B 1 10 ? 8.329   -8.029  5.374   1.00 17.64 ? 10  DG  B OP2   1 
ATOM   499 O  "O5'" . DG  B 1 10 ? 8.334   -6.012  3.976   1.00 15.96 ? 10  DG  B "O5'" 1 
ATOM   500 C  "C5'" . DG  B 1 10 ? 8.744   -5.211  2.884   1.00 18.81 ? 10  DG  B "C5'" 1 
ATOM   501 C  "C4'" . DG  B 1 10 ? 9.172   -3.828  3.349   1.00 16.65 ? 10  DG  B "C4'" 1 
ATOM   502 O  "O4'" . DG  B 1 10 ? 8.006   -3.003  3.567   1.00 18.01 ? 10  DG  B "O4'" 1 
ATOM   503 C  "C3'" . DG  B 1 10 ? 9.930   -3.776  4.667   1.00 14.71 ? 10  DG  B "C3'" 1 
ATOM   504 O  "O3'" . DG  B 1 10 ? 10.728  -2.634  4.670   1.00 23.99 ? 10  DG  B "O3'" 1 
ATOM   505 C  "C2'" . DG  B 1 10 ? 8.794   -3.616  5.672   1.00 14.42 ? 10  DG  B "C2'" 1 
ATOM   506 C  "C1'" . DG  B 1 10 ? 7.924   -2.619  4.930   1.00 14.59 ? 10  DG  B "C1'" 1 
ATOM   507 N  N9    . DG  B 1 10 ? 6.501   -2.666  5.220   1.00 15.53 ? 10  DG  B N9    1 
ATOM   508 C  C8    . DG  B 1 10 ? 5.704   -3.779  5.242   1.00 10.41 ? 10  DG  B C8    1 
ATOM   509 N  N7    . DG  B 1 10 ? 4.434   -3.491  5.405   1.00 13.35 ? 10  DG  B N7    1 
ATOM   510 C  C5    . DG  B 1 10 ? 4.407   -2.094  5.428   1.00 10.68 ? 10  DG  B C5    1 
ATOM   511 C  C6    . DG  B 1 10 ? 3.302   -1.210  5.557   1.00 11.16 ? 10  DG  B C6    1 
ATOM   512 O  O6    . DG  B 1 10 ? 2.099   -1.505  5.680   1.00 7.38  ? 10  DG  B O6    1 
ATOM   513 N  N1    . DG  B 1 10 ? 3.702   0.123   5.537   1.00 11.13 ? 10  DG  B N1    1 
ATOM   514 C  C2    . DG  B 1 10 ? 5.008   0.547   5.413   1.00 10.46 ? 10  DG  B C2    1 
ATOM   515 N  N2    . DG  B 1 10 ? 5.202   1.861   5.419   1.00 8.24  ? 10  DG  B N2    1 
ATOM   516 N  N3    . DG  B 1 10 ? 6.050   -0.279  5.265   1.00 8.60  ? 10  DG  B N3    1 
ATOM   517 C  C4    . DG  B 1 10 ? 5.662   -1.581  5.285   1.00 7.76  ? 10  DG  B C4    1 
ATOM   518 P  P     . DC  B 1 11 ? 12.327  -2.751  4.642   1.00 25.43 ? 11  DC  B P     1 
ATOM   519 O  OP1   . DC  B 1 11 ? 12.719  -3.425  3.385   1.00 26.06 ? 11  DC  B OP1   1 
ATOM   520 O  OP2   . DC  B 1 11 ? 12.757  -3.309  5.935   1.00 23.89 ? 11  DC  B OP2   1 
ATOM   521 O  "O5'" . DC  B 1 11 ? 12.795  -1.250  4.513   1.00 19.92 ? 11  DC  B "O5'" 1 
ATOM   522 C  "C5'" . DC  B 1 11 ? 12.443  -0.315  5.493   1.00 21.58 ? 11  DC  B "C5'" 1 
ATOM   523 C  "C4'" . DC  B 1 11 ? 12.854  1.061   5.049   1.00 18.92 ? 11  DC  B "C4'" 1 
ATOM   524 O  "O4'" . DC  B 1 11 ? 14.291  1.086   4.868   1.00 19.79 ? 11  DC  B "O4'" 1 
ATOM   525 C  "C3'" . DC  B 1 11 ? 12.271  1.509   3.721   1.00 19.89 ? 11  DC  B "C3'" 1 
ATOM   526 O  "O3'" . DC  B 1 11 ? 12.164  2.905   3.709   1.00 20.37 ? 11  DC  B "O3'" 1 
ATOM   527 C  "C2'" . DC  B 1 11 ? 13.315  1.036   2.709   1.00 21.44 ? 11  DC  B "C2'" 1 
ATOM   528 C  "C1'" . DC  B 1 11 ? 14.615  1.166   3.495   1.00 20.28 ? 11  DC  B "C1'" 1 
ATOM   529 N  N1    . DC  B 1 11 ? 15.582  0.077   3.193   1.00 27.84 ? 11  DC  B N1    1 
ATOM   530 C  C2    . DC  B 1 11 ? 16.340  0.150   2.041   1.00 32.13 ? 11  DC  B C2    1 
ATOM   531 O  O2    . DC  B 1 11 ? 16.207  1.128   1.309   1.00 36.13 ? 11  DC  B O2    1 
ATOM   532 N  N3    . DC  B 1 11 ? 17.219  -0.846  1.764   1.00 36.18 ? 11  DC  B N3    1 
ATOM   533 C  C4    . DC  B 1 11 ? 17.332  -1.889  2.593   1.00 36.56 ? 11  DC  B C4    1 
ATOM   534 N  N4    . DC  B 1 11 ? 18.209  -2.845  2.275   1.00 41.90 ? 11  DC  B N4    1 
ATOM   535 C  C5    . DC  B 1 11 ? 16.552  -1.993  3.781   1.00 32.70 ? 11  DC  B C5    1 
ATOM   536 C  C6    . DC  B 1 11 ? 15.695  -0.996  4.040   1.00 30.51 ? 11  DC  B C6    1 
ATOM   537 P  P     . DG  B 1 12 ? 10.752  3.596   4.037   1.00 19.22 ? 12  DG  B P     1 
ATOM   538 O  OP1   . DG  B 1 12 ? 11.045  5.021   4.209   1.00 18.42 ? 12  DG  B OP1   1 
ATOM   539 O  OP2   . DG  B 1 12 ? 10.108  2.802   5.107   1.00 13.80 ? 12  DG  B OP2   1 
ATOM   540 O  "O5'" . DG  B 1 12 ? 9.883   3.350   2.710   1.00 19.31 ? 12  DG  B "O5'" 1 
ATOM   541 C  "C5'" . DG  B 1 12 ? 10.056  4.190   1.583   1.00 23.52 ? 12  DG  B "C5'" 1 
ATOM   542 C  "C4'" . DG  B 1 12 ? 8.788   4.974   1.301   1.00 21.87 ? 12  DG  B "C4'" 1 
ATOM   543 O  "O4'" . DG  B 1 12 ? 7.699   4.060   0.967   1.00 18.41 ? 12  DG  B "O4'" 1 
ATOM   544 C  "C3'" . DG  B 1 12 ? 8.284   5.808   2.475   1.00 20.55 ? 12  DG  B "C3'" 1 
ATOM   545 O  "O3'" . DG  B 1 12 ? 7.858   7.056   2.011   1.00 20.42 ? 12  DG  B "O3'" 1 
ATOM   546 C  "C2'" . DG  B 1 12 ? 7.104   4.999   3.006   1.00 18.13 ? 12  DG  B "C2'" 1 
ATOM   547 C  "C1'" . DG  B 1 12 ? 6.565   4.417   1.718   1.00 17.36 ? 12  DG  B "C1'" 1 
ATOM   548 N  N9    . DG  B 1 12 ? 5.708   3.232   1.896   1.00 13.31 ? 12  DG  B N9    1 
ATOM   549 C  C8    . DG  B 1 12 ? 6.100   1.924   1.971   1.00 13.30 ? 12  DG  B C8    1 
ATOM   550 N  N7    . DG  B 1 12 ? 5.088   1.085   2.101   1.00 12.45 ? 12  DG  B N7    1 
ATOM   551 C  C5    . DG  B 1 12 ? 3.970   1.905   2.100   1.00 11.52 ? 12  DG  B C5    1 
ATOM   552 C  C6    . DG  B 1 12 ? 2.594   1.574   2.205   1.00 10.40 ? 12  DG  B C6    1 
ATOM   553 O  O6    . DG  B 1 12 ? 2.081   0.438   2.327   1.00 11.19 ? 12  DG  B O6    1 
ATOM   554 N  N1    . DG  B 1 12 ? 1.785   2.709   2.137   1.00 10.94 ? 12  DG  B N1    1 
ATOM   555 C  C2    . DG  B 1 12 ? 2.263   4.002   1.995   1.00 14.76 ? 12  DG  B C2    1 
ATOM   556 N  N2    . DG  B 1 12 ? 1.353   4.980   1.963   1.00 13.55 ? 12  DG  B N2    1 
ATOM   557 N  N3    . DG  B 1 12 ? 3.552   4.314   1.904   1.00 11.85 ? 12  DG  B N3    1 
ATOM   558 C  C4    . DG  B 1 12 ? 4.340   3.227   1.963   1.00 11.28 ? 12  DG  B C4    1 
ATOM   559 P  P     . DG  B 1 13 ? 7.493   8.202   3.070   1.00 25.76 ? 13  DG  B P     1 
ATOM   560 O  OP1   . DG  B 1 13 ? 7.733   9.495   2.387   1.00 24.45 ? 13  DG  B OP1   1 
ATOM   561 O  OP2   . DG  B 1 13 ? 8.171   7.889   4.347   1.00 20.75 ? 13  DG  B OP2   1 
ATOM   562 O  "O5'" . DG  B 1 13 ? 5.946   7.976   3.375   1.00 26.67 ? 13  DG  B "O5'" 1 
ATOM   563 C  "C5'" . DG  B 1 13 ? 4.977   8.263   2.393   1.00 25.80 ? 13  DG  B "C5'" 1 
ATOM   564 C  "C4'" . DG  B 1 13 ? 3.672   8.691   3.044   1.00 19.46 ? 13  DG  B "C4'" 1 
ATOM   565 O  "O4'" . DG  B 1 13 ? 2.840   7.536   3.314   1.00 16.43 ? 13  DG  B "O4'" 1 
ATOM   566 C  "C3'" . DG  B 1 13 ? 3.808   9.407   4.375   1.00 15.88 ? 13  DG  B "C3'" 1 
ATOM   567 O  "O3'" . DG  B 1 13 ? 2.778   10.370  4.463   1.00 19.75 ? 13  DG  B "O3'" 1 
ATOM   568 C  "C2'" . DG  B 1 13 ? 3.609   8.277   5.391   1.00 13.82 ? 13  DG  B "C2'" 1 
ATOM   569 C  "C1'" . DG  B 1 13 ? 2.536   7.454   4.698   1.00 16.66 ? 13  DG  B "C1'" 1 
ATOM   570 N  N9    . DG  B 1 13 ? 2.524   6.022   4.994   1.00 12.07 ? 13  DG  B N9    1 
ATOM   571 C  C8    . DG  B 1 13 ? 3.606   5.179   5.030   1.00 9.92  ? 13  DG  B C8    1 
ATOM   572 N  N7    . DG  B 1 13 ? 3.273   3.907   5.208   1.00 10.03 ? 13  DG  B N7    1 
ATOM   573 C  C5    . DG  B 1 13 ? 1.884   3.918   5.259   1.00 9.16  ? 13  DG  B C5    1 
ATOM   574 C  C6    . DG  B 1 13 ? 0.965   2.845   5.427   1.00 8.69  ? 13  DG  B C6    1 
ATOM   575 O  O6    . DG  B 1 13 ? 1.210   1.642   5.553   1.00 8.57  ? 13  DG  B O6    1 
ATOM   576 N  N1    . DG  B 1 13 ? -0.353  3.283   5.411   1.00 11.29 ? 13  DG  B N1    1 
ATOM   577 C  C2    . DG  B 1 13 ? -0.739  4.594   5.262   1.00 12.84 ? 13  DG  B C2    1 
ATOM   578 N  N2    . DG  B 1 13 ? -2.063  4.823   5.282   1.00 11.47 ? 13  DG  B N2    1 
ATOM   579 N  N3    . DG  B 1 13 ? 0.111   5.607   5.100   1.00 10.52 ? 13  DG  B N3    1 
ATOM   580 C  C4    . DG  B 1 13 ? 1.399   5.203   5.109   1.00 10.03 ? 13  DG  B C4    1 
ATOM   581 P  P     A DA  B 1 14 ? 2.822   11.501  5.598   0.50 22.64 ? 14  DA  B P     1 
ATOM   582 P  P     B DA  B 1 14 ? 2.677   11.362  5.724   0.50 22.17 ? 14  DA  B P     1 
ATOM   583 O  OP1   A DA  B 1 14 ? 2.297   12.742  4.982   0.50 22.60 ? 14  DA  B OP1   1 
ATOM   584 O  OP1   B DA  B 1 14 ? 1.954   12.577  5.266   0.50 22.39 ? 14  DA  B OP1   1 
ATOM   585 O  OP2   A DA  B 1 14 ? 4.152   11.505  6.245   0.50 19.80 ? 14  DA  B OP2   1 
ATOM   586 O  OP2   B DA  B 1 14 ? 4.018   11.496  6.334   0.50 19.61 ? 14  DA  B OP2   1 
ATOM   587 O  "O5'" A DA  B 1 14 ? 1.731   10.985  6.632   0.50 17.16 ? 14  DA  B "O5'" 1 
ATOM   588 O  "O5'" B DA  B 1 14 ? 1.732   10.604  6.749   0.50 16.74 ? 14  DA  B "O5'" 1 
ATOM   589 C  "C5'" A DA  B 1 14 ? 0.485   10.559  6.145   0.50 16.43 ? 14  DA  B "C5'" 1 
ATOM   590 C  "C5'" B DA  B 1 14 ? 0.373   10.396  6.437   0.50 16.25 ? 14  DA  B "C5'" 1 
ATOM   591 C  "C4'" A DA  B 1 14 ? -0.221  9.702   7.169   0.50 16.08 ? 14  DA  B "C4'" 1 
ATOM   592 C  "C4'" B DA  B 1 14 ? -0.303  9.589   7.527   0.50 16.64 ? 14  DA  B "C4'" 1 
ATOM   593 O  "O4'" A DA  B 1 14 ? 0.279   8.347   7.104   0.50 15.33 ? 14  DA  B "O4'" 1 
ATOM   594 O  "O4'" B DA  B 1 14 ? 0.196   8.213   7.510   0.50 14.96 ? 14  DA  B "O4'" 1 
ATOM   595 C  "C3'" A DA  B 1 14 ? -0.016  10.140  8.619   0.50 17.29 ? 14  DA  B "C3'" 1 
ATOM   596 C  "C3'" B DA  B 1 14 ? -0.057  10.094  8.953   0.50 17.45 ? 14  DA  B "C3'" 1 
ATOM   597 O  "O3'" A DA  B 1 14 ? -1.187  10.790  9.094   0.50 19.97 ? 14  DA  B "O3'" 1 
ATOM   598 O  "O3'" B DA  B 1 14 ? -1.242  9.949   9.715   0.50 18.67 ? 14  DA  B "O3'" 1 
ATOM   599 C  "C2'" A DA  B 1 14 ? 0.262   8.826   9.388   0.50 15.70 ? 14  DA  B "C2'" 1 
ATOM   600 C  "C2'" B DA  B 1 14 ? 1.032   9.150   9.458   0.50 14.75 ? 14  DA  B "C2'" 1 
ATOM   601 C  "C1'" A DA  B 1 14 ? 0.005   7.747   8.338   0.50 13.35 ? 14  DA  B "C1'" 1 
ATOM   602 C  "C1'" B DA  B 1 14 ? 0.557   7.859   8.822   0.50 13.98 ? 14  DA  B "C1'" 1 
ATOM   603 N  N9    A DA  B 1 14 ? 0.839   6.552   8.471   0.50 13.01 ? 14  DA  B N9    1 
ATOM   604 N  N9    B DA  B 1 14 ? 1.559   6.806   8.776   0.50 11.90 ? 14  DA  B N9    1 
ATOM   605 C  C8    A DA  B 1 14 ? 0.402   5.263   8.576   0.50 10.65 ? 14  DA  B C8    1 
ATOM   606 C  C8    B DA  B 1 14 ? 2.907   6.944   8.710   0.50 12.18 ? 14  DA  B C8    1 
ATOM   607 N  N7    A DA  B 1 14 ? 1.376   4.378   8.669   0.50 8.97  ? 14  DA  B N7    1 
ATOM   608 N  N7    B DA  B 1 14 ? 3.551   5.795   8.683   0.50 11.49 ? 14  DA  B N7    1 
ATOM   609 C  C5    A DA  B 1 14 ? 2.526   5.139   8.625   0.50 9.42  ? 14  DA  B C5    1 
ATOM   610 C  C5    B DA  B 1 14 ? 2.554   4.850   8.730   0.50 8.94  ? 14  DA  B C5    1 
ATOM   611 C  C6    A DA  B 1 14 ? 3.891   4.794   8.680   0.50 11.02 ? 14  DA  B C6    1 
ATOM   612 C  C6    B DA  B 1 14 ? 2.585   3.444   8.733   0.50 10.30 ? 14  DA  B C6    1 
ATOM   613 N  N6    A DA  B 1 14 ? 4.330   3.532   8.798   0.50 10.90 ? 14  DA  B N6    1 
ATOM   614 N  N6    B DA  B 1 14 ? 3.724   2.728   8.679   0.50 8.31  ? 14  DA  B N6    1 
ATOM   615 N  N1    A DA  B 1 14 ? 4.792   5.794   8.600   0.50 13.89 ? 14  DA  B N1    1 
ATOM   616 N  N1    B DA  B 1 14 ? 1.402   2.794   8.792   0.50 9.58  ? 14  DA  B N1    1 
ATOM   617 C  C2    A DA  B 1 14 ? 4.350   7.055   8.478   0.50 13.33 ? 14  DA  B C2    1 
ATOM   618 C  C2    B DA  B 1 14 ? 0.270   3.519   8.846   0.50 11.62 ? 14  DA  B C2    1 
ATOM   619 N  N3    A DA  B 1 14 ? 3.093   7.502   8.421   0.50 12.86 ? 14  DA  B N3    1 
ATOM   620 N  N3    B DA  B 1 14 ? 0.120   4.851   8.850   0.50 11.07 ? 14  DA  B N3    1 
ATOM   621 C  C4    A DA  B 1 14 ? 2.219   6.484   8.499   0.50 11.14 ? 14  DA  B C4    1 
ATOM   622 C  C4    B DA  B 1 14 ? 1.316   5.456   8.790   0.50 11.67 ? 14  DA  B C4    1 
HETATM 623 K  K     . K   C 2 .  ? 0.140   -0.805  -2.804  1.00 20.84 ? 101 K   A K     1 
HETATM 624 K  K     . K   D 2 .  ? 0.113   -0.460  0.654   1.00 12.11 ? 102 K   A K     1 
HETATM 625 K  K     . K   E 2 .  ? 0.071   -0.329  4.027   1.00 9.62  ? 103 K   A K     1 
HETATM 626 K  K     . K   F 2 .  ? 0.133   -0.154  7.441   1.00 16.33 ? 104 K   A K     1 
HETATM 627 C  CX3   . POH G 3 .  ? -3.389  11.130  -10.544 0.50 60.36 ? 105 POH A CX3   1 
HETATM 628 C  C2A   . POH G 3 .  ? -7.170  12.815  -7.158  0.50 53.42 ? 105 POH A C2A   1 
HETATM 629 C  C71   . POH G 3 .  ? -3.518  12.800  -8.854  0.50 58.52 ? 105 POH A C71   1 
HETATM 630 C  C81   . POH G 3 .  ? -3.532  13.752  -9.827  0.50 62.24 ? 105 POH A C81   1 
HETATM 631 C  C91   . POH G 3 .  ? -3.480  13.389  -11.165 0.50 64.64 ? 105 POH A C91   1 
HETATM 632 C  CXN   . POH G 3 .  ? -3.350  11.614  -12.881 0.50 65.21 ? 105 POH A CXN   1 
HETATM 633 C  C3A   . POH G 3 .  ? -6.117  12.994  -7.987  0.50 54.96 ? 105 POH A C3A   1 
HETATM 634 C  C4A   . POH G 3 .  ? -4.997  12.990  -7.199  0.50 53.48 ? 105 POH A C4A   1 
HETATM 635 C  C1A   . POH G 3 .  ? -6.698  12.695  -5.863  0.50 50.94 ? 105 POH A C1A   1 
HETATM 636 C  CXD   . POH G 3 .  ? -3.441  11.491  -9.203  0.50 58.05 ? 105 POH A CXD   1 
HETATM 637 N  NXT   . POH G 3 .  ? -3.410  12.082  -11.506 0.50 63.56 ? 105 POH A NXT   1 
HETATM 638 N  NA    . POH G 3 .  ? -5.372  12.822  -5.924  0.50 50.65 ? 105 POH A NA    1 
HETATM 639 N  NB    . POH G 3 .  ? -2.016  14.056  -5.822  0.50 51.94 ? 105 POH A NB    1 
HETATM 640 N  NC    . POH G 3 .  ? -2.253  14.641  -2.983  0.50 49.52 ? 105 POH A NC    1 
HETATM 641 N  ND    . POH G 3 .  ? -5.398  13.718  -3.174  0.50 47.87 ? 105 POH A ND    1 
HETATM 642 C  CHB   . POH G 3 .  ? -3.565  13.170  -7.511  0.50 55.16 ? 105 POH A CHB   1 
HETATM 643 C  C1B   . POH G 3 .  ? -2.210  13.557  -7.059  0.50 53.66 ? 105 POH A C1B   1 
HETATM 644 C  CX4   . POH G 3 .  ? 3.553   15.568  -4.600  0.50 55.00 ? 105 POH A CX4   1 
HETATM 645 C  C2B   . POH G 3 .  ? -1.008  13.490  -7.712  0.50 54.27 ? 105 POH A C2B   1 
HETATM 646 C  C72   . POH G 3 .  ? 1.178   15.580  -4.505  0.50 53.83 ? 105 POH A C72   1 
HETATM 647 C  C82   . POH G 3 .  ? 1.192   16.933  -4.597  0.50 56.38 ? 105 POH A C82   1 
HETATM 648 C  C92   . POH G 3 .  ? 2.401   17.610  -4.677  0.50 58.32 ? 105 POH A C92   1 
HETATM 649 C  CXO   . POH G 3 .  ? 4.840   17.631  -4.759  0.50 59.80 ? 105 POH A CXO   1 
HETATM 650 C  C3B   . POH G 3 .  ? -0.080  13.961  -6.856  0.50 52.74 ? 105 POH A C3B   1 
HETATM 651 C  C4B   . POH G 3 .  ? -0.715  14.307  -5.680  0.50 51.84 ? 105 POH A C4B   1 
HETATM 652 C  CXE   . POH G 3 .  ? 2.346   14.887  -4.523  0.50 53.58 ? 105 POH A CXE   1 
HETATM 653 N  NXU   . POH G 3 .  ? 3.567   16.919  -4.677  0.50 57.51 ? 105 POH A NXU   1 
HETATM 654 C  CHC   . POH G 3 .  ? -0.021  14.897  -4.455  0.50 51.49 ? 105 POH A CHC   1 
HETATM 655 C  C1C   . POH G 3 .  ? -0.908  14.905  -3.149  0.50 49.66 ? 105 POH A C1C   1 
HETATM 656 C  CX5   . POH G 3 .  ? -3.257  16.357  2.209   0.50 49.44 ? 105 POH A CX5   1 
HETATM 657 C  C2C   . POH G 3 .  ? -0.408  15.207  -1.910  0.50 48.33 ? 105 POH A C2C   1 
HETATM 658 C  C73   . POH G 3 .  ? -3.735  14.897  0.377   0.50 47.06 ? 105 POH A C73   1 
HETATM 659 C  C83   . POH G 3 .  ? -3.867  13.882  1.274   0.50 45.06 ? 105 POH A C83   1 
HETATM 660 C  C93   . POH G 3 .  ? -3.660  14.091  2.630   0.50 45.90 ? 105 POH A C93   1 
HETATM 661 C  CXP   . POH G 3 .  ? -3.137  15.546  4.508   0.50 46.96 ? 105 POH A CXP   1 
HETATM 662 C  C3C   . POH G 3 .  ? -1.414  15.125  -1.021  0.50 47.11 ? 105 POH A C3C   1 
HETATM 663 C  C4C   . POH G 3 .  ? -2.588  14.772  -1.659  0.50 47.48 ? 105 POH A C4C   1 
HETATM 664 C  CXF   . POH G 3 .  ? -3.480  16.150  0.850   0.50 49.36 ? 105 POH A CXF   1 
HETATM 665 N  NXV   . POH G 3 .  ? -3.355  15.329  3.084   0.50 47.78 ? 105 POH A NXV   1 
HETATM 666 C  CHD   . POH G 3 .  ? -4.021  14.572  -0.967  0.50 46.75 ? 105 POH A CHD   1 
HETATM 667 C  C1D   . POH G 3 .  ? -5.141  13.863  -1.835  0.50 46.16 ? 105 POH A C1D   1 
HETATM 668 C  CX6   . POH G 3 .  ? -10.250 10.461  -5.760  0.50 54.64 ? 105 POH A CX6   1 
HETATM 669 C  C2D   . POH G 3 .  ? -6.157  13.251  -1.144  0.50 45.04 ? 105 POH A C2D   1 
HETATM 670 C  C74   . POH G 3 .  ? -8.684  11.949  -4.743  0.50 50.48 ? 105 POH A C74   1 
HETATM 671 C  C84   . POH G 3 .  ? -9.689  12.415  -3.957  0.50 51.78 ? 105 POH A C84   1 
HETATM 672 C  C94   . POH G 3 .  ? -10.978 11.921  -4.081  0.50 54.04 ? 105 POH A C94   1 
HETATM 673 C  CXQ   . POH G 3 .  ? -12.599 10.429  -5.110  0.50 57.90 ? 105 POH A CXQ   1 
HETATM 674 C  C3D   . POH G 3 .  ? -7.022  12.722  -2.017  0.50 45.95 ? 105 POH A C3D   1 
HETATM 675 C  C4D   . POH G 3 .  ? -6.571  12.996  -3.282  0.50 47.43 ? 105 POH A C4D   1 
HETATM 676 C  CXG   . POH G 3 .  ? -8.960  10.958  -5.627  0.50 52.65 ? 105 POH A CXG   1 
HETATM 677 C  CHA   . POH G 3 .  ? -7.408  12.490  -4.534  0.50 49.03 ? 105 POH A CHA   1 
HETATM 678 N  NXW   . POH G 3 .  ? -11.244 10.948  -4.981  0.50 56.12 ? 105 POH A NXW   1 
HETATM 679 CO CO    . NCO H 4 .  ? -0.037  -16.577 8.554   1.00 86.64 ? 106 NCO A CO    1 
HETATM 680 N  N1    . NCO H 4 .  ? -0.604  -17.396 10.267  1.00 87.97 ? 106 NCO A N1    1 
HETATM 681 N  N2    . NCO H 4 .  ? 0.514   -15.761 6.837   1.00 86.92 ? 106 NCO A N2    1 
HETATM 682 N  N3    . NCO H 4 .  ? 1.853   -16.590 9.154   1.00 83.29 ? 106 NCO A N3    1 
HETATM 683 N  N4    . NCO H 4 .  ? -0.271  -14.767 9.330   1.00 85.48 ? 106 NCO A N4    1 
HETATM 684 N  N5    . NCO H 4 .  ? -1.925  -16.557 7.961   1.00 86.78 ? 106 NCO A N5    1 
HETATM 685 N  N6    . NCO H 4 .  ? 0.212   -18.383 7.775   1.00 89.80 ? 106 NCO A N6    1 
HETATM 686 O  O     . HOH I 5 .  ? -4.103  -10.142 9.734   1.00 19.88 ? 201 HOH A O     1 
HETATM 687 O  O     . HOH I 5 .  ? -2.931  7.648   5.723   1.00 20.82 ? 202 HOH A O     1 
HETATM 688 O  O     . HOH I 5 .  ? 6.679   10.938  0.146   1.00 42.71 ? 203 HOH A O     1 
HETATM 689 O  O     . HOH I 5 .  ? -0.534  7.880   3.474   1.00 22.06 ? 204 HOH A O     1 
HETATM 690 O  O     . HOH I 5 .  ? -6.551  -6.466  7.071   1.00 24.77 ? 205 HOH A O     1 
HETATM 691 O  O     . HOH I 5 .  ? -7.931  9.486   6.007   1.00 39.29 ? 206 HOH A O     1 
HETATM 692 O  O     . HOH I 5 .  ? -10.181 -7.780  6.783   1.00 43.15 ? 207 HOH A O     1 
HETATM 693 O  O     . HOH I 5 .  ? -10.051 -1.587  -10.579 1.00 43.31 ? 208 HOH A O     1 
HETATM 694 O  O     . HOH I 5 .  ? 7.030   12.087  -2.751  1.00 58.68 ? 209 HOH A O     1 
HETATM 695 O  O     . HOH I 5 .  ? -12.332 5.638   2.335   1.00 42.68 ? 210 HOH A O     1 
HETATM 696 O  O     . HOH I 5 .  ? -3.613  -16.999 10.196  1.00 57.20 ? 211 HOH A O     1 
HETATM 697 O  O     . HOH I 5 .  ? -8.176  9.130   -0.658  1.00 30.68 ? 212 HOH A O     1 
HETATM 698 O  O     . HOH I 5 .  ? 2.688   -14.082 10.414  1.00 36.05 ? 213 HOH A O     1 
HETATM 699 O  O     . HOH I 5 .  ? -9.475  -0.807  -4.818  1.00 40.22 ? 214 HOH A O     1 
HETATM 700 O  O     . HOH I 5 .  ? -7.393  -4.084  6.861   1.00 24.65 ? 215 HOH A O     1 
HETATM 701 O  O     . HOH I 5 .  ? -6.459  -7.181  -0.235  1.00 31.21 ? 216 HOH A O     1 
HETATM 702 O  O     . HOH I 5 .  ? -3.562  7.020   -1.846  1.00 32.64 ? 217 HOH A O     1 
HETATM 703 O  O     . HOH I 5 .  ? -12.647 5.759   4.968   1.00 37.58 ? 218 HOH A O     1 
HETATM 704 O  O     . HOH I 5 .  ? 2.544   6.615   -9.538  1.00 43.22 ? 219 HOH A O     1 
HETATM 705 O  O     . HOH I 5 .  ? 4.961   7.641   -9.990  1.00 50.17 ? 220 HOH A O     1 
HETATM 706 O  O     . HOH J 5 .  ? 0.215   -13.482 -1.078  1.00 39.99 ? 101 HOH B O     1 
HETATM 707 O  O     . HOH J 5 .  ? 6.438   12.312  5.387   1.00 27.84 ? 102 HOH B O     1 
HETATM 708 O  O     . HOH J 5 .  ? 10.500  7.237   5.411   1.00 35.00 ? 103 HOH B O     1 
HETATM 709 O  O     . HOH J 5 .  ? -0.767  12.334  11.141  1.00 33.97 ? 104 HOH B O     1 
HETATM 710 O  O     . HOH J 5 .  ? -0.132  14.104  4.933   1.00 34.79 ? 105 HOH B O     1 
HETATM 711 O  O     . HOH J 5 .  ? 6.681   2.316   8.671   0.50 24.10 ? 106 HOH B O     1 
HETATM 712 O  O     . HOH J 5 .  ? 8.605   0.620   4.938   1.00 23.19 ? 107 HOH B O     1 
HETATM 713 O  O     . HOH J 5 .  ? 4.243   10.032  8.544   1.00 20.77 ? 108 HOH B O     1 
HETATM 714 O  O     . HOH J 5 .  ? 3.760   -8.320  -0.820  1.00 21.51 ? 109 HOH B O     1 
HETATM 715 O  O     . HOH J 5 .  ? -5.573  -12.944 2.801   1.00 39.03 ? 110 HOH B O     1 
HETATM 716 O  O     . HOH J 5 .  ? 11.505  -2.769  8.265   1.00 38.41 ? 111 HOH B O     1 
HETATM 717 O  O     . HOH J 5 .  ? 7.623   3.283   6.126   1.00 16.64 ? 112 HOH B O     1 
HETATM 718 O  O     . HOH J 5 .  ? 10.117  -7.154  7.263   1.00 24.08 ? 113 HOH B O     1 
HETATM 719 O  O     . HOH J 5 .  ? -2.471  -18.462 -0.479  1.00 39.51 ? 114 HOH B O     1 
HETATM 720 O  O     . HOH J 5 .  ? 0.969   -8.707  4.674   1.00 13.86 ? 115 HOH B O     1 
HETATM 721 O  O     . HOH J 5 .  ? 3.416   -8.020  6.857   1.00 12.93 ? 116 HOH B O     1 
HETATM 722 O  O     . HOH J 5 .  ? 6.851   5.977   6.155   1.00 19.29 ? 117 HOH B O     1 
HETATM 723 O  O     . HOH J 5 .  ? 1.615   -8.963  -1.500  1.00 27.86 ? 118 HOH B O     1 
HETATM 724 O  O     . HOH J 5 .  ? -1.983  -10.790 -5.216  1.00 38.81 ? 119 HOH B O     1 
HETATM 725 O  O     . HOH J 5 .  ? 0.653   -9.179  1.853   1.00 34.01 ? 120 HOH B O     1 
HETATM 726 O  O     . HOH J 5 .  ? 0.365   7.664   0.816   1.00 25.48 ? 121 HOH B O     1 
HETATM 727 O  O     . HOH J 5 .  ? 7.501   -9.500  -4.032  1.00 38.24 ? 122 HOH B O     1 
HETATM 728 O  O     . HOH J 5 .  ? 6.008   -7.453  -2.444  1.00 33.15 ? 123 HOH B O     1 
HETATM 729 O  O     . HOH J 5 .  ? 13.845  -1.934  0.756   1.00 41.01 ? 124 HOH B O     1 
HETATM 730 O  O     . HOH J 5 .  ? 10.992  2.610   8.310   1.00 34.90 ? 125 HOH B O     1 
HETATM 731 O  O     . HOH J 5 .  ? -8.392  -3.038  -4.382  1.00 44.98 ? 126 HOH B O     1 
HETATM 732 O  O     . HOH J 5 .  ? 7.473   -7.033  -0.312  1.00 28.43 ? 127 HOH B O     1 
HETATM 733 O  O     . HOH J 5 .  ? 9.139   0.321   7.802   1.00 34.76 ? 128 HOH B O     1 
HETATM 734 O  O     . HOH J 5 .  ? 15.413  -5.434  1.315   1.00 32.47 ? 129 HOH B O     1 
HETATM 735 O  O     . HOH J 5 .  ? 5.500   15.483  5.994   1.00 44.79 ? 130 HOH B O     1 
HETATM 736 O  O     . HOH J 5 .  ? 7.086   14.471  4.615   1.00 53.38 ? 131 HOH B O     1 
HETATM 737 O  O     . HOH J 5 .  ? 16.534  -6.622  -0.563  1.00 50.19 ? 132 HOH B O     1 
HETATM 738 O  O     . HOH J 5 .  ? 12.743  -2.533  10.932  1.00 43.15 ? 133 HOH B O     1 
HETATM 739 O  O     . HOH J 5 .  ? 4.562   16.411  8.286   1.00 39.04 ? 134 HOH B O     1 
# 
loop_
_atom_site_anisotrop.id 
_atom_site_anisotrop.type_symbol 
_atom_site_anisotrop.pdbx_label_atom_id 
_atom_site_anisotrop.pdbx_label_alt_id 
_atom_site_anisotrop.pdbx_label_comp_id 
_atom_site_anisotrop.pdbx_label_asym_id 
_atom_site_anisotrop.pdbx_label_seq_id 
_atom_site_anisotrop.pdbx_PDB_ins_code 
_atom_site_anisotrop.U[1][1] 
_atom_site_anisotrop.U[2][2] 
_atom_site_anisotrop.U[3][3] 
_atom_site_anisotrop.U[1][2] 
_atom_site_anisotrop.U[1][3] 
_atom_site_anisotrop.U[2][3] 
_atom_site_anisotrop.pdbx_auth_seq_id 
_atom_site_anisotrop.pdbx_auth_comp_id 
_atom_site_anisotrop.pdbx_auth_asym_id 
_atom_site_anisotrop.pdbx_auth_atom_id 
1   O  "O5'" . DG  A 1  ? 0.2627 0.3166 0.2384 -0.0006 -0.0951 -0.0402 1   DG  A "O5'" 
2   C  "C5'" . DG  A 1  ? 0.2389 0.3056 0.2385 0.0061  -0.0990 -0.0376 1   DG  A "C5'" 
3   C  "C4'" . DG  A 1  ? 0.2267 0.2887 0.2153 0.0188  -0.1098 -0.0277 1   DG  A "C4'" 
4   O  "O4'" . DG  A 1  ? 0.2414 0.2791 0.2150 0.0229  -0.1039 -0.0162 1   DG  A "O4'" 
5   C  "C3'" . DG  A 1  ? 0.3318 0.3956 0.2971 0.0201  -0.1199 -0.0260 1   DG  A "C3'" 
6   O  "O3'" . DG  A 1  ? 0.3936 0.4646 0.3665 0.0306  -0.1298 -0.0191 1   DG  A "O3'" 
7   C  "C2'" . DG  A 1  ? 0.3618 0.4009 0.2917 0.0207  -0.1173 -0.0178 1   DG  A "C2'" 
8   C  "C1'" . DG  A 1  ? 0.3157 0.3395 0.2567 0.0253  -0.1086 -0.0074 1   DG  A "C1'" 
9   N  N9    . DG  A 1  ? 0.2922 0.2947 0.2173 0.0197  -0.0926 -0.0003 1   DG  A N9    
10  C  C8    . DG  A 1  ? 0.2685 0.2507 0.1829 0.0234  -0.0884 0.0141  1   DG  A C8    
11  N  N7    . DG  A 1  ? 0.2621 0.2322 0.1677 0.0160  -0.0730 0.0169  1   DG  A N7    
12  C  C5    . DG  A 1  ? 0.2565 0.2375 0.1666 0.0084  -0.0670 0.0036  1   DG  A C5    
13  C  C6    . DG  A 1  ? 0.2515 0.2271 0.1586 0.0004  -0.0516 -0.0004 1   DG  A C6    
14  O  O6    . DG  A 1  ? 0.2230 0.1865 0.1229 -0.0019 -0.0397 0.0070  1   DG  A O6    
15  N  N1    . DG  A 1  ? 0.2492 0.2356 0.1649 -0.0051 -0.0510 -0.0147 1   DG  A N1    
16  C  C2    . DG  A 1  ? 0.2999 0.3022 0.2263 -0.0049 -0.0634 -0.0238 1   DG  A C2    
17  N  N2    . DG  A 1  ? 0.2734 0.2819 0.2084 -0.0125 -0.0608 -0.0365 1   DG  A N2    
18  N  N3    . DG  A 1  ? 0.2125 0.2241 0.1434 0.0023  -0.0776 -0.0206 1   DG  A N3    
19  C  C4    . DG  A 1  ? 0.2224 0.2218 0.1444 0.0096  -0.0787 -0.0069 1   DG  A C4    
20  P  P     . DG  A 2  ? 0.4939 0.5726 0.4491 0.0336  -0.1429 -0.0152 2   DG  A P     
21  O  OP1   . DG  A 2  ? 0.5349 0.6255 0.5121 0.0442  -0.1508 -0.0115 2   DG  A OP1   
22  O  OP2   . DG  A 2  ? 0.4472 0.5367 0.3951 0.0215  -0.1430 -0.0266 2   DG  A OP2   
23  O  "O5'" . DG  A 2  ? 0.5024 0.5565 0.4219 0.0387  -0.1440 -0.0005 2   DG  A "O5'" 
24  C  "C5'" . DG  A 2  ? 0.4729 0.5091 0.3941 0.0489  -0.1441 0.0131  2   DG  A "C5'" 
25  C  "C4'" . DG  A 2  ? 0.4849 0.4963 0.3693 0.0485  -0.1411 0.0280  2   DG  A "C4'" 
26  O  "O4'" . DG  A 2  ? 0.4363 0.4343 0.3086 0.0397  -0.1286 0.0242  2   DG  A "O4'" 
27  C  "C3'" . DG  A 2  ? 0.5574 0.5759 0.4116 0.0461  -0.1477 0.0317  2   DG  A "C3'" 
28  O  "O3'" . DG  A 2  ? 0.6728 0.6774 0.5096 0.0533  -0.1519 0.0513  2   DG  A "O3'" 
29  C  "C2'" . DG  A 2  ? 0.5083 0.5193 0.3367 0.0350  -0.1362 0.0251  2   DG  A "C2'" 
30  C  "C1'" . DG  A 2  ? 0.4637 0.4529 0.2984 0.0345  -0.1247 0.0299  2   DG  A "C1'" 
31  N  N9    . DG  A 2  ? 0.4387 0.4243 0.2688 0.0235  -0.1085 0.0198  2   DG  A N9    
32  C  C8    . DG  A 2  ? 0.4339 0.4342 0.2730 0.0159  -0.1057 0.0013  2   DG  A C8    
33  N  N7    . DG  A 2  ? 0.4182 0.4104 0.2555 0.0077  -0.0880 -0.0037 2   DG  A N7    
34  C  C5    . DG  A 2  ? 0.3999 0.3742 0.2272 0.0092  -0.0784 0.0122  2   DG  A C5    
35  C  C6    . DG  A 2  ? 0.3801 0.3430 0.2043 0.0031  -0.0593 0.0146  2   DG  A C6    
36  O  O6    . DG  A 2  ? 0.3640 0.3291 0.1938 -0.0032 -0.0473 0.0033  2   DG  A O6    
37  N  N1    . DG  A 2  ? 0.3809 0.3282 0.1967 0.0052  -0.0551 0.0326  2   DG  A N1    
38  C  C2    . DG  A 2  ? 0.3698 0.3094 0.1802 0.0128  -0.0680 0.0469  2   DG  A C2    
39  N  N2    . DG  A 2  ? 0.4165 0.3378 0.2202 0.0122  -0.0614 0.0636  2   DG  A N2    
40  N  N3    . DG  A 2  ? 0.3731 0.3225 0.1867 0.0206  -0.0865 0.0448  2   DG  A N3    
41  C  C4    . DG  A 2  ? 0.4108 0.3792 0.2331 0.0180  -0.0905 0.0268  2   DG  A C4    
42  P  P     . DC  A 3  ? 0.7071 0.7253 0.5544 0.0639  -0.1680 0.0586  3   DC  A P     
43  O  OP1   . DC  A 3  ? 0.6832 0.6941 0.5624 0.0739  -0.1688 0.0608  3   DC  A OP1   
44  O  OP2   . DC  A 3  ? 0.6705 0.7170 0.5208 0.0590  -0.1766 0.0450  3   DC  A OP2   
45  O  "O5'" . DC  A 3  ? 0.8022 0.8056 0.6147 0.0663  -0.1698 0.0803  3   DC  A "O5'" 
46  C  "C5'" . DC  A 3  ? 0.8552 0.8527 0.6315 0.0567  -0.1606 0.0833  3   DC  A "C5'" 
47  C  "C4'" . DC  A 3  ? 0.9499 0.9191 0.7111 0.0568  -0.1493 0.1022  3   DC  A "C4'" 
48  O  "O4'" . DC  A 3  ? 0.9525 0.9057 0.7436 0.0642  -0.1492 0.1068  3   DC  A "O4'" 
49  C  "C3'" . DC  A 3  ? 1.0121 0.9693 0.7576 0.0454  -0.1310 0.0979  3   DC  A "C3'" 
50  O  "O3'" . DC  A 3  ? 1.0777 1.0423 0.7870 0.0391  -0.1260 0.1007  3   DC  A "O3'" 
51  C  "C2'" . DC  A 3  ? 1.0217 0.9514 0.7749 0.0463  -0.1212 0.1135  3   DC  A "C2'" 
52  C  "C1'" . DC  A 3  ? 0.9874 0.9149 0.7716 0.0586  -0.1340 0.1165  3   DC  A "C1'" 
53  N  N1    . DC  A 3  ? 0.9203 0.8388 0.7375 0.0597  -0.1294 0.1070  3   DC  A N1    
54  C  C2    . DC  A 3  ? 0.8553 0.7497 0.6763 0.0549  -0.1163 0.1152  3   DC  A C2    
55  O  O2    . DC  A 3  ? 0.8462 0.7274 0.6447 0.0493  -0.1074 0.1302  3   DC  A O2    
56  N  N3    . DC  A 3  ? 0.8080 0.6972 0.6587 0.0558  -0.1128 0.1057  3   DC  A N3    
57  C  C4    . DC  A 3  ? 0.7963 0.7036 0.6715 0.0615  -0.1208 0.0895  3   DC  A C4    
58  N  N4    . DC  A 3  ? 0.7482 0.6523 0.6511 0.0621  -0.1161 0.0804  3   DC  A N4    
59  C  C5    . DC  A 3  ? 0.8455 0.7780 0.7196 0.0657  -0.1328 0.0813  3   DC  A C5    
60  C  C6    . DC  A 3  ? 0.8934 0.8303 0.7385 0.0645  -0.1372 0.0902  3   DC  A C6    
61  P  P     . DT  A 4  ? 1.0864 1.0638 0.7819 0.0287  -0.1173 0.0794  4   DT  A P     
62  O  OP1   . DT  A 4  ? 1.1232 1.0967 0.7844 0.0226  -0.1028 0.0870  4   DT  A OP1   
63  O  OP2   . DT  A 4  ? 1.0456 1.0479 0.7492 0.0294  -0.1321 0.0639  4   DT  A OP2   
64  O  "O5'" . DT  A 4  ? 1.1104 1.0746 0.8306 0.0251  -0.1071 0.0688  4   DT  A "O5'" 
65  C  "C5'" . DT  A 4  ? 1.1233 1.0670 0.8386 0.0194  -0.0893 0.0773  4   DT  A "C5'" 
66  C  "C4'" . DT  A 4  ? 1.0903 1.0354 0.8016 0.0103  -0.0753 0.0600  4   DT  A "C4'" 
67  O  "O4'" . DT  A 4  ? 1.0593 1.0174 0.7939 0.0115  -0.0843 0.0407  4   DT  A "O4'" 
68  C  "C3'" . DT  A 4  ? 1.1214 1.0774 0.8020 0.0043  -0.0657 0.0534  4   DT  A "C3'" 
69  O  "O3'" . DT  A 4  ? 1.1222 1.0683 0.7940 -0.0027 -0.0444 0.0589  4   DT  A "O3'" 
70  C  "C2'" . DT  A 4  ? 1.1091 1.0789 0.7958 0.0014  -0.0691 0.0277  4   DT  A "C2'" 
71  C  "C1'" . DT  A 4  ? 1.0646 1.0340 0.7893 0.0048  -0.0779 0.0220  4   DT  A "C1'" 
72  N  N1    . DT  A 4  ? 1.0765 1.0650 0.8127 0.0069  -0.0949 0.0075  4   DT  A N1    
73  C  C2    . DT  A 4  ? 1.0719 1.0687 0.8263 0.0011  -0.0918 -0.0135 4   DT  A C2    
74  O  O2    . DT  A 4  ? 1.0503 1.0405 0.8157 -0.0046 -0.0748 -0.0205 4   DT  A O2    
75  N  N3    . DT  A 4  ? 1.0972 1.1140 0.8670 0.0006  -0.1060 -0.0246 4   DT  A N3    
76  C  C4    . DT  A 4  ? 1.1341 1.1650 0.9054 0.0050  -0.1214 -0.0169 4   DT  A C4    
77  O  O4    . DT  A 4  ? 1.1597 1.2073 0.9473 0.0016  -0.1315 -0.0268 4   DT  A O4    
78  C  C5    . DT  A 4  ? 1.1382 1.1604 0.8915 0.0131  -0.1241 0.0049  4   DT  A C5    
79  C  C7    . DT  A 4  ? 1.1591 1.1944 0.9136 0.0195  -0.1408 0.0154  4   DT  A C7    
80  C  C6    . DT  A 4  ? 1.1164 1.1174 0.8536 0.0133  -0.1107 0.0161  4   DT  A C6    
81  P  P     . DC  A 5  ? 1.1542 1.0964 0.8063 -0.0034 -0.0361 0.0809  5   DC  A P     
82  O  OP1   . DC  A 5  ? 1.1442 1.0700 0.8141 0.0009  -0.0427 0.1002  5   DC  A OP1   
83  O  OP2   . DC  A 5  ? 1.2005 1.1595 0.8234 -0.0003 -0.0425 0.0790  5   DC  A OP2   
84  O  "O5'" . DC  A 5  ? 1.0900 1.0304 0.7424 -0.0123 -0.0108 0.0780  5   DC  A "O5'" 
85  C  "C5'" . DC  A 5  ? 0.9960 0.9392 0.6606 -0.0165 -0.0009 0.0576  5   DC  A "C5'" 
86  C  "C4'" . DC  A 5  ? 0.9241 0.8571 0.6132 -0.0217 0.0145  0.0626  5   DC  A "C4'" 
87  O  "O4'" . DC  A 5  ? 0.8899 0.8226 0.6142 -0.0191 0.0093  0.0502  5   DC  A "O4'" 
88  C  "C3'" . DC  A 5  ? 0.8894 0.8325 0.5804 -0.0271 0.0366  0.0532  5   DC  A "C3'" 
89  O  "O3'" . DC  A 5  ? 0.8491 0.7866 0.5666 -0.0313 0.0488  0.0616  5   DC  A "O3'" 
90  C  "C2'" . DC  A 5  ? 0.8829 0.8318 0.5835 -0.0257 0.0352  0.0286  5   DC  A "C2'" 
91  C  "C1'" . DC  A 5  ? 0.8468 0.7899 0.5804 -0.0211 0.0198  0.0297  5   DC  A "C1'" 
92  N  N1    . DC  A 5  ? 0.7925 0.7426 0.5313 -0.0174 0.0046  0.0135  5   DC  A N1    
93  C  C2    . DC  A 5  ? 0.7524 0.7098 0.4984 -0.0191 0.0103  -0.0080 5   DC  A C2    
94  O  O2    . DC  A 5  ? 0.7353 0.6938 0.4834 -0.0217 0.0278  -0.0142 5   DC  A O2    
95  N  N3    . DC  A 5  ? 0.7108 0.6738 0.4632 -0.0178 -0.0038 -0.0218 5   DC  A N3    
96  C  C4    . DC  A 5  ? 0.7017 0.6673 0.4547 -0.0142 -0.0224 -0.0154 5   DC  A C4    
97  N  N4    . DC  A 5  ? 0.6946 0.6691 0.4566 -0.0144 -0.0353 -0.0299 5   DC  A N4    
98  C  C5    . DC  A 5  ? 0.7090 0.6679 0.4558 -0.0103 -0.0286 0.0057  5   DC  A C5    
99  C  C6    . DC  A 5  ? 0.7478 0.6974 0.4873 -0.0124 -0.0150 0.0197  5   DC  A C6    
100 P  P     . DG  A 6  ? 0.8857 0.8314 0.6049 -0.0363 0.0652  0.0740  6   DG  A P     
101 O  OP1   . DG  A 6  ? 0.9127 0.8693 0.5982 -0.0347 0.0665  0.0758  6   DG  A OP1   
102 O  OP2   . DG  A 6  ? 0.8580 0.8122 0.6056 -0.0397 0.0812  0.0641  6   DG  A OP2   
103 O  "O5'" . DG  A 6  ? 0.8677 0.7983 0.5991 -0.0375 0.0576  0.0963  6   DG  A "O5'" 
104 C  "C5'" . DG  A 6  ? 0.7469 0.6677 0.5120 -0.0389 0.0561  0.0972  6   DG  A "C5'" 
105 C  "C4'" . DG  A 6  ? 0.6670 0.5705 0.4380 -0.0362 0.0428  0.1137  6   DG  A "C4'" 
106 O  "O4'" . DG  A 6  ? 0.6441 0.5396 0.4030 -0.0281 0.0242  0.1109  6   DG  A "O4'" 
107 C  "C3'" . DG  A 6  ? 0.5738 0.4693 0.3816 -0.0382 0.0427  0.1150  6   DG  A "C3'" 
108 O  "O3'" . DG  A 6  ? 0.5927 0.4737 0.4056 -0.0371 0.0364  0.1315  6   DG  A "O3'" 
109 C  "C2'" . DG  A 6  ? 0.5222 0.4116 0.3362 -0.0322 0.0309  0.1028  6   DG  A "C2'" 
110 C  "C1'" . DG  A 6  ? 0.5662 0.4511 0.3516 -0.0251 0.0157  0.1071  6   DG  A "C1'" 
111 N  N9    . DG  A 6  ? 0.4889 0.3808 0.2742 -0.0187 0.0042  0.0918  6   DG  A N9    
112 C  C8    . DG  A 6  ? 0.4785 0.3682 0.2658 -0.0094 -0.0151 0.0914  6   DG  A C8    
113 N  N7    . DG  A 6  ? 0.4510 0.3561 0.2472 -0.0059 -0.0213 0.0741  6   DG  A N7    
114 C  C5    . DG  A 6  ? 0.4350 0.3498 0.2341 -0.0123 -0.0055 0.0626  6   DG  A C5    
115 C  C6    . DG  A 6  ? 0.4004 0.3290 0.2091 -0.0126 -0.0038 0.0433  6   DG  A C6    
116 O  O6    . DG  A 6  ? 0.4127 0.3495 0.2292 -0.0089 -0.0157 0.0325  6   DG  A O6    
117 N  N1    . DG  A 6  ? 0.4120 0.3449 0.2231 -0.0181 0.0138  0.0369  6   DG  A N1    
118 C  C2    . DG  A 6  ? 0.4030 0.3315 0.2089 -0.0234 0.0287  0.0472  6   DG  A C2    
119 N  N2    . DG  A 6  ? 0.4264 0.3633 0.2389 -0.0268 0.0444  0.0375  6   DG  A N2    
120 N  N3    . DG  A 6  ? 0.4269 0.3435 0.2234 -0.0253 0.0281  0.0656  6   DG  A N3    
121 C  C4    . DG  A 6  ? 0.4513 0.3598 0.2443 -0.0193 0.0103  0.0726  6   DG  A C4    
122 P  P     . DG  A 7  ? 0.5840 0.4556 0.4340 -0.0390 0.0360  0.1334  7   DG  A P     
123 O  OP1   . DG  A 7  ? 0.6908 0.5473 0.5383 -0.0391 0.0365  0.1509  7   DG  A OP1   
124 O  OP2   . DG  A 7  ? 0.5151 0.4027 0.3891 -0.0463 0.0467  0.1227  7   DG  A OP2   
125 O  "O5'" . DG  A 7  ? 0.5208 0.3805 0.3796 -0.0298 0.0197  0.1253  7   DG  A "O5'" 
126 C  "C5'" . DG  A 7  ? 0.4957 0.3451 0.3368 -0.0206 0.0048  0.1312  7   DG  A "C5'" 
127 C  "C4'" . DG  A 7  ? 0.4698 0.3174 0.3230 -0.0124 -0.0096 0.1194  7   DG  A "C4'" 
128 O  "O4'" . DG  A 7  ? 0.3884 0.2484 0.2279 -0.0127 -0.0104 0.1076  7   DG  A "O4'" 
129 C  "C3'" . DG  A 7  ? 0.4693 0.3143 0.3566 -0.0134 -0.0081 0.1102  7   DG  A "C3'" 
130 O  "O3'" . DG  A 7  ? 0.5421 0.3771 0.4414 -0.0032 -0.0224 0.1090  7   DG  A "O3'" 
131 C  "C2'" . DG  A 7  ? 0.4286 0.2873 0.3202 -0.0156 -0.0059 0.0958  7   DG  A "C2'" 
132 C  "C1'" . DG  A 7  ? 0.3908 0.2589 0.2600 -0.0091 -0.0144 0.0927  7   DG  A "C1'" 
133 N  N9    . DG  A 7  ? 0.2932 0.1823 0.1654 -0.0106 -0.0087 0.0767  7   DG  A N9    
134 C  C8    . DG  A 7  ? 0.3116 0.2098 0.1867 -0.0181 0.0071  0.0712  7   DG  A C8    
135 N  N7    . DG  A 7  ? 0.2930 0.2062 0.1719 -0.0168 0.0079  0.0567  7   DG  A N7    
136 C  C5    . DG  A 7  ? 0.3093 0.2253 0.1877 -0.0095 -0.0079 0.0522  7   DG  A C5    
137 C  C6    . DG  A 7  ? 0.2755 0.2054 0.1587 -0.0070 -0.0143 0.0379  7   DG  A C6    
138 O  O6    . DG  A 7  ? 0.2721 0.2111 0.1595 -0.0103 -0.0072 0.0264  7   DG  A O6    
139 N  N1    . DG  A 7  ? 0.3088 0.2412 0.1933 0.0001  -0.0307 0.0375  7   DG  A N1    
140 C  C2    . DG  A 7  ? 0.3616 0.2825 0.2434 0.0062  -0.0404 0.0497  7   DG  A C2    
141 N  N2    . DG  A 7  ? 0.2659 0.1939 0.1528 0.0144  -0.0564 0.0467  7   DG  A N2    
142 N  N3    . DG  A 7  ? 0.3187 0.2223 0.1953 0.0041  -0.0350 0.0636  7   DG  A N3    
143 C  C4    . DG  A 7  ? 0.3128 0.2158 0.1880 -0.0047 -0.0184 0.0640  7   DG  A C4    
144 P  P     . DC  A 8  ? 0.5199 0.3408 0.4435 -0.0026 -0.0209 0.1083  8   DC  A P     
145 O  OP1   . DC  A 8  ? 0.5815 0.3854 0.4941 0.0029  -0.0261 0.1224  8   DC  A OP1   
146 O  OP2   . DC  A 8  ? 0.4703 0.2947 0.4067 -0.0136 -0.0056 0.1040  8   DC  A OP2   
147 O  "O5'" . DC  A 8  ? 0.4386 0.2653 0.3838 0.0063  -0.0328 0.0931  8   DC  A "O5'" 
148 C  "C5'" . DC  A 8  ? 0.3959 0.2119 0.3580 0.0135  -0.0394 0.0895  8   DC  A "C5'" 
149 C  "C4'" . DC  A 8  ? 0.4493 0.2706 0.4145 0.0275  -0.0552 0.0853  8   DC  A "C4'" 
150 O  "O4'" . DC  A 8  ? 0.5640 0.3797 0.5060 0.0318  -0.0611 0.1000  8   DC  A "O4'" 
151 C  "C3'" . DC  A 8  ? 0.4641 0.3075 0.4347 0.0305  -0.0609 0.0729  8   DC  A "C3'" 
152 O  "O3'" . DC  A 8  ? 0.4611 0.3137 0.4496 0.0430  -0.0723 0.0624  8   DC  A "O3'" 
153 C  "C2'" . DC  A 8  ? 0.5292 0.3764 0.4716 0.0299  -0.0640 0.0825  8   DC  A "C2'" 
154 C  "C1'" . DC  A 8  ? 0.5568 0.3904 0.4903 0.0370  -0.0703 0.0951  8   DC  A "C1'" 
155 N  N1    . DC  A 8  ? 0.5632 0.3962 0.4650 0.0350  -0.0711 0.1090  8   DC  A N1    
156 C  C2    . DC  A 8  ? 0.5423 0.3889 0.4332 0.0436  -0.0846 0.1079  8   DC  A C2    
157 O  O2    . DC  A 8  ? 0.5220 0.3818 0.4327 0.0525  -0.0948 0.0954  8   DC  A O2    
158 N  N3    . DC  A 8  ? 0.5400 0.3887 0.4007 0.0415  -0.0854 0.1190  8   DC  A N3    
159 C  C4    . DC  A 8  ? 0.5918 0.4301 0.4336 0.0317  -0.0722 0.1313  8   DC  A C4    
160 N  N4    . DC  A 8  ? 0.6274 0.4713 0.4386 0.0301  -0.0727 0.1410  8   DC  A N4    
161 C  C5    . DC  A 8  ? 0.6013 0.4271 0.4566 0.0228  -0.0577 0.1330  8   DC  A C5    
162 C  C6    . DC  A 8  ? 0.5981 0.4212 0.4828 0.0247  -0.0582 0.1214  8   DC  A C6    
163 P  P     . DG  A 9  ? 0.3911 0.2703 0.3959 0.0469  -0.0769 0.0457  9   DG  A P     
164 O  OP1   . DG  A 9  ? 0.3912 0.2802 0.4156 0.0589  -0.0854 0.0358  9   DG  A OP1   
165 O  OP2   . DG  A 9  ? 0.2542 0.1410 0.2677 0.0360  -0.0644 0.0382  9   DG  A OP2   
166 O  "O5'" . DG  A 9  ? 0.3646 0.2570 0.3487 0.0468  -0.0818 0.0492  9   DG  A "O5'" 
167 C  "C5'" . DG  A 9  ? 0.3789 0.2753 0.3557 0.0570  -0.0952 0.0531  9   DG  A "C5'" 
168 C  "C4'" . DG  A 9  ? 0.3135 0.2373 0.2891 0.0575  -0.1010 0.0432  9   DG  A "C4'" 
169 O  "O4'" . DG  A 9  ? 0.2503 0.1776 0.2070 0.0446  -0.0892 0.0436  9   DG  A "O4'" 
170 C  "C3'" . DG  A 9  ? 0.3097 0.2600 0.3154 0.0588  -0.0996 0.0249  9   DG  A "C3'" 
171 O  "O3'" . DG  A 9  ? 0.3122 0.2862 0.3230 0.0641  -0.1101 0.0180  9   DG  A "O3'" 
172 C  "C2'" . DG  A 9  ? 0.2582 0.2158 0.2611 0.0444  -0.0841 0.0195  9   DG  A "C2'" 
173 C  "C1'" . DG  A 9  ? 0.2186 0.1693 0.1916 0.0393  -0.0837 0.0282  9   DG  A "C1'" 
174 N  N9    . DG  A 9  ? 0.2749 0.2229 0.2392 0.0271  -0.0682 0.0277  9   DG  A N9    
175 C  C8    . DG  A 9  ? 0.2481 0.1783 0.2045 0.0211  -0.0571 0.0365  9   DG  A C8    
176 N  N7    . DG  A 9  ? 0.2397 0.1751 0.1935 0.0120  -0.0447 0.0326  9   DG  A N7    
177 C  C5    . DG  A 9  ? 0.2173 0.1716 0.1762 0.0115  -0.0481 0.0210  9   DG  A C5    
178 C  C6    . DG  A 9  ? 0.1720 0.1359 0.1323 0.0040  -0.0397 0.0127  9   DG  A C6    
179 O  O6    . DG  A 9  ? 0.1674 0.1266 0.1251 -0.0022 -0.0274 0.0135  9   DG  A O6    
180 N  N1    . DG  A 9  ? 0.2019 0.1823 0.1698 0.0044  -0.0472 0.0024  9   DG  A N1    
181 C  C2    . DG  A 9  ? 0.1984 0.1892 0.1732 0.0114  -0.0610 -0.0001 9   DG  A C2    
182 N  N2    . DG  A 9  ? 0.1660 0.1753 0.1503 0.0089  -0.0662 -0.0107 9   DG  A N2    
183 N  N3    . DG  A 9  ? 0.1940 0.1779 0.1688 0.0204  -0.0693 0.0072  9   DG  A N3    
184 C  C4    . DG  A 9  ? 0.1900 0.1536 0.1558 0.0197  -0.0622 0.0178  9   DG  A C4    
185 P  P     . DG  A 10 ? 0.2889 0.2955 0.3283 0.0629  -0.1072 0.0002  10  DG  A P     
186 O  OP1   . DG  A 10 ? 0.2962 0.3196 0.3399 0.0689  -0.1161 -0.0022 10  DG  A OP1   
187 O  OP2   . DG  A 10 ? 0.2808 0.2867 0.3405 0.0637  -0.0993 -0.0067 10  DG  A OP2   
188 O  "O5'" . DG  A 10 ? 0.2233 0.2417 0.2560 0.0495  -0.1002 -0.0051 10  DG  A "O5'" 
189 C  "C5'" . DG  A 10 ? 0.2212 0.2522 0.2425 0.0463  -0.1069 -0.0076 10  DG  A "C5'" 
190 C  "C4'" . DG  A 10 ? 0.2410 0.2962 0.2785 0.0358  -0.0996 -0.0203 10  DG  A "C4'" 
191 O  "O4'" . DG  A 10 ? 0.2225 0.2680 0.2528 0.0244  -0.0864 -0.0202 10  DG  A "O4'" 
192 C  "C3'" . DG  A 10 ? 0.2253 0.2976 0.2898 0.0362  -0.0925 -0.0276 10  DG  A "C3'" 
193 O  "O3'" . DG  A 10 ? 0.2172 0.3100 0.2906 0.0273  -0.0887 -0.0346 10  DG  A "O3'" 
194 C  "C2'" . DG  A 10 ? 0.2169 0.2805 0.2858 0.0315  -0.0821 -0.0275 10  DG  A "C2'" 
195 C  "C1'" . DG  A 10 ? 0.1669 0.2220 0.2187 0.0208  -0.0773 -0.0254 10  DG  A "C1'" 
196 N  N9    . DG  A 10 ? 0.1790 0.2135 0.2202 0.0158  -0.0653 -0.0186 10  DG  A N9    
197 C  C8    . DG  A 10 ? 0.1285 0.1424 0.1614 0.0205  -0.0636 -0.0099 10  DG  A C8    
198 N  N7    . DG  A 10 ? 0.1812 0.1827 0.2068 0.0135  -0.0523 -0.0056 10  DG  A N7    
199 C  C5    . DG  A 10 ? 0.1802 0.1925 0.2086 0.0050  -0.0467 -0.0113 10  DG  A C5    
200 C  C6    . DG  A 10 ? 0.1508 0.1573 0.1762 -0.0031 -0.0353 -0.0100 10  DG  A C6    
201 O  O6    . DG  A 10 ? 0.1039 0.0979 0.1244 -0.0049 -0.0273 -0.0041 10  DG  A O6    
202 N  N1    . DG  A 10 ? 0.1580 0.1756 0.1895 -0.0095 -0.0337 -0.0166 10  DG  A N1    
203 C  C2    . DG  A 10 ? 0.1630 0.1967 0.2025 -0.0100 -0.0417 -0.0238 10  DG  A C2    
204 N  N2    . DG  A 10 ? 0.0903 0.1302 0.1360 -0.0186 -0.0387 -0.0289 10  DG  A N2    
205 N  N3    . DG  A 10 ? 0.1006 0.1440 0.1440 -0.0028 -0.0523 -0.0257 10  DG  A N3    
206 C  C4    . DG  A 10 ? 0.1598 0.1908 0.1970 0.0055  -0.0544 -0.0190 10  DG  A C4    
207 P  P     . DC  A 11 ? 0.3503 0.4626 0.4346 0.0312  -0.0962 -0.0382 11  DC  A P     
208 O  OP1   . DC  A 11 ? 0.3471 0.4525 0.4177 0.0405  -0.1099 -0.0323 11  DC  A OP1   
209 O  OP2   . DC  A 11 ? 0.4295 0.5534 0.5339 0.0350  -0.0903 -0.0428 11  DC  A OP2   
210 O  "O5'" . DC  A 11 ? 0.3076 0.4319 0.3925 0.0174  -0.0929 -0.0429 11  DC  A "O5'" 
211 C  "C5'" . DC  A 11 ? 0.3254 0.4555 0.4211 0.0072  -0.0808 -0.0456 11  DC  A "C5'" 
212 C  "C4'" . DC  A 11 ? 0.3427 0.4779 0.4373 -0.0052 -0.0805 -0.0486 11  DC  A "C4'" 
213 O  "O4'" . DC  A 11 ? 0.4137 0.5660 0.5163 -0.0035 -0.0899 -0.0521 11  DC  A "O4'" 
214 C  "C3'" . DC  A 11 ? 0.3556 0.4752 0.4305 -0.0100 -0.0832 -0.0489 11  DC  A "C3'" 
215 O  "O3'" . DC  A 11 ? 0.3279 0.4447 0.4052 -0.0227 -0.0764 -0.0514 11  DC  A "O3'" 
216 C  "C2'" . DC  A 11 ? 0.4147 0.5400 0.4805 -0.0058 -0.0969 -0.0505 11  DC  A "C2'" 
217 C  "C1'" . DC  A 11 ? 0.4365 0.5841 0.5239 -0.0060 -0.0993 -0.0535 11  DC  A "C1'" 
218 N  N1    . DC  A 11 ? 0.5276 0.6859 0.6155 0.0047  -0.1125 -0.0527 11  DC  A N1    
219 C  C2    . DC  A 11 ? 0.5983 0.7689 0.6858 0.0007  -0.1227 -0.0566 11  DC  A C2    
220 O  O2    . DC  A 11 ? 0.6009 0.7717 0.6875 -0.0121 -0.1203 -0.0617 11  DC  A O2    
221 N  N3    . DC  A 11 ? 0.6171 0.7985 0.7056 0.0109  -0.1355 -0.0545 11  DC  A N3    
222 C  C4    . DC  A 11 ? 0.5786 0.7560 0.6688 0.0251  -0.1381 -0.0485 11  DC  A C4    
223 N  N4    . DC  A 11 ? 0.5728 0.7596 0.6646 0.0356  -0.1515 -0.0453 11  DC  A N4    
224 C  C5    . DC  A 11 ? 0.5621 0.7249 0.6531 0.0291  -0.1277 -0.0455 11  DC  A C5    
225 C  C6    . DC  A 11 ? 0.5354 0.6906 0.6252 0.0185  -0.1154 -0.0479 11  DC  A C6    
226 P  P     . DG  A 12 ? 0.3631 0.4630 0.4355 -0.0282 -0.0654 -0.0488 12  DG  A P     
227 O  OP1   . DG  A 12 ? 0.4359 0.5346 0.5149 -0.0399 -0.0602 -0.0502 12  DG  A OP1   
228 O  OP2   . DG  A 12 ? 0.2833 0.3830 0.3614 -0.0219 -0.0594 -0.0436 12  DG  A OP2   
229 O  "O5'" . DG  A 12 ? 0.3150 0.3992 0.3652 -0.0262 -0.0703 -0.0515 12  DG  A "O5'" 
230 C  "C5'" . DG  A 12 ? 0.3095 0.3895 0.3485 -0.0325 -0.0745 -0.0582 12  DG  A "C5'" 
231 C  "C4'" . DG  A 12 ? 0.2738 0.3348 0.3027 -0.0383 -0.0665 -0.0616 12  DG  A "C4'" 
232 O  "O4'" . DG  A 12 ? 0.1715 0.2219 0.1824 -0.0310 -0.0671 -0.0598 12  DG  A "O4'" 
233 C  "C3'" . DG  A 12 ? 0.2592 0.3150 0.3041 -0.0439 -0.0545 -0.0571 12  DG  A "C3'" 
234 O  "O3'" . DG  A 12 ? 0.2394 0.2808 0.2820 -0.0519 -0.0495 -0.0619 12  DG  A "O3'" 
235 C  "C2'" . DG  A 12 ? 0.2019 0.2507 0.2432 -0.0380 -0.0499 -0.0526 12  DG  A "C2'" 
236 C  "C1'" . DG  A 12 ? 0.1895 0.2262 0.2043 -0.0326 -0.0534 -0.0539 12  DG  A "C1'" 
237 N  N9    . DG  A 12 ? 0.1858 0.2126 0.1887 -0.0239 -0.0499 -0.0431 12  DG  A N9    
238 C  C8    . DG  A 12 ? 0.1430 0.1743 0.1432 -0.0150 -0.0576 -0.0370 12  DG  A C8    
239 N  N7    . DG  A 12 ? 0.1454 0.1620 0.1348 -0.0104 -0.0517 -0.0273 12  DG  A N7    
240 C  C5    . DG  A 12 ? 0.1427 0.1482 0.1286 -0.0160 -0.0393 -0.0277 12  DG  A C5    
241 C  C6    . DG  A 12 ? 0.1434 0.1350 0.1214 -0.0153 -0.0284 -0.0203 12  DG  A C6    
242 O  O6    . DG  A 12 ? 0.1491 0.1332 0.1206 -0.0110 -0.0274 -0.0109 12  DG  A O6    
243 N  N1    . DG  A 12 ? 0.1410 0.1271 0.1212 -0.0206 -0.0184 -0.0245 12  DG  A N1    
244 C  C2    . DG  A 12 ? 0.1889 0.1783 0.1771 -0.0261 -0.0190 -0.0342 12  DG  A C2    
245 N  N2    . DG  A 12 ? 0.1436 0.1237 0.1346 -0.0290 -0.0090 -0.0370 12  DG  A N2    
246 N  N3    . DG  A 12 ? 0.1652 0.1659 0.1603 -0.0288 -0.0288 -0.0409 12  DG  A N3    
247 C  C4    . DG  A 12 ? 0.1690 0.1793 0.1628 -0.0234 -0.0385 -0.0373 12  DG  A C4    
248 P  P     . DG  A 13 ? 0.3155 0.3500 0.3729 -0.0581 -0.0395 -0.0551 13  DG  A P     
249 O  OP1   . DG  A 13 ? 0.3602 0.3857 0.4186 -0.0660 -0.0405 -0.0610 13  DG  A OP1   
250 O  OP2   . DG  A 13 ? 0.2444 0.2947 0.3147 -0.0563 -0.0381 -0.0462 13  DG  A OP2   
251 O  "O5'" . DG  A 13 ? 0.2778 0.2964 0.3302 -0.0550 -0.0304 -0.0523 13  DG  A "O5'" 
252 C  "C5'" . DG  A 13 ? 0.2339 0.2351 0.2738 -0.0551 -0.0273 -0.0603 13  DG  A "C5'" 
253 C  "C4'" . DG  A 13 ? 0.2042 0.1915 0.2487 -0.0535 -0.0161 -0.0540 13  DG  A "C4'" 
254 O  "O4'" . DG  A 13 ? 0.1525 0.1414 0.1892 -0.0457 -0.0127 -0.0466 13  DG  A "O4'" 
255 C  "C3'" . DG  A 13 ? 0.1826 0.1726 0.2421 -0.0556 -0.0125 -0.0419 13  DG  A "C3'" 
256 O  "O3'" . DG  A 13 ? 0.2209 0.1942 0.2825 -0.0544 -0.0053 -0.0395 13  DG  A "O3'" 
257 C  "C2'" . DG  A 13 ? 0.1038 0.1066 0.1665 -0.0510 -0.0116 -0.0333 13  DG  A "C2'" 
258 C  "C1'" . DG  A 13 ? 0.1449 0.1392 0.1964 -0.0456 -0.0086 -0.0364 13  DG  A "C1'" 
259 N  N9    . DG  A 13 ? 0.1419 0.1449 0.1876 -0.0391 -0.0112 -0.0311 13  DG  A N9    
260 C  C8    . DG  A 13 ? 0.1469 0.1640 0.1932 -0.0370 -0.0200 -0.0327 13  DG  A C8    
261 N  N7    . DG  A 13 ? 0.1325 0.1492 0.1724 -0.0298 -0.0208 -0.0272 13  DG  A N7    
262 C  C5    . DG  A 13 ? 0.0914 0.0948 0.1256 -0.0287 -0.0117 -0.0221 13  DG  A C5    
263 C  C6    . DG  A 13 ? 0.0907 0.0877 0.1185 -0.0238 -0.0080 -0.0151 13  DG  A C6    
264 O  O6    . DG  A 13 ? 0.0917 0.0897 0.1163 -0.0192 -0.0125 -0.0117 13  DG  A O6    
265 N  N1    . DG  A 13 ? 0.0932 0.0815 0.1205 -0.0249 0.0017  -0.0122 13  DG  A N1    
266 C  C2    . DG  A 13 ? 0.1341 0.1182 0.1667 -0.0281 0.0067  -0.0157 13  DG  A C2    
267 N  N2    . DG  A 13 ? 0.0936 0.0715 0.1283 -0.0268 0.0156  -0.0128 13  DG  A N2    
268 N  N3    . DG  A 13 ? 0.1380 0.1237 0.1756 -0.0324 0.0031  -0.0220 13  DG  A N3    
269 C  C4    . DG  A 13 ? 0.0944 0.0908 0.1324 -0.0333 -0.0059 -0.0247 13  DG  A C4    
270 P  P     A DA  A 14 ? 0.2529 0.2244 0.3241 -0.0571 -0.0029 -0.0279 14  DA  A P     
271 P  P     B DA  A 14 ? 0.2491 0.2211 0.3202 -0.0563 -0.0023 -0.0270 14  DA  A P     
272 O  OP1   A DA  A 14 ? 0.2638 0.2157 0.3371 -0.0579 -0.0002 -0.0317 14  DA  A OP1   
273 O  OP1   B DA  A 14 ? 0.2537 0.2062 0.3271 -0.0555 0.0015  -0.0297 14  DA  A OP1   
274 O  OP2   A DA  A 14 ? 0.2545 0.2420 0.3291 -0.0631 -0.0078 -0.0240 14  DA  A OP2   
275 O  OP2   B DA  A 14 ? 0.2536 0.2394 0.3284 -0.0631 -0.0073 -0.0236 14  DA  A OP2   
276 O  "O5'" A DA  A 14 ? 0.2087 0.1845 0.2807 -0.0505 0.0021  -0.0177 14  DA  A "O5'" 
277 O  "O5'" B DA  A 14 ? 0.2123 0.1919 0.2836 -0.0499 0.0016  -0.0171 14  DA  A "O5'" 
278 C  "C5'" A DA  A 14 ? 0.1717 0.1414 0.2410 -0.0442 0.0068  -0.0201 14  DA  A "C5'" 
279 C  "C5'" B DA  A 14 ? 0.1690 0.1414 0.2386 -0.0436 0.0069  -0.0183 14  DA  A "C5'" 
280 C  "C4'" A DA  A 14 ? 0.1696 0.1486 0.2405 -0.0395 0.0090  -0.0099 14  DA  A "C4'" 
281 C  "C4'" B DA  A 14 ? 0.1700 0.1542 0.2388 -0.0393 0.0080  -0.0102 14  DA  A "C4'" 
282 O  "O4'" A DA  A 14 ? 0.1538 0.1432 0.2203 -0.0384 0.0069  -0.0107 14  DA  A "O4'" 
283 O  "O4'" B DA  A 14 ? 0.1838 0.1791 0.2497 -0.0403 0.0034  -0.0131 14  DA  A "O4'" 
284 C  "C3'" A DA  A 14 ? 0.1720 0.1593 0.2448 -0.0418 0.0073  -0.0014 14  DA  A "C3'" 
285 C  "C3'" B DA  A 14 ? 0.1805 0.1729 0.2513 -0.0394 0.0073  -0.0009 14  DA  A "C3'" 
286 O  "O3'" A DA  A 14 ? 0.1449 0.1307 0.2211 -0.0371 0.0102  0.0053  14  DA  A "O3'" 
287 O  "O3'" B DA  A 14 ? 0.1917 0.1848 0.2636 -0.0337 0.0104  0.0042  14  DA  A "O3'" 
288 C  "C2'" A DA  A 14 ? 0.1724 0.1766 0.2410 -0.0426 0.0041  -0.0007 14  DA  A "C2'" 
289 C  "C2'" B DA  A 14 ? 0.1723 0.1807 0.2397 -0.0418 0.0035  -0.0008 14  DA  A "C2'" 
290 C  "C1'" A DA  A 14 ? 0.1486 0.1515 0.2150 -0.0378 0.0047  -0.0039 14  DA  A "C1'" 
291 C  "C1'" B DA  A 14 ? 0.1698 0.1785 0.2360 -0.0389 0.0019  -0.0064 14  DA  A "C1'" 
292 N  N9    A DA  A 14 ? 0.1562 0.1703 0.2221 -0.0381 0.0002  -0.0074 14  DA  A N9    
293 N  N9    B DA  A 14 ? 0.1798 0.2012 0.2472 -0.0405 -0.0038 -0.0101 14  DA  A N9    
294 C  C8    A DA  A 14 ? 0.1883 0.2120 0.2564 -0.0419 -0.0047 -0.0105 14  DA  A C8    
295 C  C8    B DA  A 14 ? 0.1931 0.2216 0.2634 -0.0455 -0.0075 -0.0119 14  DA  A C8    
296 N  N7    A DA  A 14 ? 0.2054 0.2395 0.2749 -0.0390 -0.0091 -0.0137 14  DA  A N7    
297 N  N7    B DA  A 14 ? 0.2096 0.2512 0.2828 -0.0438 -0.0126 -0.0151 14  DA  A N7    
298 C  C5    A DA  A 14 ? 0.1808 0.2103 0.2487 -0.0344 -0.0069 -0.0126 14  DA  A C5    
299 C  C5    B DA  A 14 ? 0.2000 0.2420 0.2711 -0.0376 -0.0125 -0.0159 14  DA  A C5    
300 C  C6    A DA  A 14 ? 0.2197 0.2534 0.2899 -0.0298 -0.0108 -0.0147 14  DA  A C6    
301 C  C6    B DA  A 14 ? 0.2290 0.2805 0.3022 -0.0320 -0.0175 -0.0194 14  DA  A C6    
302 N  N6    A DA  A 14 ? 0.2121 0.2576 0.2851 -0.0266 -0.0180 -0.0193 14  DA  A N6    
303 N  N6    B DA  A 14 ? 0.2720 0.3363 0.3492 -0.0304 -0.0227 -0.0227 14  DA  A N6    
304 N  N1    A DA  A 14 ? 0.1653 0.1887 0.2300 -0.0263 -0.0069 -0.0099 14  DA  A N1    
305 N  N1    B DA  A 14 ? 0.2097 0.2559 0.2826 -0.0274 -0.0172 -0.0188 14  DA  A N1    
306 C  C2    A DA  A 14 ? 0.2010 0.2161 0.2659 -0.0286 0.0001  -0.0060 14  DA  A C2    
307 C  C2    B DA  A 14 ? 0.2263 0.2598 0.2962 -0.0288 -0.0107 -0.0142 14  DA  A C2    
308 N  N3    A DA  A 14 ? 0.1858 0.1976 0.2494 -0.0308 0.0031  -0.0049 14  DA  A N3    
309 N  N3    B DA  A 14 ? 0.1864 0.2120 0.2537 -0.0325 -0.0051 -0.0110 14  DA  A N3    
310 C  C4    A DA  A 14 ? 0.1653 0.1831 0.2306 -0.0343 -0.0009 -0.0080 14  DA  A C4    
311 C  C4    B DA  A 14 ? 0.1810 0.2105 0.2489 -0.0366 -0.0069 -0.0124 14  DA  A C4    
312 O  "O5'" . DG  B 1  ? 0.3073 0.2624 0.2522 -0.0343 0.0713  0.0335  1   DG  B "O5'" 
313 C  "C5'" . DG  B 1  ? 0.2813 0.2470 0.2530 -0.0332 0.0763  0.0265  1   DG  B "C5'" 
314 C  "C4'" . DG  B 1  ? 0.3209 0.2927 0.2894 -0.0293 0.0837  0.0144  1   DG  B "C4'" 
315 O  "O4'" . DG  B 1  ? 0.2973 0.2637 0.2595 -0.0252 0.0728  0.0058  1   DG  B "O4'" 
316 C  "C3'" . DG  B 1  ? 0.3797 0.3542 0.3242 -0.0308 0.0960  0.0131  1   DG  B "C3'" 
317 O  "O3'" . DG  B 1  ? 0.4571 0.4424 0.4161 -0.0274 0.1079  0.0024  1   DG  B "O3'" 
318 C  "C2'" . DG  B 1  ? 0.3912 0.3572 0.3078 -0.0283 0.0862  0.0079  1   DG  B "C2'" 
319 C  "C1'" . DG  B 1  ? 0.2830 0.2473 0.2189 -0.0241 0.0756  -0.0013 1   DG  B "C1'" 
320 N  N9    . DG  B 1  ? 0.2585 0.2164 0.1825 -0.0229 0.0605  -0.0035 1   DG  B N9    
321 C  C8    . DG  B 1  ? 0.2435 0.2004 0.1704 -0.0209 0.0537  -0.0157 1   DG  B C8    
322 N  N7    . DG  B 1  ? 0.2255 0.1806 0.1448 -0.0207 0.0399  -0.0152 1   DG  B N7    
323 C  C5    . DG  B 1  ? 0.2174 0.1699 0.1284 -0.0211 0.0368  -0.0015 1   DG  B C5    
324 C  C6    . DG  B 1  ? 0.2120 0.1619 0.1150 -0.0192 0.0231  0.0048  1   DG  B C6    
325 O  O6    . DG  B 1  ? 0.2394 0.1924 0.1419 -0.0173 0.0109  -0.0009 1   DG  B O6    
326 N  N1    . DG  B 1  ? 0.2420 0.1854 0.1398 -0.0198 0.0241  0.0190  1   DG  B N1    
327 C  C2    . DG  B 1  ? 0.2224 0.1639 0.1225 -0.0237 0.0375  0.0262  1   DG  B C2    
328 N  N2    . DG  B 1  ? 0.2354 0.1682 0.1309 -0.0254 0.0363  0.0400  1   DG  B N2    
329 N  N3    . DG  B 1  ? 0.2402 0.1886 0.1492 -0.0257 0.0508  0.0199  1   DG  B N3    
330 C  C4    . DG  B 1  ? 0.2318 0.1846 0.1454 -0.0233 0.0495  0.0061  1   DG  B C4    
331 P  P     . DG  B 2  ? 0.5076 0.5029 0.4511 -0.0265 0.1202  -0.0034 2   DG  B P     
332 O  OP1   . DG  B 2  ? 0.5639 0.5715 0.5358 -0.0210 0.1264  -0.0119 2   DG  B OP1   
333 O  OP2   . DG  B 2  ? 0.5303 0.5280 0.4571 -0.0327 0.1211  0.0105  2   DG  B OP2   
334 O  "O5'" . DG  B 2  ? 0.4592 0.4457 0.3736 -0.0237 0.1193  -0.0166 2   DG  B "O5'" 
335 C  "C5'" . DG  B 2  ? 0.4595 0.4409 0.3881 -0.0179 0.1126  -0.0306 2   DG  B "C5'" 
336 C  "C4'" . DG  B 2  ? 0.5034 0.4775 0.4037 -0.0171 0.1058  -0.0420 2   DG  B "C4'" 
337 O  "O4'" . DG  B 2  ? 0.4818 0.4482 0.3724 -0.0196 0.0888  -0.0337 2   DG  B "O4'" 
338 C  "C3'" . DG  B 2  ? 0.5924 0.5728 0.4575 -0.0189 0.1162  -0.0455 2   DG  B "C3'" 
339 O  "O3'" . DG  B 2  ? 0.7056 0.6865 0.5648 -0.0142 0.1180  -0.0655 2   DG  B "O3'" 
340 C  "C2'" . DG  B 2  ? 0.5562 0.5304 0.3926 -0.0227 0.1025  -0.0343 2   DG  B "C2'" 
341 C  "C1'" . DG  B 2  ? 0.4929 0.4583 0.3478 -0.0209 0.0853  -0.0369 2   DG  B "C1'" 
342 N  N9    . DG  B 2  ? 0.4006 0.3610 0.2446 -0.0227 0.0701  -0.0238 2   DG  B N9    
343 C  C8    . DG  B 2  ? 0.3990 0.3574 0.2326 -0.0254 0.0699  -0.0056 2   DG  B C8    
344 N  N7    . DG  B 2  ? 0.3853 0.3378 0.2121 -0.0245 0.0541  0.0020  2   DG  B N7    
345 C  C5    . DG  B 2  ? 0.3624 0.3162 0.1955 -0.0219 0.0436  -0.0122 2   DG  B C5    
346 C  C6    . DG  B 2  ? 0.3643 0.3175 0.1973 -0.0200 0.0256  -0.0126 2   DG  B C6    
347 O  O6    . DG  B 2  ? 0.3207 0.2710 0.1480 -0.0181 0.0147  -0.0006 2   DG  B O6    
348 N  N1    . DG  B 2  ? 0.3437 0.2999 0.1863 -0.0201 0.0206  -0.0293 2   DG  B N1    
349 C  C2    . DG  B 2  ? 0.3227 0.2786 0.1738 -0.0210 0.0309  -0.0434 2   DG  B C2    
350 N  N2    . DG  B 2  ? 0.3411 0.2967 0.2021 -0.0223 0.0234  -0.0577 2   DG  B N2    
351 N  N3    . DG  B 2  ? 0.3447 0.3007 0.1967 -0.0207 0.0474  -0.0437 2   DG  B N3    
352 C  C4    . DG  B 2  ? 0.3811 0.3378 0.2240 -0.0216 0.0531  -0.0278 2   DG  B C4    
353 P  P     . DC  B 3  ? 0.7390 0.7289 0.6240 -0.0069 0.1293  -0.0765 3   DC  B P     
354 O  OP1   . DC  B 3  ? 0.7137 0.6918 0.6261 -0.0028 0.1233  -0.0866 3   DC  B OP1   
355 O  OP2   . DC  B 3  ? 0.6944 0.6992 0.5926 -0.0080 0.1396  -0.0633 3   DC  B OP2   
356 O  "O5'" . DC  B 3  ? 0.8203 0.8155 0.6781 -0.0038 0.1324  -0.0910 3   DC  B "O5'" 
357 C  "C5'" . DC  B 3  ? 0.8660 0.8695 0.6888 -0.0075 0.1342  -0.0835 3   DC  B "C5'" 
358 C  "C4'" . DC  B 3  ? 0.9278 0.9255 0.7205 -0.0069 0.1243  -0.0963 3   DC  B "C4'" 
359 O  "O4'" . DC  B 3  ? 0.9650 0.9618 0.7646 0.0002  0.1282  -0.1177 3   DC  B "O4'" 
360 C  "C3'" . DC  B 3  ? 0.9298 0.9129 0.7227 -0.0104 0.1074  -0.0978 3   DC  B "C3'" 
361 O  "O3'" . DC  B 3  ? 0.9958 0.9798 0.7533 -0.0129 0.0964  -0.0963 3   DC  B "O3'" 
362 C  "C2'" . DC  B 3  ? 0.9384 0.9122 0.7533 -0.0057 0.1045  -0.1180 3   DC  B "C2'" 
363 C  "C1'" . DC  B 3  ? 0.9918 0.9737 0.7933 0.0001  0.1144  -0.1305 3   DC  B "C1'" 
364 N  N1    . DC  B 3  ? 1.0433 1.0175 0.8700 0.0069  0.1176  -0.1481 3   DC  B N1    
365 C  C2    . DC  B 3  ? 1.0531 1.0292 0.9145 0.0118  0.1270  -0.1452 3   DC  B C2    
366 O  O2    . DC  B 3  ? 1.0614 1.0467 0.9331 0.0096  0.1329  -0.1291 3   DC  B O2    
367 N  N3    . DC  B 3  ? 1.0600 1.0272 0.9431 0.0190  0.1282  -0.1594 3   DC  B N3    
368 C  C4    . DC  B 3  ? 1.0898 1.0448 0.9614 0.0202  0.1215  -0.1765 3   DC  B C4    
369 N  N4    . DC  B 3  ? 1.0906 1.0342 0.9844 0.0272  0.1227  -0.1890 3   DC  B N4    
370 C  C5    . DC  B 3  ? 1.1084 1.0622 0.9459 0.0144  0.1120  -0.1808 3   DC  B C5    
371 C  C6    . DC  B 3  ? 1.0872 1.0515 0.9033 0.0085  0.1100  -0.1661 3   DC  B C6    
372 P  P     . DT  B 4  ? 1.0158 0.9912 0.7672 -0.0176 0.0774  -0.0901 4   DT  B P     
373 O  OP1   . DT  B 4  ? 1.0619 1.0423 0.7818 -0.0199 0.0722  -0.0722 4   DT  B OP1   
374 O  OP2   . DT  B 4  ? 0.9638 0.9300 0.7475 -0.0193 0.0776  -0.0862 4   DT  B OP2   
375 O  "O5'" . DT  B 4  ? 1.0929 1.0645 0.8397 -0.0159 0.0649  -0.1111 4   DT  B "O5'" 
376 C  "C5'" . DT  B 4  ? 1.2019 1.1791 0.9145 -0.0152 0.0558  -0.1144 4   DT  B "C5'" 
377 C  "C4'" . DT  B 4  ? 1.2545 1.2287 0.9648 -0.0181 0.0342  -0.1160 4   DT  B "C4'" 
378 O  "O4'" . DT  B 4  ? 1.2525 1.2289 0.9597 -0.0205 0.0269  -0.0955 4   DT  B "O4'" 
379 C  "C3'" . DT  B 4  ? 1.2917 1.2697 0.9708 -0.0167 0.0222  -0.1238 4   DT  B "C3'" 
380 O  "O3'" . DT  B 4  ? 1.2777 1.2479 0.9679 -0.0179 0.0157  -0.1456 4   DT  B "O3'" 
381 C  "C2'" . DT  B 4  ? 1.2938 1.2766 0.9611 -0.0177 0.0042  -0.1080 4   DT  B "C2'" 
382 C  "C1'" . DT  B 4  ? 1.2510 1.2312 0.9451 -0.0204 0.0066  -0.0947 4   DT  B "C1'" 
383 N  N1    . DT  B 4  ? 1.2419 1.2246 0.9224 -0.0199 -0.0008 -0.0705 4   DT  B N1    
384 C  C2    . DT  B 4  ? 1.2571 1.2374 0.9284 -0.0201 0.0127  -0.0524 4   DT  B C2    
385 O  O2    . DT  B 4  ? 1.2590 1.2394 0.9333 -0.0207 0.0313  -0.0553 4   DT  B O2    
386 N  N3    . DT  B 4  ? 1.2698 1.2473 0.9320 -0.0192 0.0030  -0.0300 4   DT  B N3    
387 C  C4    . DT  B 4  ? 1.2565 1.2359 0.9193 -0.0162 -0.0186 -0.0244 4   DT  B C4    
388 O  O4    . DT  B 4  ? 1.2407 1.2157 0.8992 -0.0133 -0.0263 -0.0035 4   DT  B O4    
389 C  C5    . DT  B 4  ? 1.2516 1.2388 0.9256 -0.0161 -0.0313 -0.0448 4   DT  B C5    
390 C  C7    . DT  B 4  ? 1.2372 1.2333 0.9194 -0.0124 -0.0543 -0.0418 4   DT  B C7    
391 C  C6    . DT  B 4  ? 1.2451 1.2319 0.9267 -0.0187 -0.0219 -0.0662 4   DT  B C6    
392 P  P     . DC  B 5  ? 1.2425 1.2016 0.9758 -0.0205 0.0158  -0.1555 5   DC  B P     
393 O  OP1   . DC  B 5  ? 1.2184 1.1733 0.9737 -0.0175 0.0339  -0.1548 5   DC  B OP1   
394 O  OP2   . DC  B 5  ? 1.2798 1.2315 1.0115 -0.0227 0.0072  -0.1742 5   DC  B OP2   
395 O  "O5'" . DC  B 5  ? 1.2132 1.1753 0.9628 -0.0249 0.0011  -0.1435 5   DC  B "O5'" 
396 C  "C5'" . DC  B 5  ? 1.2394 1.2029 0.9900 -0.0288 -0.0177 -0.1488 5   DC  B "C5'" 
397 C  "C4'" . DC  B 5  ? 1.2130 1.1812 0.9886 -0.0320 -0.0281 -0.1382 5   DC  B "C4'" 
398 O  "O4'" . DC  B 5  ? 1.1771 1.1429 0.9695 -0.0311 -0.0157 -0.1281 5   DC  B "O4'" 
399 C  "C3'" . DC  B 5  ? 1.2137 1.1939 0.9722 -0.0307 -0.0436 -0.1253 5   DC  B "C3'" 
400 O  "O3'" . DC  B 5  ? 1.1566 1.1426 0.9423 -0.0346 -0.0572 -0.1236 5   DC  B "O3'" 
401 C  "C2'" . DC  B 5  ? 1.2050 1.1873 0.9545 -0.0269 -0.0340 -0.1082 5   DC  B "C2'" 
402 C  "C1'" . DC  B 5  ? 1.1733 1.1474 0.9539 -0.0299 -0.0205 -0.1108 5   DC  B "C1'" 
403 N  N1    . DC  B 5  ? 1.1714 1.1402 0.9474 -0.0272 -0.0029 -0.0986 5   DC  B N1    
404 C  C2    . DC  B 5  ? 1.1749 1.1455 0.9429 -0.0240 -0.0045 -0.0762 5   DC  B C2    
405 O  O2    . DC  B 5  ? 1.1588 1.1351 0.9217 -0.0225 -0.0206 -0.0678 5   DC  B O2    
406 N  N3    . DC  B 5  ? 1.1853 1.1513 0.9535 -0.0226 0.0112  -0.0646 5   DC  B N3    
407 C  C4    . DC  B 5  ? 1.1768 1.1396 0.9539 -0.0229 0.0279  -0.0743 5   DC  B C4    
408 N  N4    . DC  B 5  ? 1.1580 1.1202 0.9378 -0.0221 0.0428  -0.0627 5   DC  B N4    
409 C  C5    . DC  B 5  ? 1.1752 1.1353 0.9608 -0.0241 0.0295  -0.0970 5   DC  B C5    
410 C  C6    . DC  B 5  ? 1.1690 1.1307 0.9532 -0.0269 0.0140  -0.1083 5   DC  B C6    
411 P  P     . DG  B 6  ? 1.0833 1.0829 0.8615 -0.0332 -0.0761 -0.1118 6   DG  B P     
412 O  OP1   . DG  B 6  ? 1.1037 1.1094 0.9019 -0.0400 -0.0880 -0.1208 6   DG  B OP1   
413 O  OP2   . DG  B 6  ? 1.1274 1.1271 0.8650 -0.0282 -0.0780 -0.1041 6   DG  B OP2   
414 O  "O5'" . DG  B 6  ? 0.8761 0.8816 0.6763 -0.0300 -0.0758 -0.0970 6   DG  B "O5'" 
415 C  "C5'" . DG  B 6  ? 0.6875 0.6980 0.5270 -0.0337 -0.0782 -0.0985 6   DG  B "C5'" 
416 C  "C4'" . DG  B 6  ? 0.5623 0.5606 0.4204 -0.0393 -0.0653 -0.1098 6   DG  B "C4'" 
417 O  "O4'" . DG  B 6  ? 0.5467 0.5349 0.3939 -0.0368 -0.0492 -0.1081 6   DG  B "O4'" 
418 C  "C3'" . DG  B 6  ? 0.5035 0.5044 0.3999 -0.0436 -0.0643 -0.1073 6   DG  B "C3'" 
419 O  "O3'" . DG  B 6  ? 0.4991 0.4872 0.4102 -0.0497 -0.0568 -0.1169 6   DG  B "O3'" 
420 C  "C2'" . DG  B 6  ? 0.4449 0.4426 0.3456 -0.0388 -0.0545 -0.0954 6   DG  B "C2'" 
421 C  "C1'" . DG  B 6  ? 0.4693 0.4531 0.3459 -0.0366 -0.0413 -0.0984 6   DG  B "C1'" 
422 N  N9    . DG  B 6  ? 0.4231 0.4017 0.2900 -0.0302 -0.0319 -0.0818 6   DG  B N9    
423 C  C8    . DG  B 6  ? 0.3865 0.3544 0.2521 -0.0288 -0.0152 -0.0797 6   DG  B C8    
424 N  N7    . DG  B 6  ? 0.3805 0.3471 0.2382 -0.0246 -0.0099 -0.0640 6   DG  B N7    
425 C  C5    . DG  B 6  ? 0.3574 0.3312 0.2096 -0.0220 -0.0241 -0.0549 6   DG  B C5    
426 C  C6    . DG  B 6  ? 0.3331 0.3052 0.1772 -0.0173 -0.0263 -0.0372 6   DG  B C6    
427 O  O6    . DG  B 6  ? 0.3732 0.3379 0.2130 -0.0163 -0.0153 -0.0260 6   DG  B O6    
428 N  N1    . DG  B 6  ? 0.3204 0.3004 0.1635 -0.0138 -0.0433 -0.0332 6   DG  B N1    
429 C  C2    . DG  B 6  ? 0.3444 0.3368 0.1951 -0.0155 -0.0565 -0.0453 6   DG  B C2    
430 N  N2    . DG  B 6  ? 0.3092 0.3114 0.1612 -0.0102 -0.0726 -0.0397 6   DG  B N2    
431 N  N3    . DG  B 6  ? 0.3817 0.3764 0.2402 -0.0220 -0.0543 -0.0621 6   DG  B N3    
432 C  C4    . DG  B 6  ? 0.3848 0.3677 0.2428 -0.0246 -0.0379 -0.0657 6   DG  B C4    
433 P  P     . DG  B 7  ? 0.5012 0.4891 0.4492 -0.0557 -0.0543 -0.1123 7   DG  B P     
434 O  OP1   . DG  B 7  ? 0.5425 0.5190 0.4992 -0.0626 -0.0533 -0.1218 7   DG  B OP1   
435 O  OP2   . DG  B 7  ? 0.5201 0.5273 0.4802 -0.0550 -0.0638 -0.1030 7   DG  B OP2   
436 O  "O5'" . DG  B 7  ? 0.3815 0.3600 0.3380 -0.0527 -0.0406 -0.1055 7   DG  B "O5'" 
437 C  "C5'" . DG  B 7  ? 0.3389 0.3008 0.2872 -0.0506 -0.0282 -0.1111 7   DG  B "C5'" 
438 C  "C4'" . DG  B 7  ? 0.3122 0.2702 0.2694 -0.0465 -0.0171 -0.0991 7   DG  B "C4'" 
439 O  "O4'" . DG  B 7  ? 0.2808 0.2461 0.2187 -0.0394 -0.0177 -0.0879 7   DG  B "O4'" 
440 C  "C3'" . DG  B 7  ? 0.2554 0.2191 0.2414 -0.0496 -0.0185 -0.0879 7   DG  B "C3'" 
441 O  "O3'" . DG  B 7  ? 0.2532 0.2050 0.2543 -0.0487 -0.0075 -0.0824 7   DG  B "O3'" 
442 C  "C2'" . DG  B 7  ? 0.2414 0.2179 0.2219 -0.0436 -0.0221 -0.0746 7   DG  B "C2'" 
443 C  "C1'" . DG  B 7  ? 0.2403 0.2092 0.1957 -0.0371 -0.0152 -0.0729 7   DG  B "C1'" 
444 N  N9    . DG  B 7  ? 0.2438 0.2195 0.1861 -0.0313 -0.0195 -0.0615 7   DG  B N9    
445 C  C8    . DG  B 7  ? 0.2518 0.2396 0.1931 -0.0295 -0.0326 -0.0582 7   DG  B C8    
446 N  N7    . DG  B 7  ? 0.2012 0.1884 0.1318 -0.0231 -0.0335 -0.0461 7   DG  B N7    
447 C  C5    . DG  B 7  ? 0.2290 0.2047 0.1533 -0.0224 -0.0196 -0.0412 7   DG  B C5    
448 C  C6    . DG  B 7  ? 0.2050 0.1744 0.1191 -0.0186 -0.0135 -0.0282 7   DG  B C6    
449 O  O6    . DG  B 7  ? 0.2094 0.1785 0.1165 -0.0145 -0.0200 -0.0178 7   DG  B O6    
450 N  N1    . DG  B 7  ? 0.2346 0.1972 0.1489 -0.0200 0.0013  -0.0281 7   DG  B N1    
451 C  C2    . DG  B 7  ? 0.2598 0.2200 0.1838 -0.0227 0.0087  -0.0392 7   DG  B C2    
452 N  N2    . DG  B 7  ? 0.2660 0.2219 0.1921 -0.0220 0.0225  -0.0381 7   DG  B N2    
453 N  N3    . DG  B 7  ? 0.2067 0.1684 0.1395 -0.0259 0.0027  -0.0505 7   DG  B N3    
454 C  C4    . DG  B 7  ? 0.2014 0.1716 0.1339 -0.0265 -0.0110 -0.0508 7   DG  B C4    
455 P  P     . DC  B 8  ? 0.2623 0.2015 0.2804 -0.0527 -0.0057 -0.0850 8   DC  B P     
456 O  OP1   . DC  B 8  ? 0.2327 0.1626 0.2358 -0.0523 -0.0064 -0.0999 8   DC  B OP1   
457 O  OP2   . DC  B 8  ? 0.2106 0.1597 0.2449 -0.0586 -0.0122 -0.0761 8   DC  B OP2   
458 O  "O5'" . DC  B 8  ? 0.2861 0.2150 0.3158 -0.0474 0.0058  -0.0766 8   DC  B "O5'" 
459 C  "C5'" . DC  B 8  ? 0.2997 0.2356 0.3448 -0.0473 0.0069  -0.0610 8   DC  B "C5'" 
460 C  "C4'" . DC  B 8  ? 0.2989 0.2250 0.3544 -0.0414 0.0155  -0.0545 8   DC  B "C4'" 
461 O  "O4'" . DC  B 8  ? 0.3026 0.2159 0.3656 -0.0430 0.0144  -0.0569 8   DC  B "O4'" 
462 C  "C3'" . DC  B 8  ? 0.2436 0.1627 0.2906 -0.0346 0.0253  -0.0618 8   DC  B "C3'" 
463 O  "O3'" . DC  B 8  ? 0.3114 0.2312 0.3721 -0.0290 0.0317  -0.0510 8   DC  B "O3'" 
464 C  "C2'" . DC  B 8  ? 0.3038 0.2098 0.3467 -0.0334 0.0261  -0.0753 8   DC  B "C2'" 
465 C  "C1'" . DC  B 8  ? 0.3111 0.2115 0.3711 -0.0368 0.0211  -0.0673 8   DC  B "C1'" 
466 N  N1    . DC  B 8  ? 0.3417 0.2297 0.3992 -0.0408 0.0167  -0.0786 8   DC  B N1    
467 C  C2    . DC  B 8  ? 0.3376 0.2099 0.4073 -0.0389 0.0182  -0.0776 8   DC  B C2    
468 O  O2    . DC  B 8  ? 0.3745 0.2454 0.4565 -0.0332 0.0225  -0.0670 8   DC  B O2    
469 N  N3    . DC  B 8  ? 0.3235 0.1822 0.3911 -0.0433 0.0142  -0.0882 8   DC  B N3    
470 C  C4    . DC  B 8  ? 0.3604 0.2234 0.4147 -0.0495 0.0084  -0.0994 8   DC  B C4    
471 N  N4    . DC  B 8  ? 0.3288 0.1781 0.3820 -0.0546 0.0041  -0.1103 8   DC  B N4    
472 C  C5    . DC  B 8  ? 0.3506 0.2320 0.3923 -0.0507 0.0057  -0.0999 8   DC  B C5    
473 C  C6    . DC  B 8  ? 0.3812 0.2733 0.4248 -0.0463 0.0103  -0.0895 8   DC  B C6    
474 P  P     . DG  B 9  ? 0.2554 0.1890 0.3146 -0.0266 0.0340  -0.0395 9   DG  B P     
475 O  OP1   . DG  B 9  ? 0.2773 0.2105 0.3506 -0.0201 0.0418  -0.0335 9   DG  B OP1   
476 O  OP2   . DG  B 9  ? 0.2202 0.1644 0.2833 -0.0324 0.0255  -0.0316 9   DG  B OP2   
477 O  "O5'" . DG  B 9  ? 0.2342 0.1721 0.2689 -0.0243 0.0363  -0.0457 9   DG  B "O5'" 
478 C  "C5'" . DG  B 9  ? 0.2644 0.1978 0.2905 -0.0193 0.0460  -0.0536 9   DG  B "C5'" 
479 C  "C4'" . DG  B 9  ? 0.2552 0.1988 0.2704 -0.0169 0.0517  -0.0458 9   DG  B "C4'" 
480 O  "O4'" . DG  B 9  ? 0.2521 0.2002 0.2476 -0.0200 0.0440  -0.0430 9   DG  B "O4'" 
481 C  "C3'" . DG  B 9  ? 0.2168 0.1686 0.2508 -0.0158 0.0532  -0.0322 9   DG  B "C3'" 
482 O  "O3'" . DG  B 9  ? 0.2671 0.2242 0.3026 -0.0121 0.0645  -0.0307 9   DG  B "O3'" 
483 C  "C2'" . DG  B 9  ? 0.1749 0.1330 0.2001 -0.0195 0.0449  -0.0239 9   DG  B "C2'" 
484 C  "C1'" . DG  B 9  ? 0.1741 0.1295 0.1727 -0.0200 0.0439  -0.0300 9   DG  B "C1'" 
485 N  N9    . DG  B 9  ? 0.1985 0.1568 0.1876 -0.0221 0.0326  -0.0264 9   DG  B N9    
486 C  C8    . DG  B 9  ? 0.1909 0.1502 0.1799 -0.0246 0.0223  -0.0320 9   DG  B C8    
487 N  N7    . DG  B 9  ? 0.1700 0.1350 0.1529 -0.0243 0.0134  -0.0273 9   DG  B N7    
488 C  C5    . DG  B 9  ? 0.1761 0.1400 0.1537 -0.0220 0.0181  -0.0175 9   DG  B C5    
489 C  C6    . DG  B 9  ? 0.1899 0.1546 0.1613 -0.0200 0.0121  -0.0090 9   DG  B C6    
490 O  O6    . DG  B 9  ? 0.1437 0.1123 0.1139 -0.0183 0.0010  -0.0090 9   DG  B O6    
491 N  N1    . DG  B 9  ? 0.2161 0.1769 0.1854 -0.0200 0.0203  -0.0004 9   DG  B N1    
492 C  C2    . DG  B 9  ? 0.1888 0.1494 0.1631 -0.0213 0.0328  -0.0005 9   DG  B C2    
493 N  N2    . DG  B 9  ? 0.2194 0.1786 0.1935 -0.0227 0.0395  0.0081  9   DG  B N2    
494 N  N3    . DG  B 9  ? 0.2148 0.1763 0.1961 -0.0212 0.0380  -0.0089 9   DG  B N3    
495 C  C4    . DG  B 9  ? 0.1801 0.1413 0.1619 -0.0215 0.0301  -0.0168 9   DG  B C4    
496 P  P     . DG  B 10 ? 0.2698 0.2379 0.3253 -0.0114 0.0668  -0.0187 10  DG  B P     
497 O  OP1   . DG  B 10 ? 0.2956 0.2701 0.3576 -0.0072 0.0796  -0.0213 10  DG  B OP1   
498 O  OP2   . DG  B 10 ? 0.2094 0.1775 0.2832 -0.0120 0.0586  -0.0132 10  DG  B OP2   
499 O  "O5'" . DG  B 10 ? 0.1973 0.1700 0.2393 -0.0161 0.0629  -0.0104 10  DG  B "O5'" 
500 C  "C5'" . DG  B 10 ? 0.2391 0.2128 0.2629 -0.0174 0.0699  -0.0093 10  DG  B "C5'" 
501 C  "C4'" . DG  B 10 ? 0.2087 0.1876 0.2363 -0.0211 0.0695  0.0020  10  DG  B "C4'" 
502 O  "O4'" . DG  B 10 ? 0.2312 0.2046 0.2487 -0.0231 0.0581  0.0059  10  DG  B "O4'" 
503 C  "C3'" . DG  B 10 ? 0.1724 0.1607 0.2257 -0.0206 0.0673  0.0064  10  DG  B "C3'" 
504 O  "O3'" . DG  B 10 ? 0.2887 0.2823 0.3406 -0.0224 0.0659  0.0121  10  DG  B "O3'" 
505 C  "C2'" . DG  B 10 ? 0.1687 0.1549 0.2241 -0.0211 0.0542  0.0079  10  DG  B "C2'" 
506 C  "C1'" . DG  B 10 ? 0.1800 0.1582 0.2160 -0.0242 0.0518  0.0101  10  DG  B "C1'" 
507 N  N9    . DG  B 10 ? 0.1947 0.1698 0.2255 -0.0235 0.0407  0.0076  10  DG  B N9    
508 C  C8    . DG  B 10 ? 0.1301 0.1042 0.1612 -0.0224 0.0368  0.0009  10  DG  B C8    
509 N  N7    . DG  B 10 ? 0.1687 0.1433 0.1953 -0.0229 0.0272  -0.0004 10  DG  B N7    
510 C  C5    . DG  B 10 ? 0.1367 0.1105 0.1587 -0.0225 0.0244  0.0055  10  DG  B C5    
511 C  C6    . DG  B 10 ? 0.1440 0.1180 0.1620 -0.0209 0.0147  0.0062  10  DG  B C6    
512 O  O6    . DG  B 10 ? 0.0943 0.0732 0.1130 -0.0198 0.0069  0.0014  10  DG  B O6    
513 N  N1    . DG  B 10 ? 0.1463 0.1147 0.1619 -0.0204 0.0146  0.0128  10  DG  B N1    
514 C  C2    . DG  B 10 ? 0.1385 0.1033 0.1556 -0.0233 0.0233  0.0183  10  DG  B C2    
515 N  N2    . DG  B 10 ? 0.1134 0.0704 0.1292 -0.0242 0.0216  0.0245  10  DG  B N2    
516 N  N3    . DG  B 10 ? 0.1123 0.0809 0.1337 -0.0253 0.0329  0.0174  10  DG  B N3    
517 C  C4    . DG  B 10 ? 0.0996 0.0720 0.1231 -0.0237 0.0326  0.0107  10  DG  B C4    
518 P  P     . DC  B 11 ? 0.2989 0.3040 0.3632 -0.0212 0.0721  0.0120  11  DC  B P     
519 O  OP1   . DC  B 11 ? 0.3089 0.3148 0.3664 -0.0198 0.0858  0.0069  11  DC  B OP1   
520 O  OP2   . DC  B 11 ? 0.2712 0.2827 0.3538 -0.0173 0.0651  0.0116  11  DC  B OP2   
521 O  "O5'" . DC  B 11 ? 0.2302 0.2380 0.2888 -0.0271 0.0699  0.0187  11  DC  B "O5'" 
522 C  "C5'" . DC  B 11 ? 0.2511 0.2572 0.3115 -0.0292 0.0587  0.0215  11  DC  B "C5'" 
523 C  "C4'" . DC  B 11 ? 0.2202 0.2244 0.2744 -0.0359 0.0596  0.0274  11  DC  B "C4'" 
524 O  "O4'" . DC  B 11 ? 0.2238 0.2404 0.2878 -0.0386 0.0663  0.0281  11  DC  B "O4'" 
525 C  "C3'" . DC  B 11 ? 0.2426 0.2360 0.2772 -0.0390 0.0650  0.0327  11  DC  B "C3'" 
526 O  "O3'" . DC  B 11 ? 0.2531 0.2383 0.2826 -0.0446 0.0602  0.0395  11  DC  B "O3'" 
527 C  "C2'" . DC  B 11 ? 0.2596 0.2625 0.2926 -0.0402 0.0778  0.0326  11  DC  B "C2'" 
528 C  "C1'" . DC  B 11 ? 0.2334 0.2506 0.2867 -0.0417 0.0771  0.0314  11  DC  B "C1'" 
529 N  N1    . DC  B 11 ? 0.3210 0.3521 0.3849 -0.0378 0.0866  0.0262  11  DC  B N1    
530 C  C2    . DC  B 11 ? 0.3744 0.4141 0.4326 -0.0411 0.0985  0.0279  11  DC  B C2    
531 O  O2    . DC  B 11 ? 0.4314 0.4665 0.4749 -0.0479 0.1005  0.0356  11  DC  B O2    
532 N  N3    . DC  B 11 ? 0.4173 0.4710 0.4866 -0.0363 0.1076  0.0215  11  DC  B N3    
533 C  C4    . DC  B 11 ? 0.4157 0.4717 0.5017 -0.0286 0.1042  0.0149  11  DC  B C4    
534 N  N4    . DC  B 11 ? 0.4751 0.5439 0.5733 -0.0230 0.1129  0.0085  11  DC  B N4    
535 C  C5    . DC  B 11 ? 0.3687 0.4147 0.4593 -0.0261 0.0916  0.0151  11  DC  B C5    
536 C  C6    . DC  B 11 ? 0.3484 0.3834 0.4273 -0.0308 0.0835  0.0201  11  DC  B C6    
537 P  P     . DG  B 12 ? 0.2464 0.2157 0.2681 -0.0434 0.0502  0.0415  12  DG  B P     
538 O  OP1   . DG  B 12 ? 0.2390 0.2000 0.2609 -0.0493 0.0461  0.0468  12  DG  B OP1   
539 O  OP2   . DG  B 12 ? 0.1729 0.1473 0.2045 -0.0376 0.0443  0.0335  12  DG  B OP2   
540 O  "O5'" . DG  B 12 ? 0.2590 0.2170 0.2577 -0.0420 0.0547  0.0466  12  DG  B "O5'" 
541 C  "C5'" . DG  B 12 ? 0.3210 0.2704 0.3022 -0.0464 0.0581  0.0571  12  DG  B "C5'" 
542 C  "C4'" . DG  B 12 ? 0.3120 0.2416 0.2774 -0.0441 0.0492  0.0644  12  DG  B "C4'" 
543 O  "O4'" . DG  B 12 ? 0.2759 0.1996 0.2239 -0.0385 0.0487  0.0603  12  DG  B "O4'" 
544 C  "C3'" . DG  B 12 ? 0.2928 0.2144 0.2736 -0.0429 0.0376  0.0624  12  DG  B "C3'" 
545 O  "O3'" . DG  B 12 ? 0.3009 0.2039 0.2712 -0.0438 0.0309  0.0728  12  DG  B "O3'" 
546 C  "C2'" . DG  B 12 ? 0.2618 0.1829 0.2443 -0.0357 0.0332  0.0552  12  DG  B "C2'" 
547 C  "C1'" . DG  B 12 ? 0.2620 0.1799 0.2176 -0.0328 0.0347  0.0574  12  DG  B "C1'" 
548 N  N9    . DG  B 12 ? 0.2070 0.1356 0.1632 -0.0271 0.0295  0.0455  12  DG  B N9    
549 C  C8    . DG  B 12 ? 0.2009 0.1415 0.1628 -0.0275 0.0365  0.0365  12  DG  B C8    
550 N  N7    . DG  B 12 ? 0.1886 0.1340 0.1504 -0.0232 0.0290  0.0275  12  DG  B N7    
551 C  C5    . DG  B 12 ? 0.1806 0.1201 0.1369 -0.0194 0.0164  0.0306  12  DG  B C5    
552 C  C6    . DG  B 12 ? 0.1647 0.1093 0.1213 -0.0146 0.0046  0.0240  12  DG  B C6    
553 O  O6    . DG  B 12 ? 0.1702 0.1238 0.1309 -0.0147 0.0031  0.0143  12  DG  B O6    
554 N  N1    . DG  B 12 ? 0.1749 0.1125 0.1281 -0.0098 -0.0063 0.0296  12  DG  B N1    
555 C  C2    . DG  B 12 ? 0.2293 0.1528 0.1788 -0.0101 -0.0059 0.0408  12  DG  B C2    
556 N  N2    . DG  B 12 ? 0.2168 0.1325 0.1656 -0.0034 -0.0179 0.0450  12  DG  B N2    
557 N  N3    . DG  B 12 ? 0.1947 0.1119 0.1436 -0.0165 0.0055  0.0476  12  DG  B N3    
558 C  C4    . DG  B 12 ? 0.1827 0.1105 0.1354 -0.0207 0.0163  0.0416  12  DG  B C4    
559 P  P     . DG  B 13 ? 0.3714 0.2575 0.3497 -0.0425 0.0225  0.0678  13  DG  B P     
560 O  OP1   . DG  B 13 ? 0.3661 0.2317 0.3312 -0.0451 0.0236  0.0766  13  DG  B OP1   
561 O  OP2   . DG  B 13 ? 0.2945 0.1983 0.2954 -0.0444 0.0241  0.0563  13  DG  B OP2   
562 O  "O5'" . DG  B 13 ? 0.3836 0.2653 0.3643 -0.0305 0.0141  0.0649  13  DG  B "O5'" 
563 C  "C5'" . DG  B 13 ? 0.3821 0.2523 0.3456 -0.0239 0.0065  0.0748  13  DG  B "C5'" 
564 C  "C4'" . DG  B 13 ? 0.3002 0.1656 0.2734 -0.0142 -0.0091 0.0693  13  DG  B "C4'" 
565 O  "O4'" . DG  B 13 ? 0.2544 0.1398 0.2301 -0.0090 -0.0130 0.0577  13  DG  B "O4'" 
566 C  "C3'" . DG  B 13 ? 0.2465 0.1130 0.2439 -0.0136 -0.0099 0.0591  13  DG  B "C3'" 
567 O  "O3'" . DG  B 13 ? 0.2983 0.1534 0.2989 -0.0040 -0.0216 0.0586  13  DG  B "O3'" 
568 C  "C2'" . DG  B 13 ? 0.2081 0.0956 0.2215 -0.0137 -0.0100 0.0469  13  DG  B "C2'" 
569 C  "C1'" . DG  B 13 ? 0.2455 0.1423 0.2453 -0.0067 -0.0156 0.0452  13  DG  B "C1'" 
570 N  N9    . DG  B 13 ? 0.1793 0.0972 0.1821 -0.0088 -0.0107 0.0364  13  DG  B N9    
571 C  C8    . DG  B 13 ? 0.1491 0.0747 0.1530 -0.0161 0.0006  0.0360  13  DG  B C8    
572 N  N7    . DG  B 13 ? 0.1449 0.0854 0.1508 -0.0155 0.0017  0.0284  13  DG  B N7    
573 C  C5    . DG  B 13 ? 0.1325 0.0774 0.1383 -0.0089 -0.0091 0.0235  13  DG  B C5    
574 C  C6    . DG  B 13 ? 0.1205 0.0800 0.1295 -0.0074 -0.0127 0.0151  13  DG  B C6    
575 O  O6    . DG  B 13 ? 0.1154 0.0833 0.1268 -0.0113 -0.0073 0.0109  13  DG  B O6    
576 N  N1    . DG  B 13 ? 0.1515 0.1149 0.1625 -0.0006 -0.0240 0.0119  13  DG  B N1    
577 C  C2    . DG  B 13 ? 0.1750 0.1275 0.1854 0.0059  -0.0316 0.0163  13  DG  B C2    
578 N  N2    . DG  B 13 ? 0.1529 0.1139 0.1689 0.0138  -0.0427 0.0115  13  DG  B N2    
579 N  N3    . DG  B 13 ? 0.1529 0.0874 0.1593 0.0047  -0.0286 0.0248  13  DG  B N3    
580 C  C4    . DG  B 13 ? 0.1481 0.0806 0.1523 -0.0038 -0.0171 0.0280  13  DG  B C4    
581 P  P     A DA  B 14 ? 0.3303 0.1799 0.3500 -0.0025 -0.0237 0.0494  14  DA  B P     
582 P  P     B DA  B 14 ? 0.3227 0.1753 0.3443 -0.0015 -0.0247 0.0474  14  DA  B P     
583 O  OP1   A DA  B 14 ? 0.3387 0.1676 0.3522 0.0043  -0.0300 0.0571  14  DA  B OP1   
584 O  OP1   B DA  B 14 ? 0.3328 0.1668 0.3512 0.0070  -0.0328 0.0527  14  DA  B OP1   
585 O  OP2   A DA  B 14 ? 0.2904 0.1453 0.3168 -0.0138 -0.0134 0.0454  14  DA  B OP2   
586 O  OP2   B DA  B 14 ? 0.2871 0.1430 0.3150 -0.0127 -0.0145 0.0443  14  DA  B OP2   
587 O  "O5'" A DA  B 14 ? 0.2496 0.1160 0.2865 0.0058  -0.0322 0.0348  14  DA  B "O5'" 
588 O  "O5'" B DA  B 14 ? 0.2419 0.1139 0.2801 0.0050  -0.0314 0.0332  14  DA  B "O5'" 
589 C  "C5'" A DA  B 14 ? 0.2403 0.1111 0.2730 0.0159  -0.0422 0.0351  14  DA  B "C5'" 
590 C  "C5'" B DA  B 14 ? 0.2348 0.1105 0.2721 0.0165  -0.0425 0.0313  14  DA  B "C5'" 
591 C  "C4'" A DA  B 14 ? 0.2221 0.1187 0.2703 0.0193  -0.0439 0.0197  14  DA  B "C4'" 
592 C  "C4'" B DA  B 14 ? 0.2255 0.1280 0.2786 0.0195  -0.0434 0.0155  14  DA  B "C4'" 
593 O  "O4'" A DA  B 14 ? 0.2089 0.1230 0.2505 0.0110  -0.0351 0.0193  14  DA  B "O4'" 
594 O  "O4'" B DA  B 14 ? 0.2004 0.1207 0.2474 0.0110  -0.0347 0.0150  14  DA  B "O4'" 
595 C  "C3'" A DA  B 14 ? 0.2284 0.1312 0.2975 0.0184  -0.0420 0.0065  14  DA  B "C3'" 
596 C  "C3'" B DA  B 14 ? 0.2275 0.1349 0.3007 0.0184  -0.0415 0.0028  14  DA  B "C3'" 
597 O  "O3'" A DA  B 14 ? 0.2568 0.1641 0.3378 0.0301  -0.0505 -0.0036 14  DA  B "O3'" 
598 O  "O3'" B DA  B 14 ? 0.2318 0.1595 0.3181 0.0271  -0.0468 -0.0108 14  DA  B "O3'" 
599 C  "C2'" A DA  B 14 ? 0.1978 0.1280 0.2707 0.0114  -0.0342 -0.0008 14  DA  B "C2'" 
600 C  "C2'" B DA  B 14 ? 0.1886 0.1101 0.2618 0.0064  -0.0307 0.0021  14  DA  B "C2'" 
601 C  "C1'" A DA  B 14 ? 0.1712 0.1077 0.2284 0.0103  -0.0331 0.0065  14  DA  B "C1'" 
602 C  "C1'" B DA  B 14 ? 0.1775 0.1138 0.2397 0.0065  -0.0295 0.0049  14  DA  B "C1'" 
603 N  N9    A DA  B 14 ? 0.1640 0.1122 0.2181 0.0011  -0.0235 0.0074  14  DA  B N9    
604 N  N9    B DA  B 14 ? 0.1501 0.0946 0.2076 -0.0029 -0.0198 0.0084  14  DA  B N9    
605 C  C8    A DA  B 14 ? 0.1281 0.0947 0.1819 -0.0003 -0.0218 0.0034  14  DA  B C8    
606 C  C8    B DA  B 14 ? 0.1564 0.0931 0.2133 -0.0111 -0.0120 0.0143  14  DA  B C8    
607 N  N7    A DA  B 14 ? 0.1059 0.0767 0.1584 -0.0077 -0.0132 0.0058  14  DA  B N7    
608 N  N7    B DA  B 14 ? 0.1443 0.0929 0.1995 -0.0164 -0.0046 0.0154  14  DA  B N7    
609 C  C5    A DA  B 14 ? 0.1157 0.0737 0.1684 -0.0118 -0.0087 0.0113  14  DA  B C5    
610 C  C5    B DA  B 14 ? 0.1081 0.0701 0.1617 -0.0125 -0.0077 0.0104  14  DA  B C5    
611 C  C6    A DA  B 14 ? 0.1351 0.0936 0.1898 -0.0192 0.0003  0.0153  14  DA  B C6    
612 C  C6    B DA  B 14 ? 0.1214 0.0959 0.1739 -0.0151 -0.0035 0.0089  14  DA  B C6    
613 N  N6    A DA  B 14 ? 0.1292 0.0995 0.1855 -0.0221 0.0061  0.0146  14  DA  B N6    
614 N  N6    B DA  B 14 ? 0.0953 0.0718 0.1486 -0.0203 0.0049  0.0121  14  DA  B N6    
615 N  N1    A DA  B 14 ? 0.1750 0.1219 0.2309 -0.0230 0.0029  0.0198  14  DA  B N1    
616 N  N1    B DA  B 14 ? 0.1088 0.0938 0.1616 -0.0119 -0.0084 0.0037  14  DA  B N1    
617 C  C2    A DA  B 14 ? 0.1733 0.1043 0.2289 -0.0199 -0.0033 0.0211  14  DA  B C2    
618 C  C2    B DA  B 14 ? 0.1334 0.1198 0.1885 -0.0055 -0.0169 -0.0003 14  DA  B C2    
619 N  N3    A DA  B 14 ? 0.1692 0.0953 0.2239 -0.0114 -0.0127 0.0179  14  DA  B N3    
620 N  N3    B DA  B 14 ? 0.1295 0.1048 0.1865 -0.0005 -0.0219 0.0002  14  DA  B N3    
621 C  C4    A DA  B 14 ? 0.1424 0.0852 0.1956 -0.0075 -0.0148 0.0127  14  DA  B C4    
622 C  C4    B DA  B 14 ? 0.1422 0.1036 0.1974 -0.0049 -0.0168 0.0060  14  DA  B C4    
623 K  K     . K   C .  ? 0.3264 0.2806 0.1850 -0.0114 -0.0148 0.0030  101 K   A K     
624 K  K     . K   D .  ? 0.1892 0.1494 0.1217 -0.0109 -0.0134 0.0035  102 K   A K     
625 K  K     . K   E .  ? 0.1328 0.1076 0.1251 -0.0124 -0.0115 0.0008  103 K   A K     
626 K  K     . K   F .  ? 0.1946 0.1916 0.2344 -0.0153 -0.0087 -0.0022 104 K   A K     
627 C  CX3   . POH G .  ? 0.9039 0.7788 0.6107 0.0473  -0.1029 0.1840  105 POH A CX3   
628 C  C2A   . POH G .  ? 0.7743 0.6499 0.6055 0.0886  -0.1478 0.1551  105 POH A C2A   
629 C  C71   . POH G .  ? 0.8746 0.7155 0.6334 0.0560  -0.1052 0.1883  105 POH A C71   
630 C  C81   . POH G .  ? 0.9316 0.7612 0.6722 0.0605  -0.1077 0.2096  105 POH A C81   
631 C  C91   . POH G .  ? 0.9697 0.8122 0.6741 0.0587  -0.1079 0.2192  105 POH A C91   
632 C  CXN   . POH G .  ? 0.9820 0.8646 0.6312 0.0503  -0.1049 0.2113  105 POH A CXN   
633 C  C3A   . POH G .  ? 0.8080 0.6699 0.6102 0.0802  -0.1375 0.1709  105 POH A C3A   
634 C  C4A   . POH G .  ? 0.7919 0.6381 0.6021 0.0705  -0.1220 0.1672  105 POH A C4A   
635 C  C1A   . POH G .  ? 0.7374 0.6056 0.5923 0.0845  -0.1386 0.1420  105 POH A C1A   
636 C  CXD   . POH G .  ? 0.8673 0.7293 0.6092 0.0493  -0.1029 0.1764  105 POH A CXD   
637 N  NXT   . POH G .  ? 0.9535 0.8198 0.6416 0.0521  -0.1054 0.2054  105 POH A NXT   
638 N  NA    . POH G .  ? 0.7444 0.5943 0.5858 0.0736  -0.1237 0.1501  105 POH A NA    
639 N  NB    . POH G .  ? 0.7821 0.5812 0.6102 0.0475  -0.0836 0.1741  105 POH A NB    
640 N  NC    . POH G .  ? 0.7327 0.5224 0.6262 0.0525  -0.0837 0.1445  105 POH A NC    
641 N  ND    . POH G .  ? 0.6926 0.5272 0.5990 0.0788  -0.1182 0.1266  105 POH A ND    
642 C  CHB   . POH G .  ? 0.8241 0.6542 0.6173 0.0582  -0.1045 0.1782  105 POH A CHB   
643 C  C1B   . POH G .  ? 0.8098 0.6213 0.6078 0.0473  -0.0868 0.1824  105 POH A C1B   
644 C  CX4   . POH G .  ? 0.8283 0.5803 0.6813 -0.0022 -0.0134 0.1861  105 POH A CX4   
645 C  C2B   . POH G .  ? 0.8259 0.6329 0.6032 0.0356  -0.0711 0.1927  105 POH A C2B   
646 C  C72   . POH G .  ? 0.8114 0.5672 0.6668 0.0211  -0.0438 0.1804  105 POH A C72   
647 C  C82   . POH G .  ? 0.8510 0.5811 0.7101 0.0244  -0.0451 0.1916  105 POH A C82   
648 C  C92   . POH G .  ? 0.8816 0.5944 0.7397 0.0132  -0.0305 0.2000  105 POH A C92   
649 C  CXO   . POH G .  ? 0.9022 0.6115 0.7586 -0.0124 0.0010  0.2045  105 POH A CXO   
650 C  C3B   . POH G .  ? 0.8048 0.5970 0.6021 0.0285  -0.0589 0.1908  105 POH A C3B   
651 C  C4B   . POH G .  ? 0.7851 0.5719 0.6126 0.0358  -0.0671 0.1790  105 POH A C4B   
652 C  CXE   . POH G .  ? 0.8063 0.5719 0.6575 0.0080  -0.0282 0.1780  105 POH A CXE   
653 N  NXU   . POH G .  ? 0.8682 0.5933 0.7236 -0.0001 -0.0147 0.1968  105 POH A NXU   
654 C  CHC   . POH G .  ? 0.7761 0.5484 0.6317 0.0311  -0.0583 0.1714  105 POH A CHC   
655 C  C1C   . POH G .  ? 0.7415 0.5181 0.6272 0.0400  -0.0684 0.1531  105 POH A C1C   
656 C  CX5   . POH G .  ? 0.6956 0.4825 0.7002 0.0679  -0.0872 0.0828  105 POH A CX5   
657 C  C2C   . POH G .  ? 0.7186 0.4888 0.6287 0.0360  -0.0619 0.1413  105 POH A C2C   
658 C  C73   . POH G .  ? 0.6706 0.4772 0.6400 0.0681  -0.0939 0.0982  105 POH A C73   
659 C  C83   . POH G .  ? 0.6342 0.4617 0.6163 0.0657  -0.0923 0.0816  105 POH A C83   
660 C  C93   . POH G .  ? 0.6364 0.4659 0.6417 0.0642  -0.0874 0.0668  105 POH A C93   
661 C  CXP   . POH G .  ? 0.6440 0.4587 0.6815 0.0632  -0.0805 0.0500  105 POH A CXP   
662 C  C3C   . POH G .  ? 0.6932 0.4725 0.6241 0.0459  -0.0724 0.1263  105 POH A C3C   
663 C  C4C   . POH G .  ? 0.6964 0.4885 0.6191 0.0564  -0.0857 0.1278  105 POH A C4C   
664 C  CXF   . POH G .  ? 0.7027 0.4883 0.6846 0.0700  -0.0917 0.0992  105 POH A CXF   
665 N  NXV   . POH G .  ? 0.6632 0.4733 0.6788 0.0652  -0.0850 0.0669  105 POH A NXV   
666 C  CHD   . POH G .  ? 0.6739 0.4838 0.6183 0.0697  -0.0994 0.1120  105 POH A CHD   
667 C  C1D   . POH G .  ? 0.6634 0.4946 0.5957 0.0774  -0.1122 0.1130  105 POH A C1D   
668 C  CX6   . POH G .  ? 0.7435 0.6994 0.6332 0.0979  -0.1719 0.1004  105 POH A CX6   
669 C  C2D   . POH G .  ? 0.6349 0.4897 0.5868 0.0839  -0.1196 0.0957  105 POH A C2D   
670 C  C74   . POH G .  ? 0.7043 0.6114 0.6024 0.0969  -0.1549 0.1127  105 POH A C74   
671 C  C84   . POH G .  ? 0.7073 0.6232 0.6370 0.1077  -0.1617 0.1030  105 POH A C84   
672 C  C94   . POH G .  ? 0.7218 0.6674 0.6639 0.1138  -0.1731 0.0932  105 POH A C94   
673 C  CXQ   . POH G .  ? 0.7548 0.7522 0.6929 0.1124  -0.1896 0.0816  105 POH A CXQ   
674 C  C3D   . POH G .  ? 0.6443 0.5169 0.5846 0.0888  -0.1301 0.0977  105 POH A C3D   
675 C  C4D   . POH G .  ? 0.6769 0.5374 0.5880 0.0859  -0.1301 0.1165  105 POH A C4D   
676 C  CXG   . POH G .  ? 0.7318 0.6591 0.6093 0.0924  -0.1595 0.1108  105 POH A CXG   
677 C  CHA   . POH G .  ? 0.6976 0.5772 0.5881 0.0899  -0.1420 0.1220  105 POH A CHA   
678 N  NXW   . POH G .  ? 0.7481 0.7134 0.6709 0.1082  -0.1782 0.0923  105 POH A NXW   
679 CO CO    . NCO H .  ? 1.0953 1.0076 1.1890 -0.0568 0.0070  -0.0158 106 NCO A CO    
680 N  N1    . NCO H .  ? 1.1101 1.0239 1.2084 -0.0656 0.0058  0.0003  106 NCO A N1    
681 N  N2    . NCO H .  ? 1.1019 1.0128 1.1878 -0.0494 0.0100  -0.0325 106 NCO A N2    
682 N  N3    . NCO H .  ? 1.0510 0.9594 1.1544 -0.0439 0.0129  -0.0069 106 NCO A N3    
683 N  N4    . NCO H .  ? 1.0732 1.0141 1.1605 -0.0553 0.0065  -0.0079 106 NCO A N4    
684 N  N5    . NCO H .  ? 1.0964 1.0168 1.1842 -0.0696 0.0001  -0.0245 106 NCO A N5    
685 N  N6    . NCO H .  ? 1.1436 1.0252 1.2435 -0.0576 0.0074  -0.0253 106 NCO A N6    
686 O  O     . HOH I .  ? 0.2203 0.2393 0.2959 -0.0598 -0.0082 -0.0114 201 HOH A O     
687 O  O     . HOH I .  ? 0.2736 0.2113 0.3061 0.0323  -0.0592 0.0146  202 HOH A O     
688 O  O     . HOH I .  ? 0.6152 0.4532 0.5546 -0.0328 0.0236  0.1072  203 HOH A O     
689 O  O     . HOH I .  ? 0.3193 0.2158 0.3031 0.0168  -0.0451 0.0454  204 HOH A O     
690 O  O     . HOH I .  ? 0.2718 0.3261 0.3431 -0.0445 -0.0307 -0.0350 205 HOH A O     
691 O  O     . HOH I .  ? 0.4776 0.4579 0.5575 0.0752  -0.0964 -0.0091 206 HOH A O     
692 O  O     . HOH I .  ? 0.4875 0.5732 0.5790 -0.0561 -0.0442 -0.0428 207 HOH A O     
693 O  O     . HOH I .  ? 0.6065 0.6771 0.3619 -0.0048 -0.1558 -0.0296 208 HOH A O     
694 O  O     . HOH I .  ? 0.8366 0.6605 0.7327 -0.0357 0.0304  0.1449  209 HOH A O     
695 O  O     . HOH I .  ? 0.4946 0.5698 0.5573 0.0685  -0.1261 -0.0158 210 HOH A O     
696 O  O     . HOH I .  ? 0.7139 0.6543 0.8050 -0.0880 -0.0010 -0.0060 211 HOH A O     
697 O  O     . HOH I .  ? 0.4183 0.3641 0.3834 0.0786  -0.1306 0.0514  212 HOH A O     
698 O  O     . HOH I .  ? 0.4421 0.3869 0.5409 -0.0364 0.0144  0.0064  213 HOH A O     
699 O  O     . HOH I .  ? 0.5292 0.5863 0.4128 0.0100  -0.1303 -0.0289 214 HOH A O     
700 O  O     . HOH I .  ? 0.2640 0.3367 0.3360 -0.0296 -0.0413 -0.0366 215 HOH A O     
701 O  O     . HOH I .  ? 0.3958 0.4195 0.3704 -0.0411 -0.0613 -0.0782 216 HOH A O     
702 O  O     . HOH I .  ? 0.4831 0.3888 0.3683 0.0359  -0.0866 0.0692  217 HOH A O     
703 O  O     . HOH I .  ? 0.4107 0.5043 0.5129 0.0660  -0.1073 -0.0333 218 HOH A O     
704 O  O     . HOH I .  ? 0.6843 0.5836 0.3743 -0.0126 -0.0070 0.1322  219 HOH A O     
705 O  O     . HOH I .  ? 0.7710 0.6678 0.4675 -0.0265 0.0260  0.1532  220 HOH A O     
706 O  O     . HOH J .  ? 0.5423 0.4560 0.5211 -0.0406 0.0111  -0.1143 101 HOH B O     
707 O  O     . HOH J .  ? 0.4022 0.2420 0.4136 -0.0326 0.0033  0.0580  102 HOH B O     
708 O  O     . HOH J .  ? 0.4551 0.3932 0.4814 -0.0531 0.0331  0.0471  103 HOH B O     
709 O  O     . HOH J .  ? 0.4260 0.3345 0.5303 0.0287  -0.0477 -0.0244 104 HOH B O     
710 O  O     . HOH J .  ? 0.4935 0.3113 0.5173 0.0298  -0.0532 0.0532  105 HOH B O     
711 O  O     . HOH J .  ? 0.2693 0.2894 0.3568 -0.0082 -0.0007 0.0106  106 HOH B O     
712 O  O     . HOH J .  ? 0.2930 0.2672 0.3208 -0.0300 0.0461  0.0252  107 HOH B O     
713 O  O     . HOH J .  ? 0.2788 0.1750 0.3353 -0.0160 -0.0121 0.0222  108 HOH B O     
714 O  O     . HOH J .  ? 0.3084 0.2532 0.2554 -0.0214 0.0404  -0.0617 109 HOH B O     
715 O  O     . HOH J .  ? 0.4886 0.4616 0.5327 -0.0708 -0.0295 -0.0770 110 HOH B O     
716 O  O     . HOH J .  ? 0.4550 0.4665 0.5379 -0.0173 0.0429  0.0145  111 HOH B O     
717 O  O     . HOH J .  ? 0.2136 0.1741 0.2443 -0.0321 0.0291  0.0303  112 HOH B O     
718 O  O     . HOH J .  ? 0.2732 0.2636 0.3781 -0.0098 0.0580  0.0032  113 HOH B O     
719 O  O     . HOH J .  ? 0.5351 0.4068 0.5592 -0.0655 -0.0108 -0.1295 114 HOH B O     
720 O  O     . HOH J .  ? 0.1763 0.1385 0.2118 -0.0353 0.0122  -0.0357 115 HOH B O     
721 O  O     . HOH J .  ? 0.1533 0.1219 0.2160 -0.0289 0.0247  -0.0132 116 HOH B O     
722 O  O     . HOH J .  ? 0.2588 0.1901 0.2842 -0.0329 0.0185  0.0376  117 HOH B O     
723 O  O     . HOH J .  ? 0.3936 0.3386 0.3266 -0.0276 0.0206  -0.0769 118 HOH B O     
724 O  O     . HOH J .  ? 0.5496 0.5046 0.4203 -0.0399 -0.0180 -0.1293 119 HOH B O     
725 O  O     . HOH J .  ? 0.4482 0.3995 0.4442 -0.0339 0.0109  -0.0582 120 HOH B O     
726 O  O     . HOH J .  ? 0.3871 0.2655 0.3157 0.0092  -0.0391 0.0697  121 HOH B O     
727 O  O     . HOH J .  ? 0.5311 0.4816 0.4401 -0.0093 0.0912  -0.0926 122 HOH B O     
728 O  O     . HOH J .  ? 0.4634 0.4154 0.3808 -0.0166 0.0663  -0.0587 123 HOH B O     
729 O  O     . HOH J .  ? 0.5072 0.5212 0.5296 -0.0292 0.1051  0.0138  124 HOH B O     
730 O  O     . HOH J .  ? 0.4223 0.4197 0.4841 -0.0341 0.0321  0.0220  125 HOH B O     
731 O  O     . HOH J .  ? 0.5921 0.6399 0.4770 -0.0082 -0.1112 -0.0524 126 HOH B O     
732 O  O     . HOH J .  ? 0.3848 0.3426 0.3529 -0.0145 0.0737  -0.0406 127 HOH B O     
733 O  O     . HOH J .  ? 0.4237 0.4183 0.4789 -0.0257 0.0324  0.0180  128 HOH B O     
734 O  O     . HOH J .  ? 0.3776 0.4085 0.4476 -0.0089 0.1170  -0.0119 129 HOH B O     
735 O  O     . HOH J .  ? 0.6280 0.4206 0.6533 -0.0234 -0.0110 0.0571  130 HOH B O     
736 O  O     . HOH J .  ? 0.7421 0.5425 0.7438 -0.0389 0.0060  0.0716  131 HOH B O     
737 O  O     . HOH J .  ? 0.5997 0.6451 0.6620 -0.0009 0.1374  -0.0293 132 HOH B O     
738 O  O     . HOH J .  ? 0.5040 0.5332 0.6022 -0.0168 0.0307  0.0175  133 HOH B O     
739 O  O     . HOH J .  ? 0.5418 0.3398 0.6018 -0.0138 -0.0239 0.0297  134 HOH B O     
# 
loop_
_pdbx_poly_seq_scheme.asym_id 
_pdbx_poly_seq_scheme.entity_id 
_pdbx_poly_seq_scheme.seq_id 
_pdbx_poly_seq_scheme.mon_id 
_pdbx_poly_seq_scheme.ndb_seq_num 
_pdbx_poly_seq_scheme.pdb_seq_num 
_pdbx_poly_seq_scheme.auth_seq_num 
_pdbx_poly_seq_scheme.pdb_mon_id 
_pdbx_poly_seq_scheme.auth_mon_id 
_pdbx_poly_seq_scheme.pdb_strand_id 
_pdbx_poly_seq_scheme.pdb_ins_code 
_pdbx_poly_seq_scheme.hetero 
A 1 1  DG 1  1  1  DG DG A . n 
A 1 2  DG 2  2  2  DG DG A . n 
A 1 3  DC 3  3  3  DC DC A . n 
A 1 4  DT 4  4  4  DT DT A . n 
A 1 5  DC 5  5  5  DC DC A . n 
A 1 6  DG 6  6  6  DG DG A . n 
A 1 7  DG 7  7  7  DG DG A . n 
A 1 8  DC 8  8  8  DC DC A . n 
A 1 9  DG 9  9  9  DG DG A . n 
A 1 10 DG 10 10 10 DG DG A . n 
A 1 11 DC 11 11 11 DC DC A . n 
A 1 12 DG 12 12 12 DG DG A . n 
A 1 13 DG 13 13 13 DG DG A . n 
A 1 14 DA 14 14 14 DA DA A . n 
B 1 1  DG 1  1  1  DG DG B . n 
B 1 2  DG 2  2  2  DG DG B . n 
B 1 3  DC 3  3  3  DC DC B . n 
B 1 4  DT 4  4  4  DT DT B . n 
B 1 5  DC 5  5  5  DC DC B . n 
B 1 6  DG 6  6  6  DG DG B . n 
B 1 7  DG 7  7  7  DG DG B . n 
B 1 8  DC 8  8  8  DC DC B . n 
B 1 9  DG 9  9  9  DG DG B . n 
B 1 10 DG 10 10 10 DG DG B . n 
B 1 11 DC 11 11 11 DC DC B . n 
B 1 12 DG 12 12 12 DG DG B . n 
B 1 13 DG 13 13 13 DG DG B . n 
B 1 14 DA 14 14 14 DA DA B . n 
# 
loop_
_pdbx_nonpoly_scheme.asym_id 
_pdbx_nonpoly_scheme.entity_id 
_pdbx_nonpoly_scheme.mon_id 
_pdbx_nonpoly_scheme.ndb_seq_num 
_pdbx_nonpoly_scheme.pdb_seq_num 
_pdbx_nonpoly_scheme.auth_seq_num 
_pdbx_nonpoly_scheme.pdb_mon_id 
_pdbx_nonpoly_scheme.auth_mon_id 
_pdbx_nonpoly_scheme.pdb_strand_id 
_pdbx_nonpoly_scheme.pdb_ins_code 
C 2 K   1  101 1   K   K   A . 
D 2 K   1  102 2   K   K   A . 
E 2 K   1  103 3   K   K   A . 
F 2 K   1  104 4   K   K   A . 
G 3 POH 1  105 102 POH POH A . 
H 4 NCO 1  106 101 NCO NCO A . 
I 5 HOH 1  201 52  HOH HOH A . 
I 5 HOH 2  202 10  HOH HOH A . 
I 5 HOH 3  203 18  HOH HOH A . 
I 5 HOH 4  204 4   HOH HOH A . 
I 5 HOH 5  205 24  HOH HOH A . 
I 5 HOH 6  206 33  HOH HOH A . 
I 5 HOH 7  207 23  HOH HOH A . 
I 5 HOH 8  208 55  HOH HOH A . 
I 5 HOH 9  209 19  HOH HOH A . 
I 5 HOH 10 210 50  HOH HOH A . 
I 5 HOH 11 211 54  HOH HOH A . 
I 5 HOH 12 212 21  HOH HOH A . 
I 5 HOH 13 213 26  HOH HOH A . 
I 5 HOH 14 214 15  HOH HOH A . 
I 5 HOH 15 215 11  HOH HOH A . 
I 5 HOH 16 216 5   HOH HOH A . 
I 5 HOH 17 217 38  HOH HOH A . 
I 5 HOH 18 218 47  HOH HOH A . 
I 5 HOH 19 219 46  HOH HOH A . 
I 5 HOH 20 220 48  HOH HOH A . 
J 5 HOH 1  101 17  HOH HOH B . 
J 5 HOH 2  102 8   HOH HOH B . 
J 5 HOH 3  103 27  HOH HOH B . 
J 5 HOH 4  104 28  HOH HOH B . 
J 5 HOH 5  105 16  HOH HOH B . 
J 5 HOH 6  106 30  HOH HOH B . 
J 5 HOH 7  107 14  HOH HOH B . 
J 5 HOH 8  108 9   HOH HOH B . 
J 5 HOH 9  109 22  HOH HOH B . 
J 5 HOH 10 110 41  HOH HOH B . 
J 5 HOH 11 111 12  HOH HOH B . 
J 5 HOH 12 112 2   HOH HOH B . 
J 5 HOH 13 113 13  HOH HOH B . 
J 5 HOH 14 114 25  HOH HOH B . 
J 5 HOH 15 115 1   HOH HOH B . 
J 5 HOH 16 116 20  HOH HOH B . 
J 5 HOH 17 117 3   HOH HOH B . 
J 5 HOH 18 118 7   HOH HOH B . 
J 5 HOH 19 119 44  HOH HOH B . 
J 5 HOH 20 120 6   HOH HOH B . 
J 5 HOH 21 121 31  HOH HOH B . 
J 5 HOH 22 122 32  HOH HOH B . 
J 5 HOH 23 123 35  HOH HOH B . 
J 5 HOH 24 124 37  HOH HOH B . 
J 5 HOH 25 125 40  HOH HOH B . 
J 5 HOH 26 126 43  HOH HOH B . 
J 5 HOH 27 127 42  HOH HOH B . 
J 5 HOH 28 128 29  HOH HOH B . 
J 5 HOH 29 129 34  HOH HOH B . 
J 5 HOH 30 130 49  HOH HOH B . 
J 5 HOH 31 131 51  HOH HOH B . 
J 5 HOH 32 132 36  HOH HOH B . 
J 5 HOH 33 133 53  HOH HOH B . 
J 5 HOH 34 134 56  HOH HOH B . 
# 
_pdbx_struct_assembly.id                   1 
_pdbx_struct_assembly.details              author_and_software_defined_assembly 
_pdbx_struct_assembly.method_details       PISA 
_pdbx_struct_assembly.oligomeric_details   dimeric 
_pdbx_struct_assembly.oligomeric_count     2 
# 
_pdbx_struct_assembly_gen.assembly_id       1 
_pdbx_struct_assembly_gen.oper_expression   1 
_pdbx_struct_assembly_gen.asym_id_list      A,B,C,D,E,F,G,H,I,J 
# 
loop_
_pdbx_struct_assembly_prop.biol_id 
_pdbx_struct_assembly_prop.type 
_pdbx_struct_assembly_prop.value 
_pdbx_struct_assembly_prop.details 
1 'ABSA (A^2)' 1520 ? 
1 MORE         -1   ? 
1 'SSA (A^2)'  4610 ? 
# 
_pdbx_struct_oper_list.id                   1 
_pdbx_struct_oper_list.type                 'identity operation' 
_pdbx_struct_oper_list.name                 1_555 
_pdbx_struct_oper_list.symmetry_operation   x,y,z 
_pdbx_struct_oper_list.matrix[1][1]         1.0000000000 
_pdbx_struct_oper_list.matrix[1][2]         0.0000000000 
_pdbx_struct_oper_list.matrix[1][3]         0.0000000000 
_pdbx_struct_oper_list.vector[1]            0.0000000000 
_pdbx_struct_oper_list.matrix[2][1]         0.0000000000 
_pdbx_struct_oper_list.matrix[2][2]         1.0000000000 
_pdbx_struct_oper_list.matrix[2][3]         0.0000000000 
_pdbx_struct_oper_list.vector[2]            0.0000000000 
_pdbx_struct_oper_list.matrix[3][1]         0.0000000000 
_pdbx_struct_oper_list.matrix[3][2]         0.0000000000 
_pdbx_struct_oper_list.matrix[3][3]         1.0000000000 
_pdbx_struct_oper_list.vector[3]            0.0000000000 
# 
loop_
_pdbx_struct_special_symmetry.id 
_pdbx_struct_special_symmetry.PDB_model_num 
_pdbx_struct_special_symmetry.auth_asym_id 
_pdbx_struct_special_symmetry.auth_comp_id 
_pdbx_struct_special_symmetry.auth_seq_id 
_pdbx_struct_special_symmetry.PDB_ins_code 
_pdbx_struct_special_symmetry.label_asym_id 
_pdbx_struct_special_symmetry.label_comp_id 
_pdbx_struct_special_symmetry.label_seq_id 
1 1 A POH 105 ? G POH . 
2 1 B HOH 106 ? J HOH . 
# 
loop_
_pdbx_struct_conn_angle.id 
_pdbx_struct_conn_angle.ptnr1_label_atom_id 
_pdbx_struct_conn_angle.ptnr1_label_alt_id 
_pdbx_struct_conn_angle.ptnr1_label_asym_id 
_pdbx_struct_conn_angle.ptnr1_label_comp_id 
_pdbx_struct_conn_angle.ptnr1_label_seq_id 
_pdbx_struct_conn_angle.ptnr1_auth_atom_id 
_pdbx_struct_conn_angle.ptnr1_auth_asym_id 
_pdbx_struct_conn_angle.ptnr1_auth_comp_id 
_pdbx_struct_conn_angle.ptnr1_auth_seq_id 
_pdbx_struct_conn_angle.ptnr1_PDB_ins_code 
_pdbx_struct_conn_angle.ptnr1_symmetry 
_pdbx_struct_conn_angle.ptnr2_label_atom_id 
_pdbx_struct_conn_angle.ptnr2_label_alt_id 
_pdbx_struct_conn_angle.ptnr2_label_asym_id 
_pdbx_struct_conn_angle.ptnr2_label_comp_id 
_pdbx_struct_conn_angle.ptnr2_label_seq_id 
_pdbx_struct_conn_angle.ptnr2_auth_atom_id 
_pdbx_struct_conn_angle.ptnr2_auth_asym_id 
_pdbx_struct_conn_angle.ptnr2_auth_comp_id 
_pdbx_struct_conn_angle.ptnr2_auth_seq_id 
_pdbx_struct_conn_angle.ptnr2_PDB_ins_code 
_pdbx_struct_conn_angle.ptnr2_symmetry 
_pdbx_struct_conn_angle.ptnr3_label_atom_id 
_pdbx_struct_conn_angle.ptnr3_label_alt_id 
_pdbx_struct_conn_angle.ptnr3_label_asym_id 
_pdbx_struct_conn_angle.ptnr3_label_comp_id 
_pdbx_struct_conn_angle.ptnr3_label_seq_id 
_pdbx_struct_conn_angle.ptnr3_auth_atom_id 
_pdbx_struct_conn_angle.ptnr3_auth_asym_id 
_pdbx_struct_conn_angle.ptnr3_auth_comp_id 
_pdbx_struct_conn_angle.ptnr3_auth_seq_id 
_pdbx_struct_conn_angle.ptnr3_PDB_ins_code 
_pdbx_struct_conn_angle.ptnr3_symmetry 
_pdbx_struct_conn_angle.value 
_pdbx_struct_conn_angle.value_esd 
1  O6 ? A DG 1  ? A DG 1  ? 1_555 K ? C K . ? A K 101 ? 1_555 O6 ? A DG 2  ? A DG 2  ? 1_555 67.6  ? 
2  O6 ? A DG 1  ? A DG 1  ? 1_555 K ? C K . ? A K 101 ? 1_555 O6 ? A DG 6  ? A DG 6  ? 1_555 96.7  ? 
3  O6 ? A DG 2  ? A DG 2  ? 1_555 K ? C K . ? A K 101 ? 1_555 O6 ? A DG 6  ? A DG 6  ? 1_555 75.8  ? 
4  O6 ? A DG 1  ? A DG 1  ? 1_555 K ? C K . ? A K 101 ? 1_555 O6 ? A DG 7  ? A DG 7  ? 1_555 69.5  ? 
5  O6 ? A DG 2  ? A DG 2  ? 1_555 K ? C K . ? A K 101 ? 1_555 O6 ? A DG 7  ? A DG 7  ? 1_555 118.0 ? 
6  O6 ? A DG 6  ? A DG 6  ? 1_555 K ? C K . ? A K 101 ? 1_555 O6 ? A DG 7  ? A DG 7  ? 1_555 67.1  ? 
7  O6 ? A DG 1  ? A DG 1  ? 1_555 K ? C K . ? A K 101 ? 1_555 O6 ? B DG 1  ? B DG 1  ? 1_555 104.2 ? 
8  O6 ? A DG 2  ? A DG 2  ? 1_555 K ? C K . ? A K 101 ? 1_555 O6 ? B DG 1  ? B DG 1  ? 1_555 167.0 ? 
9  O6 ? A DG 6  ? A DG 6  ? 1_555 K ? C K . ? A K 101 ? 1_555 O6 ? B DG 1  ? B DG 1  ? 1_555 116.1 ? 
10 O6 ? A DG 7  ? A DG 7  ? 1_555 K ? C K . ? A K 101 ? 1_555 O6 ? B DG 1  ? B DG 1  ? 1_555 65.6  ? 
11 O6 ? A DG 1  ? A DG 1  ? 1_555 K ? C K . ? A K 101 ? 1_555 O6 ? B DG 2  ? B DG 2  ? 1_555 169.6 ? 
12 O6 ? A DG 2  ? A DG 2  ? 1_555 K ? C K . ? A K 101 ? 1_555 O6 ? B DG 2  ? B DG 2  ? 1_555 119.3 ? 
13 O6 ? A DG 6  ? A DG 6  ? 1_555 K ? C K . ? A K 101 ? 1_555 O6 ? B DG 2  ? B DG 2  ? 1_555 78.5  ? 
14 O6 ? A DG 7  ? A DG 7  ? 1_555 K ? C K . ? A K 101 ? 1_555 O6 ? B DG 2  ? B DG 2  ? 1_555 100.1 ? 
15 O6 ? B DG 1  ? B DG 1  ? 1_555 K ? C K . ? A K 101 ? 1_555 O6 ? B DG 2  ? B DG 2  ? 1_555 70.3  ? 
16 O6 ? A DG 1  ? A DG 1  ? 1_555 K ? C K . ? A K 101 ? 1_555 O6 ? B DG 6  ? B DG 6  ? 1_555 119.8 ? 
17 O6 ? A DG 2  ? A DG 2  ? 1_555 K ? C K . ? A K 101 ? 1_555 O6 ? B DG 6  ? B DG 6  ? 1_555 77.0  ? 
18 O6 ? A DG 6  ? A DG 6  ? 1_555 K ? C K . ? A K 101 ? 1_555 O6 ? B DG 6  ? B DG 6  ? 1_555 120.1 ? 
19 O6 ? A DG 7  ? A DG 7  ? 1_555 K ? C K . ? A K 101 ? 1_555 O6 ? B DG 6  ? B DG 6  ? 1_555 165.0 ? 
20 O6 ? B DG 1  ? B DG 1  ? 1_555 K ? C K . ? A K 101 ? 1_555 O6 ? B DG 6  ? B DG 6  ? 1_555 99.8  ? 
21 O6 ? B DG 2  ? B DG 2  ? 1_555 K ? C K . ? A K 101 ? 1_555 O6 ? B DG 6  ? B DG 6  ? 1_555 70.3  ? 
22 O6 ? A DG 1  ? A DG 1  ? 1_555 K ? C K . ? A K 101 ? 1_555 O6 ? B DG 7  ? B DG 7  ? 1_555 66.1  ? 
23 O6 ? A DG 2  ? A DG 2  ? 1_555 K ? C K . ? A K 101 ? 1_555 O6 ? B DG 7  ? B DG 7  ? 1_555 96.7  ? 
24 O6 ? A DG 6  ? A DG 6  ? 1_555 K ? C K . ? A K 101 ? 1_555 O6 ? B DG 7  ? B DG 7  ? 1_555 162.9 ? 
25 O6 ? A DG 7  ? A DG 7  ? 1_555 K ? C K . ? A K 101 ? 1_555 O6 ? B DG 7  ? B DG 7  ? 1_555 104.6 ? 
26 O6 ? B DG 1  ? B DG 1  ? 1_555 K ? C K . ? A K 101 ? 1_555 O6 ? B DG 7  ? B DG 7  ? 1_555 70.4  ? 
27 O6 ? B DG 2  ? B DG 2  ? 1_555 K ? C K . ? A K 101 ? 1_555 O6 ? B DG 7  ? B DG 7  ? 1_555 118.3 ? 
28 O6 ? B DG 6  ? B DG 6  ? 1_555 K ? C K . ? A K 101 ? 1_555 O6 ? B DG 7  ? B DG 7  ? 1_555 71.8  ? 
29 O6 ? A DG 1  ? A DG 1  ? 1_555 K ? D K . ? A K 102 ? 1_555 O6 ? A DG 7  ? A DG 7  ? 1_555 72.5  ? 
30 O6 ? A DG 1  ? A DG 1  ? 1_555 K ? D K . ? A K 102 ? 1_555 O6 ? A DG 9  ? A DG 9  ? 1_555 80.0  ? 
31 O6 ? A DG 7  ? A DG 7  ? 1_555 K ? D K . ? A K 102 ? 1_555 O6 ? A DG 9  ? A DG 9  ? 1_555 90.6  ? 
32 O6 ? A DG 1  ? A DG 1  ? 1_555 K ? D K . ? A K 102 ? 1_555 O6 ? A DG 12 ? A DG 12 ? 1_555 87.2  ? 
33 O6 ? A DG 7  ? A DG 7  ? 1_555 K ? D K . ? A K 102 ? 1_555 O6 ? A DG 12 ? A DG 12 ? 1_555 154.9 ? 
34 O6 ? A DG 9  ? A DG 9  ? 1_555 K ? D K . ? A K 102 ? 1_555 O6 ? A DG 12 ? A DG 12 ? 1_555 71.0  ? 
35 O6 ? A DG 1  ? A DG 1  ? 1_555 K ? D K . ? A K 102 ? 1_555 O6 ? B DG 1  ? B DG 1  ? 1_555 107.9 ? 
36 O6 ? A DG 7  ? A DG 7  ? 1_555 K ? D K . ? A K 102 ? 1_555 O6 ? B DG 1  ? B DG 1  ? 1_555 66.0  ? 
37 O6 ? A DG 9  ? A DG 9  ? 1_555 K ? D K . ? A K 102 ? 1_555 O6 ? B DG 1  ? B DG 1  ? 1_555 150.4 ? 
38 O6 ? A DG 12 ? A DG 12 ? 1_555 K ? D K . ? A K 102 ? 1_555 O6 ? B DG 1  ? B DG 1  ? 1_555 136.4 ? 
39 O6 ? A DG 1  ? A DG 1  ? 1_555 K ? D K . ? A K 102 ? 1_555 O6 ? B DG 7  ? B DG 7  ? 1_555 66.5  ? 
40 O6 ? A DG 7  ? A DG 7  ? 1_555 K ? D K . ? A K 102 ? 1_555 O6 ? B DG 7  ? B DG 7  ? 1_555 102.1 ? 
41 O6 ? A DG 9  ? A DG 9  ? 1_555 K ? D K . ? A K 102 ? 1_555 O6 ? B DG 7  ? B DG 7  ? 1_555 137.9 ? 
42 O6 ? A DG 12 ? A DG 12 ? 1_555 K ? D K . ? A K 102 ? 1_555 O6 ? B DG 7  ? B DG 7  ? 1_555 82.3  ? 
43 O6 ? B DG 1  ? B DG 1  ? 1_555 K ? D K . ? A K 102 ? 1_555 O6 ? B DG 7  ? B DG 7  ? 1_555 68.1  ? 
44 O6 ? A DG 1  ? A DG 1  ? 1_555 K ? D K . ? A K 102 ? 1_555 O6 ? B DG 9  ? B DG 9  ? 1_555 146.6 ? 
45 O6 ? A DG 7  ? A DG 7  ? 1_555 K ? D K . ? A K 102 ? 1_555 O6 ? B DG 9  ? B DG 9  ? 1_555 136.3 ? 
46 O6 ? A DG 9  ? A DG 9  ? 1_555 K ? D K . ? A K 102 ? 1_555 O6 ? B DG 9  ? B DG 9  ? 1_555 110.4 ? 
47 O6 ? A DG 12 ? A DG 12 ? 1_555 K ? D K . ? A K 102 ? 1_555 O6 ? B DG 9  ? B DG 9  ? 1_555 67.9  ? 
48 O6 ? B DG 1  ? B DG 1  ? 1_555 K ? D K . ? A K 102 ? 1_555 O6 ? B DG 9  ? B DG 9  ? 1_555 79.2  ? 
49 O6 ? B DG 7  ? B DG 7  ? 1_555 K ? D K . ? A K 102 ? 1_555 O6 ? B DG 9  ? B DG 9  ? 1_555 87.7  ? 
50 O6 ? A DG 1  ? A DG 1  ? 1_555 K ? D K . ? A K 102 ? 1_555 O6 ? B DG 12 ? B DG 12 ? 1_555 142.1 ? 
51 O6 ? A DG 7  ? A DG 7  ? 1_555 K ? D K . ? A K 102 ? 1_555 O6 ? B DG 12 ? B DG 12 ? 1_555 84.1  ? 
52 O6 ? A DG 9  ? A DG 9  ? 1_555 K ? D K . ? A K 102 ? 1_555 O6 ? B DG 12 ? B DG 12 ? 1_555 70.7  ? 
53 O6 ? A DG 12 ? A DG 12 ? 1_555 K ? D K . ? A K 102 ? 1_555 O6 ? B DG 12 ? B DG 12 ? 1_555 104.6 ? 
54 O6 ? B DG 1  ? B DG 1  ? 1_555 K ? D K . ? A K 102 ? 1_555 O6 ? B DG 12 ? B DG 12 ? 1_555 88.3  ? 
55 O6 ? B DG 7  ? B DG 7  ? 1_555 K ? D K . ? A K 102 ? 1_555 O6 ? B DG 12 ? B DG 12 ? 1_555 149.7 ? 
56 O6 ? B DG 9  ? B DG 9  ? 1_555 K ? D K . ? A K 102 ? 1_555 O6 ? B DG 12 ? B DG 12 ? 1_555 68.7  ? 
57 O6 ? A DG 9  ? A DG 9  ? 1_555 K ? E K . ? A K 103 ? 1_555 O6 ? A DG 10 ? A DG 10 ? 1_555 83.1  ? 
58 O6 ? A DG 9  ? A DG 9  ? 1_555 K ? E K . ? A K 103 ? 1_555 O6 ? A DG 12 ? A DG 12 ? 1_555 68.3  ? 
59 O6 ? A DG 10 ? A DG 10 ? 1_555 K ? E K . ? A K 103 ? 1_555 O6 ? A DG 12 ? A DG 12 ? 1_555 90.8  ? 
60 O6 ? A DG 9  ? A DG 9  ? 1_555 K ? E K . ? A K 103 ? 1_555 O6 ? A DG 13 ? A DG 13 ? 1_555 139.9 ? 
61 O6 ? A DG 10 ? A DG 10 ? 1_555 K ? E K . ? A K 103 ? 1_555 O6 ? A DG 13 ? A DG 13 ? 1_555 70.5  ? 
62 O6 ? A DG 12 ? A DG 12 ? 1_555 K ? E K . ? A K 103 ? 1_555 O6 ? A DG 13 ? A DG 13 ? 1_555 82.1  ? 
63 O6 ? A DG 9  ? A DG 9  ? 1_555 K ? E K . ? A K 103 ? 1_555 O6 ? B DG 9  ? B DG 9  ? 1_555 103.9 ? 
64 O6 ? A DG 10 ? A DG 10 ? 1_555 K ? E K . ? A K 103 ? 1_555 O6 ? B DG 9  ? B DG 9  ? 1_555 151.0 ? 
65 O6 ? A DG 12 ? A DG 12 ? 1_555 K ? E K . ? A K 103 ? 1_555 O6 ? B DG 9  ? B DG 9  ? 1_555 66.9  ? 
66 O6 ? A DG 13 ? A DG 13 ? 1_555 K ? E K . ? A K 103 ? 1_555 O6 ? B DG 9  ? B DG 9  ? 1_555 87.5  ? 
67 O6 ? A DG 9  ? A DG 9  ? 1_555 K ? E K . ? A K 103 ? 1_555 O6 ? B DG 10 ? B DG 10 ? 1_555 151.5 ? 
68 O6 ? A DG 10 ? A DG 10 ? 1_555 K ? E K . ? A K 103 ? 1_555 O6 ? B DG 10 ? B DG 10 ? 1_555 109.3 ? 
69 O6 ? A DG 12 ? A DG 12 ? 1_555 K ? E K . ? A K 103 ? 1_555 O6 ? B DG 10 ? B DG 10 ? 1_555 134.5 ? 
70 O6 ? A DG 13 ? A DG 13 ? 1_555 K ? E K . ? A K 103 ? 1_555 O6 ? B DG 10 ? B DG 10 ? 1_555 68.1  ? 
71 O6 ? B DG 9  ? B DG 9  ? 1_555 K ? E K . ? A K 103 ? 1_555 O6 ? B DG 10 ? B DG 10 ? 1_555 77.9  ? 
72 O6 ? A DG 9  ? A DG 9  ? 1_555 K ? E K . ? A K 103 ? 1_555 O6 ? B DG 12 ? B DG 12 ? 1_555 68.0  ? 
73 O6 ? A DG 10 ? A DG 10 ? 1_555 K ? E K . ? A K 103 ? 1_555 O6 ? B DG 12 ? B DG 12 ? 1_555 138.8 ? 
74 O6 ? A DG 12 ? A DG 12 ? 1_555 K ? E K . ? A K 103 ? 1_555 O6 ? B DG 12 ? B DG 12 ? 1_555 104.1 ? 
75 O6 ? A DG 13 ? A DG 13 ? 1_555 K ? E K . ? A K 103 ? 1_555 O6 ? B DG 12 ? B DG 12 ? 1_555 148.6 ? 
76 O6 ? B DG 9  ? B DG 9  ? 1_555 K ? E K . ? A K 103 ? 1_555 O6 ? B DG 12 ? B DG 12 ? 1_555 67.7  ? 
77 O6 ? B DG 10 ? B DG 10 ? 1_555 K ? E K . ? A K 103 ? 1_555 O6 ? B DG 12 ? B DG 12 ? 1_555 87.3  ? 
78 O6 ? A DG 9  ? A DG 9  ? 1_555 K ? E K . ? A K 103 ? 1_555 O6 ? B DG 13 ? B DG 13 ? 1_555 90.1  ? 
79 O6 ? A DG 10 ? A DG 10 ? 1_555 K ? E K . ? A K 103 ? 1_555 O6 ? B DG 13 ? B DG 13 ? 1_555 70.3  ? 
80 O6 ? A DG 12 ? A DG 12 ? 1_555 K ? E K . ? A K 103 ? 1_555 O6 ? B DG 13 ? B DG 13 ? 1_555 153.2 ? 
81 O6 ? A DG 13 ? A DG 13 ? 1_555 K ? E K . ? A K 103 ? 1_555 O6 ? B DG 13 ? B DG 13 ? 1_555 107.7 ? 
82 O6 ? B DG 9  ? B DG 9  ? 1_555 K ? E K . ? A K 103 ? 1_555 O6 ? B DG 13 ? B DG 13 ? 1_555 136.6 ? 
83 O6 ? B DG 10 ? B DG 10 ? 1_555 K ? E K . ? A K 103 ? 1_555 O6 ? B DG 13 ? B DG 13 ? 1_555 71.3  ? 
84 O6 ? B DG 12 ? B DG 12 ? 1_555 K ? E K . ? A K 103 ? 1_555 O6 ? B DG 13 ? B DG 13 ? 1_555 80.8  ? 
85 O6 ? A DG 10 ? A DG 10 ? 1_555 K ? F K . ? A K 104 ? 1_555 O6 ? A DG 13 ? A DG 13 ? 1_555 68.0  ? 
86 O6 ? A DG 10 ? A DG 10 ? 1_555 K ? F K . ? A K 104 ? 1_555 O6 ? B DG 10 ? B DG 10 ? 1_555 104.6 ? 
87 O6 ? A DG 13 ? A DG 13 ? 1_555 K ? F K . ? A K 104 ? 1_555 O6 ? B DG 10 ? B DG 10 ? 1_555 65.5  ? 
88 O6 ? A DG 10 ? A DG 10 ? 1_555 K ? F K . ? A K 104 ? 1_555 O6 ? B DG 13 ? B DG 13 ? 1_555 68.1  ? 
89 O6 ? A DG 13 ? A DG 13 ? 1_555 K ? F K . ? A K 104 ? 1_555 O6 ? B DG 13 ? B DG 13 ? 1_555 102.9 ? 
90 O6 ? B DG 10 ? B DG 10 ? 1_555 K ? F K . ? A K 104 ? 1_555 O6 ? B DG 13 ? B DG 13 ? 1_555 68.9  ? 
# 
loop_
_pdbx_audit_revision_history.ordinal 
_pdbx_audit_revision_history.data_content_type 
_pdbx_audit_revision_history.major_revision 
_pdbx_audit_revision_history.minor_revision 
_pdbx_audit_revision_history.revision_date 
1 'Structure model' 1 0 2020-07-08 
2 'Structure model' 1 1 2023-11-22 
# 
_pdbx_audit_revision_details.ordinal             1 
_pdbx_audit_revision_details.revision_ordinal    1 
_pdbx_audit_revision_details.data_content_type   'Structure model' 
_pdbx_audit_revision_details.provider            repository 
_pdbx_audit_revision_details.type                'Initial release' 
_pdbx_audit_revision_details.description         ? 
_pdbx_audit_revision_details.details             ? 
# 
loop_
_pdbx_audit_revision_group.ordinal 
_pdbx_audit_revision_group.revision_ordinal 
_pdbx_audit_revision_group.data_content_type 
_pdbx_audit_revision_group.group 
1 2 'Structure model' 'Data collection'        
2 2 'Structure model' 'Database references'    
3 2 'Structure model' 'Derived calculations'   
4 2 'Structure model' 'Refinement description' 
# 
loop_
_pdbx_audit_revision_category.ordinal 
_pdbx_audit_revision_category.revision_ordinal 
_pdbx_audit_revision_category.data_content_type 
_pdbx_audit_revision_category.category 
1 2 'Structure model' chem_comp_atom                
2 2 'Structure model' chem_comp_bond                
3 2 'Structure model' database_2                    
4 2 'Structure model' pdbx_initial_refinement_model 
5 2 'Structure model' struct_conn                   
# 
loop_
_pdbx_audit_revision_item.ordinal 
_pdbx_audit_revision_item.revision_ordinal 
_pdbx_audit_revision_item.data_content_type 
_pdbx_audit_revision_item.item 
1  2 'Structure model' '_database_2.pdbx_DOI'                
2  2 'Structure model' '_database_2.pdbx_database_accession' 
3  2 'Structure model' '_struct_conn.pdbx_dist_value'        
4  2 'Structure model' '_struct_conn.ptnr1_auth_asym_id'     
5  2 'Structure model' '_struct_conn.ptnr1_auth_comp_id'     
6  2 'Structure model' '_struct_conn.ptnr1_auth_seq_id'      
7  2 'Structure model' '_struct_conn.ptnr1_label_asym_id'    
8  2 'Structure model' '_struct_conn.ptnr1_label_atom_id'    
9  2 'Structure model' '_struct_conn.ptnr1_label_comp_id'    
10 2 'Structure model' '_struct_conn.ptnr1_label_seq_id'     
11 2 'Structure model' '_struct_conn.ptnr2_auth_asym_id'     
12 2 'Structure model' '_struct_conn.ptnr2_auth_comp_id'     
13 2 'Structure model' '_struct_conn.ptnr2_auth_seq_id'      
14 2 'Structure model' '_struct_conn.ptnr2_label_asym_id'    
15 2 'Structure model' '_struct_conn.ptnr2_label_atom_id'    
16 2 'Structure model' '_struct_conn.ptnr2_label_comp_id'    
17 2 'Structure model' '_struct_conn.ptnr2_label_seq_id'     
# 
_pdbx_refine_tls.id               1 
_pdbx_refine_tls.pdbx_refine_id   'X-RAY DIFFRACTION' 
_pdbx_refine_tls.details          ? 
_pdbx_refine_tls.method           refined 
_pdbx_refine_tls.origin_x         0.0637 
_pdbx_refine_tls.origin_y         -0.2090 
_pdbx_refine_tls.origin_z         0.0804 
_pdbx_refine_tls.T[1][1]          0.1951 
_pdbx_refine_tls.T[1][1]_esd      ? 
_pdbx_refine_tls.T[1][2]          -0.0100 
_pdbx_refine_tls.T[1][2]_esd      ? 
_pdbx_refine_tls.T[1][3]          -0.0151 
_pdbx_refine_tls.T[1][3]_esd      ? 
_pdbx_refine_tls.T[2][2]          0.1524 
_pdbx_refine_tls.T[2][2]_esd      ? 
_pdbx_refine_tls.T[2][3]          0.0062 
_pdbx_refine_tls.T[2][3]_esd      ? 
_pdbx_refine_tls.T[3][3]          0.1153 
_pdbx_refine_tls.T[3][3]_esd      ? 
_pdbx_refine_tls.L[1][1]          2.9421 
_pdbx_refine_tls.L[1][1]_esd      ? 
_pdbx_refine_tls.L[1][2]          0.2030 
_pdbx_refine_tls.L[1][2]_esd      ? 
_pdbx_refine_tls.L[1][3]          0.2461 
_pdbx_refine_tls.L[1][3]_esd      ? 
_pdbx_refine_tls.L[2][2]          1.8495 
_pdbx_refine_tls.L[2][2]_esd      ? 
_pdbx_refine_tls.L[2][3]          0.3328 
_pdbx_refine_tls.L[2][3]_esd      ? 
_pdbx_refine_tls.L[3][3]          2.1385 
_pdbx_refine_tls.L[3][3]_esd      ? 
_pdbx_refine_tls.S[1][1]          -0.0540 
_pdbx_refine_tls.S[1][1]_esd      ? 
_pdbx_refine_tls.S[1][2]          0.5035 
_pdbx_refine_tls.S[1][2]_esd      ? 
_pdbx_refine_tls.S[1][3]          0.0567 
_pdbx_refine_tls.S[1][3]_esd      ? 
_pdbx_refine_tls.S[2][1]          -0.5798 
_pdbx_refine_tls.S[2][1]_esd      ? 
_pdbx_refine_tls.S[2][2]          -0.0786 
_pdbx_refine_tls.S[2][2]_esd      ? 
_pdbx_refine_tls.S[2][3]          0.0719 
_pdbx_refine_tls.S[2][3]_esd      ? 
_pdbx_refine_tls.S[3][1]          -0.1587 
_pdbx_refine_tls.S[3][1]_esd      ? 
_pdbx_refine_tls.S[3][2]          -0.1297 
_pdbx_refine_tls.S[3][2]_esd      ? 
_pdbx_refine_tls.S[3][3]          0.0645 
_pdbx_refine_tls.S[3][3]_esd      ? 
# 
loop_
_pdbx_refine_tls_group.id 
_pdbx_refine_tls_group.pdbx_refine_id 
_pdbx_refine_tls_group.refine_tls_id 
_pdbx_refine_tls_group.beg_label_asym_id 
_pdbx_refine_tls_group.beg_label_seq_id 
_pdbx_refine_tls_group.beg_auth_asym_id 
_pdbx_refine_tls_group.beg_auth_seq_id 
_pdbx_refine_tls_group.end_label_asym_id 
_pdbx_refine_tls_group.end_label_seq_id 
_pdbx_refine_tls_group.end_auth_asym_id 
_pdbx_refine_tls_group.end_auth_seq_id 
_pdbx_refine_tls_group.selection 
_pdbx_refine_tls_group.selection_details 
1 'X-RAY DIFFRACTION' 1 ? ? A 1   ? ? A 14  ? all 
2 'X-RAY DIFFRACTION' 1 ? ? B 1   ? ? B 14  ? all 
3 'X-RAY DIFFRACTION' 1 ? ? C 1   ? ? C 4   ? all 
4 'X-RAY DIFFRACTION' 1 ? ? P 102 ? ? P 102 ? all 
5 'X-RAY DIFFRACTION' 1 ? ? E 101 ? ? E 101 ? all 
6 'X-RAY DIFFRACTION' 1 ? ? S 1   ? ? S 56  ? all 
# 
loop_
_software.citation_id 
_software.classification 
_software.compiler_name 
_software.compiler_version 
_software.contact_author 
_software.contact_author_email 
_software.date 
_software.description 
_software.dependencies 
_software.hardware 
_software.language 
_software.location 
_software.mods 
_software.name 
_software.os 
_software.os_version 
_software.type 
_software.version 
_software.pdbx_ordinal 
? refinement        ? ? ? ? ? ? ? ? ? ? ? PHENIX      ? ? ? 1.13_2998 1 
? 'data extraction' ? ? ? ? ? ? ? ? ? ? ? PDB_EXTRACT ? ? ? 3.25      2 
? 'data reduction'  ? ? ? ? ? ? ? ? ? ? ? HKL-3000    ? ? ? .         3 
? 'data scaling'    ? ? ? ? ? ? ? ? ? ? ? HKL-3000    ? ? ? .         4 
? phasing           ? ? ? ? ? ? ? ? ? ? ? PHASER      ? ? ? .         5 
# 
_pdbx_entry_details.entry_id                 6KFL 
_pdbx_entry_details.has_ligand_of_interest   Y 
_pdbx_entry_details.compound_details         ? 
_pdbx_entry_details.source_details           ? 
_pdbx_entry_details.nonpolymer_details       ? 
_pdbx_entry_details.sequence_details         ? 
# 
loop_
_pdbx_validate_rmsd_angle.id 
_pdbx_validate_rmsd_angle.PDB_model_num 
_pdbx_validate_rmsd_angle.auth_atom_id_1 
_pdbx_validate_rmsd_angle.auth_asym_id_1 
_pdbx_validate_rmsd_angle.auth_comp_id_1 
_pdbx_validate_rmsd_angle.auth_seq_id_1 
_pdbx_validate_rmsd_angle.PDB_ins_code_1 
_pdbx_validate_rmsd_angle.label_alt_id_1 
_pdbx_validate_rmsd_angle.auth_atom_id_2 
_pdbx_validate_rmsd_angle.auth_asym_id_2 
_pdbx_validate_rmsd_angle.auth_comp_id_2 
_pdbx_validate_rmsd_angle.auth_seq_id_2 
_pdbx_validate_rmsd_angle.PDB_ins_code_2 
_pdbx_validate_rmsd_angle.label_alt_id_2 
_pdbx_validate_rmsd_angle.auth_atom_id_3 
_pdbx_validate_rmsd_angle.auth_asym_id_3 
_pdbx_validate_rmsd_angle.auth_comp_id_3 
_pdbx_validate_rmsd_angle.auth_seq_id_3 
_pdbx_validate_rmsd_angle.PDB_ins_code_3 
_pdbx_validate_rmsd_angle.label_alt_id_3 
_pdbx_validate_rmsd_angle.angle_value 
_pdbx_validate_rmsd_angle.angle_target_value 
_pdbx_validate_rmsd_angle.angle_deviation 
_pdbx_validate_rmsd_angle.angle_standard_deviation 
_pdbx_validate_rmsd_angle.linker_flag 
1 1 "O4'" A DG 7 ? ? "C1'" A DG 7 ? ? N9 A DG 7 ? ? 110.15 108.30 1.85 0.30 N 
2 1 "O4'" B DG 7 ? ? "C1'" B DG 7 ? ? N9 B DG 7 ? ? 112.12 108.30 3.82 0.30 N 
# 
loop_
_chem_comp_atom.comp_id 
_chem_comp_atom.atom_id 
_chem_comp_atom.type_symbol 
_chem_comp_atom.pdbx_aromatic_flag 
_chem_comp_atom.pdbx_stereo_config 
_chem_comp_atom.pdbx_ordinal 
DA  OP3    O  N N 1   
DA  P      P  N N 2   
DA  OP1    O  N N 3   
DA  OP2    O  N N 4   
DA  "O5'"  O  N N 5   
DA  "C5'"  C  N N 6   
DA  "C4'"  C  N R 7   
DA  "O4'"  O  N N 8   
DA  "C3'"  C  N S 9   
DA  "O3'"  O  N N 10  
DA  "C2'"  C  N N 11  
DA  "C1'"  C  N R 12  
DA  N9     N  Y N 13  
DA  C8     C  Y N 14  
DA  N7     N  Y N 15  
DA  C5     C  Y N 16  
DA  C6     C  Y N 17  
DA  N6     N  N N 18  
DA  N1     N  Y N 19  
DA  C2     C  Y N 20  
DA  N3     N  Y N 21  
DA  C4     C  Y N 22  
DA  HOP3   H  N N 23  
DA  HOP2   H  N N 24  
DA  "H5'"  H  N N 25  
DA  "H5''" H  N N 26  
DA  "H4'"  H  N N 27  
DA  "H3'"  H  N N 28  
DA  "HO3'" H  N N 29  
DA  "H2'"  H  N N 30  
DA  "H2''" H  N N 31  
DA  "H1'"  H  N N 32  
DA  H8     H  N N 33  
DA  H61    H  N N 34  
DA  H62    H  N N 35  
DA  H2     H  N N 36  
DC  OP3    O  N N 37  
DC  P      P  N N 38  
DC  OP1    O  N N 39  
DC  OP2    O  N N 40  
DC  "O5'"  O  N N 41  
DC  "C5'"  C  N N 42  
DC  "C4'"  C  N R 43  
DC  "O4'"  O  N N 44  
DC  "C3'"  C  N S 45  
DC  "O3'"  O  N N 46  
DC  "C2'"  C  N N 47  
DC  "C1'"  C  N R 48  
DC  N1     N  N N 49  
DC  C2     C  N N 50  
DC  O2     O  N N 51  
DC  N3     N  N N 52  
DC  C4     C  N N 53  
DC  N4     N  N N 54  
DC  C5     C  N N 55  
DC  C6     C  N N 56  
DC  HOP3   H  N N 57  
DC  HOP2   H  N N 58  
DC  "H5'"  H  N N 59  
DC  "H5''" H  N N 60  
DC  "H4'"  H  N N 61  
DC  "H3'"  H  N N 62  
DC  "HO3'" H  N N 63  
DC  "H2'"  H  N N 64  
DC  "H2''" H  N N 65  
DC  "H1'"  H  N N 66  
DC  H41    H  N N 67  
DC  H42    H  N N 68  
DC  H5     H  N N 69  
DC  H6     H  N N 70  
DG  OP3    O  N N 71  
DG  P      P  N N 72  
DG  OP1    O  N N 73  
DG  OP2    O  N N 74  
DG  "O5'"  O  N N 75  
DG  "C5'"  C  N N 76  
DG  "C4'"  C  N R 77  
DG  "O4'"  O  N N 78  
DG  "C3'"  C  N S 79  
DG  "O3'"  O  N N 80  
DG  "C2'"  C  N N 81  
DG  "C1'"  C  N R 82  
DG  N9     N  Y N 83  
DG  C8     C  Y N 84  
DG  N7     N  Y N 85  
DG  C5     C  Y N 86  
DG  C6     C  N N 87  
DG  O6     O  N N 88  
DG  N1     N  N N 89  
DG  C2     C  N N 90  
DG  N2     N  N N 91  
DG  N3     N  N N 92  
DG  C4     C  Y N 93  
DG  HOP3   H  N N 94  
DG  HOP2   H  N N 95  
DG  "H5'"  H  N N 96  
DG  "H5''" H  N N 97  
DG  "H4'"  H  N N 98  
DG  "H3'"  H  N N 99  
DG  "HO3'" H  N N 100 
DG  "H2'"  H  N N 101 
DG  "H2''" H  N N 102 
DG  "H1'"  H  N N 103 
DG  H8     H  N N 104 
DG  H1     H  N N 105 
DG  H21    H  N N 106 
DG  H22    H  N N 107 
DT  OP3    O  N N 108 
DT  P      P  N N 109 
DT  OP1    O  N N 110 
DT  OP2    O  N N 111 
DT  "O5'"  O  N N 112 
DT  "C5'"  C  N N 113 
DT  "C4'"  C  N R 114 
DT  "O4'"  O  N N 115 
DT  "C3'"  C  N S 116 
DT  "O3'"  O  N N 117 
DT  "C2'"  C  N N 118 
DT  "C1'"  C  N R 119 
DT  N1     N  N N 120 
DT  C2     C  N N 121 
DT  O2     O  N N 122 
DT  N3     N  N N 123 
DT  C4     C  N N 124 
DT  O4     O  N N 125 
DT  C5     C  N N 126 
DT  C7     C  N N 127 
DT  C6     C  N N 128 
DT  HOP3   H  N N 129 
DT  HOP2   H  N N 130 
DT  "H5'"  H  N N 131 
DT  "H5''" H  N N 132 
DT  "H4'"  H  N N 133 
DT  "H3'"  H  N N 134 
DT  "HO3'" H  N N 135 
DT  "H2'"  H  N N 136 
DT  "H2''" H  N N 137 
DT  "H1'"  H  N N 138 
DT  H3     H  N N 139 
DT  H71    H  N N 140 
DT  H72    H  N N 141 
DT  H73    H  N N 142 
DT  H6     H  N N 143 
HOH O      O  N N 144 
HOH H1     H  N N 145 
HOH H2     H  N N 146 
K   K      K  N N 147 
NCO CO     CO N N 148 
NCO N1     N  N N 149 
NCO N2     N  N N 150 
NCO N3     N  N N 151 
NCO N4     N  N N 152 
NCO N5     N  N N 153 
NCO N6     N  N N 154 
NCO HN11   H  N N 155 
NCO HN12   H  N N 156 
NCO HN13   H  N N 157 
NCO HN21   H  N N 158 
NCO HN22   H  N N 159 
NCO HN23   H  N N 160 
NCO HN31   H  N N 161 
NCO HN32   H  N N 162 
NCO HN33   H  N N 163 
NCO HN41   H  N N 164 
NCO HN42   H  N N 165 
NCO HN43   H  N N 166 
NCO HN51   H  N N 167 
NCO HN52   H  N N 168 
NCO HN53   H  N N 169 
NCO HN61   H  N N 170 
NCO HN62   H  N N 171 
NCO HN63   H  N N 172 
POH CX3    C  Y N 173 
POH C2A    C  Y N 174 
POH C71    C  Y N 175 
POH C81    C  Y N 176 
POH C91    C  Y N 177 
POH CXN    C  N N 178 
POH C3A    C  Y N 179 
POH C4A    C  Y N 180 
POH C1A    C  Y N 181 
POH CXD    C  Y N 182 
POH NXT    N  Y N 183 
POH NA     N  Y N 184 
POH NB     N  Y N 185 
POH NC     N  Y N 186 
POH ND     N  Y N 187 
POH CHB    C  Y N 188 
POH C1B    C  Y N 189 
POH CX4    C  Y N 190 
POH C2B    C  Y N 191 
POH C72    C  Y N 192 
POH C82    C  Y N 193 
POH C92    C  Y N 194 
POH CXO    C  N N 195 
POH C3B    C  Y N 196 
POH C4B    C  Y N 197 
POH CXE    C  Y N 198 
POH NXU    N  Y N 199 
POH CHC    C  Y N 200 
POH C1C    C  Y N 201 
POH CX5    C  Y N 202 
POH C2C    C  Y N 203 
POH C73    C  Y N 204 
POH C83    C  Y N 205 
POH C93    C  Y N 206 
POH CXP    C  N N 207 
POH C3C    C  Y N 208 
POH C4C    C  Y N 209 
POH CXF    C  Y N 210 
POH NXV    N  Y N 211 
POH CHD    C  Y N 212 
POH C1D    C  Y N 213 
POH CX6    C  Y N 214 
POH C2D    C  Y N 215 
POH C74    C  Y N 216 
POH C84    C  Y N 217 
POH C94    C  Y N 218 
POH CXQ    C  N N 219 
POH C3D    C  Y N 220 
POH C4D    C  Y N 221 
POH CXG    C  Y N 222 
POH CHA    C  Y N 223 
POH NXW    N  Y N 224 
POH H51    H  N N 225 
POH H11    H  N N 226 
POH H31    H  N N 227 
POH H41    H  N N 228 
POH H811   H  N N 229 
POH H821   H  N N 230 
POH H831   H  N N 231 
POH H21    H  N N 232 
POH H61    H  N N 233 
POH H71    H  N N 234 
POH H73    H  N N 235 
POH H52    H  N N 236 
POH H12    H  N N 237 
POH H32    H  N N 238 
POH H42    H  N N 239 
POH H812   H  N N 240 
POH H822   H  N N 241 
POH H832   H  N N 242 
POH H22    H  N N 243 
POH H62    H  N N 244 
POH H53    H  N N 245 
POH H13    H  N N 246 
POH H33    H  N N 247 
POH H43    H  N N 248 
POH H813   H  N N 249 
POH H823   H  N N 250 
POH H833   H  N N 251 
POH H23    H  N N 252 
POH H63    H  N N 253 
POH H54    H  N N 254 
POH H14    H  N N 255 
POH H34    H  N N 256 
POH H44    H  N N 257 
POH H814   H  N N 258 
POH H824   H  N N 259 
POH H834   H  N N 260 
POH H24    H  N N 261 
POH H64    H  N N 262 
# 
loop_
_chem_comp_bond.comp_id 
_chem_comp_bond.atom_id_1 
_chem_comp_bond.atom_id_2 
_chem_comp_bond.value_order 
_chem_comp_bond.pdbx_aromatic_flag 
_chem_comp_bond.pdbx_stereo_config 
_chem_comp_bond.pdbx_ordinal 
DA  OP3   P      sing N N 1   
DA  OP3   HOP3   sing N N 2   
DA  P     OP1    doub N N 3   
DA  P     OP2    sing N N 4   
DA  P     "O5'"  sing N N 5   
DA  OP2   HOP2   sing N N 6   
DA  "O5'" "C5'"  sing N N 7   
DA  "C5'" "C4'"  sing N N 8   
DA  "C5'" "H5'"  sing N N 9   
DA  "C5'" "H5''" sing N N 10  
DA  "C4'" "O4'"  sing N N 11  
DA  "C4'" "C3'"  sing N N 12  
DA  "C4'" "H4'"  sing N N 13  
DA  "O4'" "C1'"  sing N N 14  
DA  "C3'" "O3'"  sing N N 15  
DA  "C3'" "C2'"  sing N N 16  
DA  "C3'" "H3'"  sing N N 17  
DA  "O3'" "HO3'" sing N N 18  
DA  "C2'" "C1'"  sing N N 19  
DA  "C2'" "H2'"  sing N N 20  
DA  "C2'" "H2''" sing N N 21  
DA  "C1'" N9     sing N N 22  
DA  "C1'" "H1'"  sing N N 23  
DA  N9    C8     sing Y N 24  
DA  N9    C4     sing Y N 25  
DA  C8    N7     doub Y N 26  
DA  C8    H8     sing N N 27  
DA  N7    C5     sing Y N 28  
DA  C5    C6     sing Y N 29  
DA  C5    C4     doub Y N 30  
DA  C6    N6     sing N N 31  
DA  C6    N1     doub Y N 32  
DA  N6    H61    sing N N 33  
DA  N6    H62    sing N N 34  
DA  N1    C2     sing Y N 35  
DA  C2    N3     doub Y N 36  
DA  C2    H2     sing N N 37  
DA  N3    C4     sing Y N 38  
DC  OP3   P      sing N N 39  
DC  OP3   HOP3   sing N N 40  
DC  P     OP1    doub N N 41  
DC  P     OP2    sing N N 42  
DC  P     "O5'"  sing N N 43  
DC  OP2   HOP2   sing N N 44  
DC  "O5'" "C5'"  sing N N 45  
DC  "C5'" "C4'"  sing N N 46  
DC  "C5'" "H5'"  sing N N 47  
DC  "C5'" "H5''" sing N N 48  
DC  "C4'" "O4'"  sing N N 49  
DC  "C4'" "C3'"  sing N N 50  
DC  "C4'" "H4'"  sing N N 51  
DC  "O4'" "C1'"  sing N N 52  
DC  "C3'" "O3'"  sing N N 53  
DC  "C3'" "C2'"  sing N N 54  
DC  "C3'" "H3'"  sing N N 55  
DC  "O3'" "HO3'" sing N N 56  
DC  "C2'" "C1'"  sing N N 57  
DC  "C2'" "H2'"  sing N N 58  
DC  "C2'" "H2''" sing N N 59  
DC  "C1'" N1     sing N N 60  
DC  "C1'" "H1'"  sing N N 61  
DC  N1    C2     sing N N 62  
DC  N1    C6     sing N N 63  
DC  C2    O2     doub N N 64  
DC  C2    N3     sing N N 65  
DC  N3    C4     doub N N 66  
DC  C4    N4     sing N N 67  
DC  C4    C5     sing N N 68  
DC  N4    H41    sing N N 69  
DC  N4    H42    sing N N 70  
DC  C5    C6     doub N N 71  
DC  C5    H5     sing N N 72  
DC  C6    H6     sing N N 73  
DG  OP3   P      sing N N 74  
DG  OP3   HOP3   sing N N 75  
DG  P     OP1    doub N N 76  
DG  P     OP2    sing N N 77  
DG  P     "O5'"  sing N N 78  
DG  OP2   HOP2   sing N N 79  
DG  "O5'" "C5'"  sing N N 80  
DG  "C5'" "C4'"  sing N N 81  
DG  "C5'" "H5'"  sing N N 82  
DG  "C5'" "H5''" sing N N 83  
DG  "C4'" "O4'"  sing N N 84  
DG  "C4'" "C3'"  sing N N 85  
DG  "C4'" "H4'"  sing N N 86  
DG  "O4'" "C1'"  sing N N 87  
DG  "C3'" "O3'"  sing N N 88  
DG  "C3'" "C2'"  sing N N 89  
DG  "C3'" "H3'"  sing N N 90  
DG  "O3'" "HO3'" sing N N 91  
DG  "C2'" "C1'"  sing N N 92  
DG  "C2'" "H2'"  sing N N 93  
DG  "C2'" "H2''" sing N N 94  
DG  "C1'" N9     sing N N 95  
DG  "C1'" "H1'"  sing N N 96  
DG  N9    C8     sing Y N 97  
DG  N9    C4     sing Y N 98  
DG  C8    N7     doub Y N 99  
DG  C8    H8     sing N N 100 
DG  N7    C5     sing Y N 101 
DG  C5    C6     sing N N 102 
DG  C5    C4     doub Y N 103 
DG  C6    O6     doub N N 104 
DG  C6    N1     sing N N 105 
DG  N1    C2     sing N N 106 
DG  N1    H1     sing N N 107 
DG  C2    N2     sing N N 108 
DG  C2    N3     doub N N 109 
DG  N2    H21    sing N N 110 
DG  N2    H22    sing N N 111 
DG  N3    C4     sing N N 112 
DT  OP3   P      sing N N 113 
DT  OP3   HOP3   sing N N 114 
DT  P     OP1    doub N N 115 
DT  P     OP2    sing N N 116 
DT  P     "O5'"  sing N N 117 
DT  OP2   HOP2   sing N N 118 
DT  "O5'" "C5'"  sing N N 119 
DT  "C5'" "C4'"  sing N N 120 
DT  "C5'" "H5'"  sing N N 121 
DT  "C5'" "H5''" sing N N 122 
DT  "C4'" "O4'"  sing N N 123 
DT  "C4'" "C3'"  sing N N 124 
DT  "C4'" "H4'"  sing N N 125 
DT  "O4'" "C1'"  sing N N 126 
DT  "C3'" "O3'"  sing N N 127 
DT  "C3'" "C2'"  sing N N 128 
DT  "C3'" "H3'"  sing N N 129 
DT  "O3'" "HO3'" sing N N 130 
DT  "C2'" "C1'"  sing N N 131 
DT  "C2'" "H2'"  sing N N 132 
DT  "C2'" "H2''" sing N N 133 
DT  "C1'" N1     sing N N 134 
DT  "C1'" "H1'"  sing N N 135 
DT  N1    C2     sing N N 136 
DT  N1    C6     sing N N 137 
DT  C2    O2     doub N N 138 
DT  C2    N3     sing N N 139 
DT  N3    C4     sing N N 140 
DT  N3    H3     sing N N 141 
DT  C4    O4     doub N N 142 
DT  C4    C5     sing N N 143 
DT  C5    C7     sing N N 144 
DT  C5    C6     doub N N 145 
DT  C7    H71    sing N N 146 
DT  C7    H72    sing N N 147 
DT  C7    H73    sing N N 148 
DT  C6    H6     sing N N 149 
HOH O     H1     sing N N 150 
HOH O     H2     sing N N 151 
NCO CO    N1     sing N N 152 
NCO CO    N2     sing N N 153 
NCO CO    N3     sing N N 154 
NCO CO    N4     sing N N 155 
NCO CO    N5     sing N N 156 
NCO CO    N6     sing N N 157 
NCO N1    HN11   sing N N 158 
NCO N1    HN12   sing N N 159 
NCO N1    HN13   sing N N 160 
NCO N2    HN21   sing N N 161 
NCO N2    HN22   sing N N 162 
NCO N2    HN23   sing N N 163 
NCO N3    HN31   sing N N 164 
NCO N3    HN32   sing N N 165 
NCO N3    HN33   sing N N 166 
NCO N4    HN41   sing N N 167 
NCO N4    HN42   sing N N 168 
NCO N4    HN43   sing N N 169 
NCO N5    HN51   sing N N 170 
NCO N5    HN52   sing N N 171 
NCO N5    HN53   sing N N 172 
NCO N6    HN61   sing N N 173 
NCO N6    HN62   sing N N 174 
NCO N6    HN63   sing N N 175 
POH CX3   CXD    doub Y N 176 
POH CX3   NXT    sing Y N 177 
POH C2A   C3A    doub Y N 178 
POH C2A   C1A    sing Y N 179 
POH C71   C81    doub Y N 180 
POH C71   CXD    sing Y N 181 
POH C71   CHB    sing Y N 182 
POH C81   C91    sing Y N 183 
POH C91   NXT    doub Y N 184 
POH CXN   NXT    sing N N 185 
POH C3A   C4A    sing Y N 186 
POH C4A   NA     sing Y N 187 
POH C4A   CHB    doub Y N 188 
POH C1A   NA     sing Y N 189 
POH C1A   CHA    doub Y N 190 
POH NB    C1B    doub Y N 191 
POH NB    C4B    sing Y N 192 
POH NC    C1C    sing Y N 193 
POH NC    C4C    sing Y N 194 
POH ND    C1D    sing Y N 195 
POH ND    C4D    doub Y N 196 
POH CHB   C1B    sing Y N 197 
POH C1B   C2B    sing Y N 198 
POH CX4   CXE    doub Y N 199 
POH CX4   NXU    sing Y N 200 
POH C2B   C3B    doub Y N 201 
POH C72   C82    doub Y N 202 
POH C72   CXE    sing Y N 203 
POH C72   CHC    sing Y N 204 
POH C82   C92    sing Y N 205 
POH C92   NXU    doub Y N 206 
POH CXO   NXU    sing N N 207 
POH C3B   C4B    sing Y N 208 
POH C4B   CHC    doub Y N 209 
POH CHC   C1C    sing Y N 210 
POH C1C   C2C    doub Y N 211 
POH CX5   CXF    doub Y N 212 
POH CX5   NXV    sing Y N 213 
POH C2C   C3C    sing Y N 214 
POH C73   C83    doub Y N 215 
POH C73   CXF    sing Y N 216 
POH C73   CHD    sing Y N 217 
POH C83   C93    sing Y N 218 
POH C93   NXV    doub Y N 219 
POH CXP   NXV    sing N N 220 
POH C3C   C4C    doub Y N 221 
POH C4C   CHD    sing Y N 222 
POH CHD   C1D    doub Y N 223 
POH C1D   C2D    sing Y N 224 
POH CX6   CXG    sing Y N 225 
POH CX6   NXW    doub Y N 226 
POH C2D   C3D    doub Y N 227 
POH C74   C84    sing Y N 228 
POH C74   CXG    doub Y N 229 
POH C74   CHA    sing Y N 230 
POH C84   C94    doub Y N 231 
POH C94   NXW    sing Y N 232 
POH CXQ   NXW    sing N N 233 
POH C3D   C4D    sing Y N 234 
POH C4D   CHA    sing Y N 235 
POH CX3   H51    sing N N 236 
POH C2A   H11    sing N N 237 
POH C81   H31    sing N N 238 
POH C91   H41    sing N N 239 
POH CXN   H811   sing N N 240 
POH CXN   H821   sing N N 241 
POH CXN   H831   sing N N 242 
POH C3A   H21    sing N N 243 
POH CXD   H61    sing N N 244 
POH NA    H71    sing N N 245 
POH NC    H73    sing N N 246 
POH CX4   H52    sing N N 247 
POH C2B   H12    sing N N 248 
POH C82   H32    sing N N 249 
POH C92   H42    sing N N 250 
POH CXO   H812   sing N N 251 
POH CXO   H822   sing N N 252 
POH CXO   H832   sing N N 253 
POH C3B   H22    sing N N 254 
POH CXE   H62    sing N N 255 
POH CX5   H53    sing N N 256 
POH C2C   H13    sing N N 257 
POH C83   H33    sing N N 258 
POH C93   H43    sing N N 259 
POH CXP   H813   sing N N 260 
POH CXP   H823   sing N N 261 
POH CXP   H833   sing N N 262 
POH C3C   H23    sing N N 263 
POH CXF   H63    sing N N 264 
POH CX6   H54    sing N N 265 
POH C2D   H14    sing N N 266 
POH C84   H34    sing N N 267 
POH C94   H44    sing N N 268 
POH CXQ   H814   sing N N 269 
POH CXQ   H824   sing N N 270 
POH CXQ   H834   sing N N 271 
POH C3D   H24    sing N N 272 
POH CXG   H64    sing N N 273 
# 
loop_
_ndb_struct_conf_na.entry_id 
_ndb_struct_conf_na.feature 
6KFL 'double helix'        
6KFL 'z-form double helix' 
6KFL 'parallel strands'    
6KFL 'hairpin loop'        
# 
loop_
_ndb_struct_na_base_pair.model_number 
_ndb_struct_na_base_pair.i_label_asym_id 
_ndb_struct_na_base_pair.i_label_comp_id 
_ndb_struct_na_base_pair.i_label_seq_id 
_ndb_struct_na_base_pair.i_symmetry 
_ndb_struct_na_base_pair.j_label_asym_id 
_ndb_struct_na_base_pair.j_label_comp_id 
_ndb_struct_na_base_pair.j_label_seq_id 
_ndb_struct_na_base_pair.j_symmetry 
_ndb_struct_na_base_pair.shear 
_ndb_struct_na_base_pair.stretch 
_ndb_struct_na_base_pair.stagger 
_ndb_struct_na_base_pair.buckle 
_ndb_struct_na_base_pair.propeller 
_ndb_struct_na_base_pair.opening 
_ndb_struct_na_base_pair.pair_number 
_ndb_struct_na_base_pair.pair_name 
_ndb_struct_na_base_pair.i_auth_asym_id 
_ndb_struct_na_base_pair.i_auth_seq_id 
_ndb_struct_na_base_pair.i_PDB_ins_code 
_ndb_struct_na_base_pair.j_auth_asym_id 
_ndb_struct_na_base_pair.j_auth_seq_id 
_ndb_struct_na_base_pair.j_PDB_ins_code 
_ndb_struct_na_base_pair.hbond_type_28 
_ndb_struct_na_base_pair.hbond_type_12 
1 A DC 3  1_555 A DC 8  1_555 1.936  1.431  0.098  13.229 6.528  174.979  1 A_DC3:DC8_A   A 3  ? A 8  ? 15 2 
1 A DC 5  1_555 B DC 5  1_555 -1.930 1.719  -0.028 9.759  4.848  -170.972 2 A_DC5:DC5_B   A 5  ? B 5  ? 15 2 
1 A DG 6  1_555 B DG 2  1_555 -1.855 3.373  0.242  -3.115 -3.533 85.523   3 A_DG6:DG2_B   A 6  ? B 2  ? 6  3 
1 B DG 13 1_555 A DG 10 1_555 -1.558 3.526  -0.075 0.330  6.806  91.327   4 B_DG13:DG10_A B 13 ? A 10 ? 6  3 
1 A DG 12 1_555 A DG 9  1_555 1.523  -3.623 -0.014 -0.377 -1.136 -89.930  5 A_DG12:DG9_A  A 12 ? A 9  ? 6  3 
1 A DG 13 1_555 B DG 10 1_555 -1.563 3.473  0.012  -1.322 5.556  91.512   6 A_DG13:DG10_B A 13 ? B 10 ? 6  3 
1 B DG 12 1_555 B DG 9  1_555 1.465  -3.568 -0.024 -2.831 -3.977 -89.331  7 B_DG12:DG9_B  B 12 ? B 9  ? 6  3 
1 B DG 1  1_555 B DG 7  1_555 1.615  -3.425 -0.231 3.524  0.699  -88.758  8 B_DG1:DG7_B   B 1  ? B 7  ? 6  3 
# 
loop_
_ndb_struct_na_base_pair_step.model_number 
_ndb_struct_na_base_pair_step.i_label_asym_id_1 
_ndb_struct_na_base_pair_step.i_label_comp_id_1 
_ndb_struct_na_base_pair_step.i_label_seq_id_1 
_ndb_struct_na_base_pair_step.i_symmetry_1 
_ndb_struct_na_base_pair_step.j_label_asym_id_1 
_ndb_struct_na_base_pair_step.j_label_comp_id_1 
_ndb_struct_na_base_pair_step.j_label_seq_id_1 
_ndb_struct_na_base_pair_step.j_symmetry_1 
_ndb_struct_na_base_pair_step.i_label_asym_id_2 
_ndb_struct_na_base_pair_step.i_label_comp_id_2 
_ndb_struct_na_base_pair_step.i_label_seq_id_2 
_ndb_struct_na_base_pair_step.i_symmetry_2 
_ndb_struct_na_base_pair_step.j_label_asym_id_2 
_ndb_struct_na_base_pair_step.j_label_comp_id_2 
_ndb_struct_na_base_pair_step.j_label_seq_id_2 
_ndb_struct_na_base_pair_step.j_symmetry_2 
_ndb_struct_na_base_pair_step.shift 
_ndb_struct_na_base_pair_step.slide 
_ndb_struct_na_base_pair_step.rise 
_ndb_struct_na_base_pair_step.tilt 
_ndb_struct_na_base_pair_step.roll 
_ndb_struct_na_base_pair_step.twist 
_ndb_struct_na_base_pair_step.x_displacement 
_ndb_struct_na_base_pair_step.y_displacement 
_ndb_struct_na_base_pair_step.helical_rise 
_ndb_struct_na_base_pair_step.inclination 
_ndb_struct_na_base_pair_step.tip 
_ndb_struct_na_base_pair_step.helical_twist 
_ndb_struct_na_base_pair_step.step_number 
_ndb_struct_na_base_pair_step.step_name 
_ndb_struct_na_base_pair_step.i_auth_asym_id_1 
_ndb_struct_na_base_pair_step.i_auth_seq_id_1 
_ndb_struct_na_base_pair_step.i_PDB_ins_code_1 
_ndb_struct_na_base_pair_step.j_auth_asym_id_1 
_ndb_struct_na_base_pair_step.j_auth_seq_id_1 
_ndb_struct_na_base_pair_step.j_PDB_ins_code_1 
_ndb_struct_na_base_pair_step.i_auth_asym_id_2 
_ndb_struct_na_base_pair_step.i_auth_seq_id_2 
_ndb_struct_na_base_pair_step.i_PDB_ins_code_2 
_ndb_struct_na_base_pair_step.j_auth_asym_id_2 
_ndb_struct_na_base_pair_step.j_auth_seq_id_2 
_ndb_struct_na_base_pair_step.j_PDB_ins_code_2 
1 A DC 5  1_555 B DC 5  1_555 A DG 6  1_555 B DG 2 1_555 1.568  2.244  3.146 -4.162 10.714 -119.926 -1.390 0.867 3.052 -6.181 
-2.401 -120.259 1 AA_DC5DG6:DG2DC5_BB    A 5  ? B 5  ? A 6  ? B 2 ? 
1 B DG 13 1_555 A DG 10 1_555 A DG 12 1_555 A DG 9 1_555 0.663  -1.363 3.533 -3.635 0.120  -53.672  1.499  0.486 3.571 -0.132 
-4.021 -53.786  2 BA_DG13DG12:DG9DG10_AA B 13 ? A 10 ? A 12 ? A 9 ? 
1 A DG 13 1_555 B DG 10 1_555 B DG 12 1_555 B DG 9 1_555 0.821  -1.528 3.375 -2.588 0.076  -53.259  1.698  0.745 3.410 -0.085 
-2.885 -53.317  3 AB_DG13DG12:DG9DG10_BB A 13 ? B 10 ? B 12 ? B 9 ? 
1 B DG 12 1_555 B DG 9  1_555 B DG 1  1_555 B DG 7 1_555 -0.448 1.554  3.397 -2.126 1.053  52.647   1.679  0.360 3.439 1.187  
2.396  52.697   4 BB_DG12DG1:DG7DG9_BB   B 12 ? B 9  ? B 1  ? B 7 ? 
# 
_pdbx_audit_support.funding_organization   'National Natural Science Foundation of China' 
_pdbx_audit_support.country                China 
_pdbx_audit_support.grant_number           31672558 
_pdbx_audit_support.ordinal                1 
# 
loop_
_pdbx_entity_instance_feature.ordinal 
_pdbx_entity_instance_feature.comp_id 
_pdbx_entity_instance_feature.asym_id 
_pdbx_entity_instance_feature.seq_num 
_pdbx_entity_instance_feature.auth_comp_id 
_pdbx_entity_instance_feature.auth_asym_id 
_pdbx_entity_instance_feature.auth_seq_num 
_pdbx_entity_instance_feature.feature_type 
_pdbx_entity_instance_feature.details 
1 K   ? ? K   ? ? 'SUBJECT OF INVESTIGATION' ? 
2 NCO ? ? NCO ? ? 'SUBJECT OF INVESTIGATION' ? 
3 POH ? ? POH ? ? 'SUBJECT OF INVESTIGATION' ? 
# 
loop_
_pdbx_entity_nonpoly.entity_id 
_pdbx_entity_nonpoly.name 
_pdbx_entity_nonpoly.comp_id 
2 'POTASSIUM ION'                                                                         K   
3 '(1Z,4Z,9Z,15Z)-5,10,15,20-tetrakis(1-methylpyridin-1-ium-4-yl)-21,23-dihydroporphyrin' POH 
4 'COBALT HEXAMMINE(III)'                                                                 NCO 
5 water                                                                                   HOH 
# 
_pdbx_initial_refinement_model.id               1 
_pdbx_initial_refinement_model.entity_id_list   ? 
_pdbx_initial_refinement_model.type             'experimental model' 
_pdbx_initial_refinement_model.source_name      PDB 
_pdbx_initial_refinement_model.accession_code   6JJF 
_pdbx_initial_refinement_model.details          ? 
# 
_pdbx_struct_assembly_auth_evidence.id                     1 
_pdbx_struct_assembly_auth_evidence.assembly_id            1 
_pdbx_struct_assembly_auth_evidence.experimental_support   'native gel electrophoresis' 
_pdbx_struct_assembly_auth_evidence.details                dimer 
# 
